data_6WYD
#
_entry.id   6WYD
#
_cell.length_a   143.683
_cell.length_b   150.651
_cell.length_c   231.060
_cell.angle_alpha   90.000
_cell.angle_beta   90.000
_cell.angle_gamma   90.000
#
_symmetry.space_group_name_H-M   'C 2 2 21'
#
loop_
_entity.id
_entity.type
_entity.pdbx_description
1 polymer 'Myeloperoxidase light chain'
2 polymer 'Myeloperoxidase heavy chain'
3 non-polymer 'CHLORIDE ION'
4 non-polymer 2-acetamido-2-deoxy-beta-D-glucopyranose
5 non-polymer alpha-L-fucopyranose
6 non-polymer 'HEME C'
7 non-polymer beta-D-mannopyranose
8 non-polymer alpha-D-mannopyranose
9 non-polymer 7-benzyl-1H-[1,2,3]triazolo[4,5-b]pyridin-5-amine
10 non-polymer 'CALCIUM ION'
11 water water
#
loop_
_entity_poly.entity_id
_entity_poly.type
_entity_poly.pdbx_seq_one_letter_code
_entity_poly.pdbx_strand_id
1 'polypeptide(L)'
;CPEQDKYRTITGMCNNRRSPTLGASNRAFVRWLPAEYEDGFSLPYGWTPGVKRNGFPVALARAVSNEIVRFPTDQLTPDQ
ERSLMFMQWGQLLDHDLDFTPEPAA
;
A,D,F,H
2 'polypeptide(L)'
;VNCETSCVQQPPCFPLKIPPNDPRIKNQADCIPFFRSCPACPGSNITIRNQINALTSFVDASMVYGSEEPLARNLRNMSN
QLGLLAVNQRFQDNGRALLPFDNLHDDPCLLTNRSARIPCFLAGDTRSSEMPELTSMHTLLLREHNRLATELKSLNPRWD
GERLYQEARKIVGAMVQIITYRDYLPLVLGPTAMRKYLPTYRSYNDSVDPRIANVFTNAFRYGHTLIQPFMFRLDNRYQP
MEPNPRVPLSRVFFASWRVVLEGGIDPILRGLMATPAKLNRQNQIAVDEIRERLFEQVMRIGLDLPALNMQRSRDHGLPG
YNAWRRFCGLPQPETVGQLGTVLRNLKLARKLMEQYGTPNNIDIWMGGVSEPLKRKGRVGPLLACIIGTQFRKLRDGDRF
WWENEGVFSMQQRQALAQISLPRIICDNTGITTVSKNNIFMSNSYPRDFVNCSTLPALNLASWREAS
;
B,E,G,I
#
# COMPACT_ATOMS: atom_id res chain seq x y z
N CYS A 1 -12.48 33.73 -21.21
CA CYS A 1 -11.33 32.97 -21.70
C CYS A 1 -11.27 32.91 -23.24
N PRO A 2 -10.16 33.34 -23.90
CA PRO A 2 -10.08 33.23 -25.36
C PRO A 2 -9.93 31.78 -25.81
N GLU A 3 -10.87 31.33 -26.67
CA GLU A 3 -10.97 29.98 -27.25
C GLU A 3 -9.64 29.39 -27.76
N GLN A 4 -8.77 30.23 -28.36
CA GLN A 4 -7.49 29.79 -28.89
C GLN A 4 -6.40 30.83 -28.70
N ASP A 5 -5.38 30.51 -27.87
CA ASP A 5 -4.22 31.37 -27.55
C ASP A 5 -2.87 30.71 -27.91
N LYS A 6 -1.86 31.51 -28.29
CA LYS A 6 -0.54 30.94 -28.61
C LYS A 6 0.48 31.15 -27.47
N TYR A 7 0.24 32.19 -26.65
CA TYR A 7 1.11 32.59 -25.54
C TYR A 7 0.35 32.77 -24.24
N ARG A 8 1.10 32.67 -23.13
CA ARG A 8 0.61 32.89 -21.78
C ARG A 8 0.18 34.31 -21.63
N THR A 9 -0.70 34.55 -20.67
CA THR A 9 -1.03 35.92 -20.29
C THR A 9 0.10 36.28 -19.28
N ILE A 10 0.31 37.57 -19.02
CA ILE A 10 1.32 38.03 -18.08
C ILE A 10 0.95 37.64 -16.64
N THR A 11 -0.32 37.68 -16.40
CA THR A 11 -1.02 37.43 -15.18
C THR A 11 -1.16 35.94 -14.81
N GLY A 12 -1.14 35.06 -15.83
CA GLY A 12 -1.36 33.64 -15.59
C GLY A 12 -2.82 33.23 -15.66
N MET A 13 -3.73 34.23 -15.82
CA MET A 13 -5.18 34.04 -16.00
C MET A 13 -5.35 33.29 -17.33
N CYS A 14 -6.27 32.29 -17.39
CA CYS A 14 -6.59 31.46 -18.58
C CYS A 14 -5.67 30.29 -18.80
N ASN A 15 -4.67 30.08 -17.93
CA ASN A 15 -3.81 28.91 -18.10
C ASN A 15 -4.69 27.66 -17.85
N ASN A 16 -5.45 27.65 -16.73
CA ASN A 16 -6.39 26.56 -16.47
C ASN A 16 -7.73 27.05 -17.03
N ARG A 17 -8.23 26.40 -18.08
CA ARG A 17 -9.47 26.91 -18.66
C ARG A 17 -10.74 26.73 -17.80
N ARG A 18 -10.77 25.71 -16.91
CA ARG A 18 -11.92 25.46 -16.03
C ARG A 18 -11.97 26.41 -14.85
N SER A 19 -10.80 26.65 -14.20
CA SER A 19 -10.62 27.55 -13.06
C SER A 19 -9.54 28.58 -13.47
N PRO A 20 -9.92 29.61 -14.25
CA PRO A 20 -8.91 30.52 -14.84
C PRO A 20 -7.99 31.37 -13.96
N THR A 21 -8.28 31.50 -12.66
CA THR A 21 -7.43 32.25 -11.75
C THR A 21 -6.30 31.38 -11.22
N LEU A 22 -6.45 30.05 -11.31
CA LEU A 22 -5.45 29.08 -10.81
C LEU A 22 -4.03 29.34 -11.37
N GLY A 23 -3.11 29.65 -10.47
CA GLY A 23 -1.74 29.97 -10.82
C GLY A 23 -1.60 31.42 -11.24
N ALA A 24 -2.69 32.17 -11.29
CA ALA A 24 -2.66 33.57 -11.71
C ALA A 24 -2.29 34.45 -10.53
N SER A 25 -1.65 35.58 -10.82
CA SER A 25 -1.16 36.54 -9.83
C SER A 25 -2.27 37.20 -9.07
N ASN A 26 -1.95 37.65 -7.84
CA ASN A 26 -2.82 38.37 -6.93
C ASN A 26 -4.02 37.66 -6.47
N ARG A 27 -3.78 36.38 -6.09
CA ARG A 27 -4.80 35.47 -5.57
C ARG A 27 -4.27 34.82 -4.31
N ALA A 28 -5.18 34.22 -3.52
CA ALA A 28 -4.82 33.54 -2.28
C ALA A 28 -3.98 32.30 -2.59
N PHE A 29 -3.15 31.90 -1.65
CA PHE A 29 -2.37 30.68 -1.82
C PHE A 29 -3.36 29.54 -1.61
N VAL A 30 -2.96 28.34 -1.98
CA VAL A 30 -3.75 27.17 -1.72
C VAL A 30 -3.16 26.67 -0.39
N ARG A 31 -3.96 25.99 0.40
CA ARG A 31 -3.47 25.42 1.65
C ARG A 31 -3.52 23.94 1.48
N TRP A 32 -2.45 23.25 1.89
CA TRP A 32 -2.42 21.79 1.87
C TRP A 32 -2.87 21.25 3.24
N LEU A 33 -2.83 22.10 4.27
CA LEU A 33 -3.25 21.77 5.62
C LEU A 33 -4.04 22.93 6.19
N PRO A 34 -5.04 22.69 7.09
CA PRO A 34 -5.77 23.80 7.70
C PRO A 34 -4.84 24.66 8.56
N ALA A 35 -5.04 26.00 8.47
CA ALA A 35 -4.27 26.96 9.23
C ALA A 35 -4.37 26.70 10.74
N GLU A 36 -3.27 26.97 11.45
CA GLU A 36 -3.21 26.81 12.89
C GLU A 36 -2.94 28.18 13.47
N TYR A 37 -4.00 28.80 13.94
CA TYR A 37 -3.97 30.12 14.55
C TYR A 37 -4.42 30.03 16.02
N GLU A 38 -3.93 30.98 16.86
CA GLU A 38 -4.24 31.08 18.30
C GLU A 38 -5.75 31.11 18.53
N ASP A 39 -6.46 32.05 17.85
CA ASP A 39 -7.92 32.19 17.91
C ASP A 39 -8.64 31.20 16.96
N GLY A 40 -7.86 30.55 16.11
CA GLY A 40 -8.39 29.58 15.16
C GLY A 40 -8.54 30.14 13.76
N PHE A 41 -8.70 31.46 13.63
CA PHE A 41 -8.89 32.06 12.33
C PHE A 41 -7.94 33.18 11.87
N SER A 42 -7.29 33.93 12.78
CA SER A 42 -6.41 35.03 12.33
C SER A 42 -5.17 35.29 13.14
N LEU A 43 -5.22 35.10 14.47
CA LEU A 43 -4.08 35.41 15.35
C LEU A 43 -2.97 34.37 15.44
N PRO A 44 -1.73 34.83 15.16
CA PRO A 44 -0.59 33.90 15.15
C PRO A 44 -0.16 33.42 16.51
N TYR A 45 0.35 32.18 16.63
CA TYR A 45 0.86 31.68 17.89
C TYR A 45 2.04 32.57 18.29
N GLY A 46 2.08 32.94 19.57
CA GLY A 46 3.09 33.86 20.07
C GLY A 46 2.62 35.29 20.11
N TRP A 47 1.43 35.57 19.52
CA TRP A 47 0.82 36.92 19.51
C TRP A 47 0.38 37.30 20.93
N THR A 48 -0.01 36.31 21.73
CA THR A 48 -0.50 36.53 23.07
C THR A 48 0.38 35.81 24.10
N PRO A 49 1.00 36.58 25.04
CA PRO A 49 1.86 35.94 26.05
C PRO A 49 1.10 34.98 26.94
N GLY A 50 1.74 33.88 27.26
CA GLY A 50 1.12 32.86 28.09
C GLY A 50 0.27 31.89 27.30
N VAL A 51 -0.16 32.28 26.09
CA VAL A 51 -0.92 31.38 25.22
C VAL A 51 0.03 30.35 24.62
N LYS A 52 -0.22 29.08 24.99
CA LYS A 52 0.51 27.88 24.62
C LYS A 52 -0.02 27.31 23.28
N ARG A 53 0.79 26.45 22.65
CA ARG A 53 0.46 25.70 21.41
C ARG A 53 0.68 24.25 21.78
N ASN A 54 -0.37 23.40 21.65
CA ASN A 54 -0.31 21.96 21.97
C ASN A 54 0.18 21.72 23.41
N GLY A 55 -0.19 22.61 24.34
CA GLY A 55 0.18 22.50 25.76
C GLY A 55 1.61 22.87 26.12
N PHE A 56 2.33 23.52 25.19
CA PHE A 56 3.70 23.97 25.40
C PHE A 56 3.82 25.43 25.02
N PRO A 57 4.55 26.21 25.84
CA PRO A 57 4.75 27.64 25.51
C PRO A 57 5.42 27.87 24.14
N VAL A 58 5.08 29.01 23.51
CA VAL A 58 5.60 29.44 22.22
C VAL A 58 6.99 30.09 22.35
N ALA A 59 8.03 29.44 21.77
CA ALA A 59 9.41 29.94 21.75
C ALA A 59 9.51 31.21 20.93
N LEU A 60 10.41 32.15 21.30
CA LEU A 60 10.59 33.36 20.49
C LEU A 60 11.44 32.96 19.28
N ALA A 61 11.04 33.42 18.10
CA ALA A 61 11.73 33.10 16.85
C ALA A 61 13.20 33.50 16.94
N ARG A 62 13.47 34.68 17.56
CA ARG A 62 14.82 35.21 17.79
C ARG A 62 15.61 34.29 18.72
N ALA A 63 14.95 33.70 19.75
CA ALA A 63 15.56 32.76 20.69
C ALA A 63 15.94 31.45 20.00
N VAL A 64 15.05 30.92 19.11
CA VAL A 64 15.28 29.66 18.37
C VAL A 64 16.46 29.89 17.43
N SER A 65 16.53 31.08 16.87
CA SER A 65 17.61 31.52 15.99
C SER A 65 18.94 31.51 16.78
N ASN A 66 18.96 32.09 17.99
CA ASN A 66 20.13 32.18 18.89
C ASN A 66 20.64 30.81 19.34
N GLU A 67 19.71 29.94 19.75
CA GLU A 67 20.01 28.59 20.26
C GLU A 67 20.29 27.58 19.19
N ILE A 68 19.46 27.52 18.13
CA ILE A 68 19.63 26.52 17.08
C ILE A 68 20.49 26.96 15.92
N VAL A 69 20.16 28.09 15.31
CA VAL A 69 20.78 28.61 14.08
C VAL A 69 22.20 29.21 14.23
N ARG A 70 22.38 30.11 15.20
CA ARG A 70 23.68 30.77 15.46
C ARG A 70 24.89 29.82 15.47
N PHE A 71 25.89 30.17 14.66
CA PHE A 71 27.15 29.46 14.59
C PHE A 71 28.29 30.45 14.18
N PRO A 72 29.56 30.20 14.54
CA PRO A 72 30.60 31.18 14.19
C PRO A 72 31.03 31.08 12.73
N THR A 73 31.00 32.23 12.01
CA THR A 73 31.36 32.36 10.60
C THR A 73 32.56 31.51 10.17
N ASP A 74 33.61 31.44 11.01
CA ASP A 74 34.87 30.69 10.80
C ASP A 74 34.64 29.20 10.55
N GLN A 75 33.59 28.65 11.15
CA GLN A 75 33.26 27.22 11.03
C GLN A 75 32.64 26.79 9.69
N LEU A 76 32.16 27.76 8.89
CA LEU A 76 31.53 27.56 7.59
C LEU A 76 32.15 26.42 6.79
N THR A 77 31.34 25.49 6.30
CA THR A 77 31.87 24.41 5.46
C THR A 77 31.48 24.74 4.03
N PRO A 78 32.45 24.88 3.10
CA PRO A 78 32.07 25.11 1.71
C PRO A 78 31.62 23.76 1.15
N ASP A 79 30.53 23.74 0.35
CA ASP A 79 30.01 22.50 -0.25
C ASP A 79 30.91 22.13 -1.42
N GLN A 80 31.58 20.96 -1.34
CA GLN A 80 32.49 20.52 -2.42
C GLN A 80 31.71 20.12 -3.67
N GLU A 81 30.39 19.93 -3.52
CA GLU A 81 29.53 19.51 -4.59
C GLU A 81 28.59 20.55 -5.18
N ARG A 82 28.57 21.80 -4.66
CA ARG A 82 27.68 22.85 -5.18
C ARG A 82 28.33 24.22 -5.39
N SER A 83 27.90 24.96 -6.43
CA SER A 83 28.40 26.32 -6.66
C SER A 83 27.50 27.35 -5.97
N LEU A 84 27.91 28.63 -5.87
CA LEU A 84 27.04 29.66 -5.28
C LEU A 84 25.90 30.00 -6.29
N MET A 85 26.07 29.55 -7.54
CA MET A 85 25.10 29.65 -8.63
C MET A 85 23.90 28.76 -8.24
N PHE A 86 24.17 27.61 -7.57
CA PHE A 86 23.11 26.73 -7.05
C PHE A 86 22.20 27.47 -6.05
N MET A 87 22.79 28.33 -5.19
CA MET A 87 22.06 29.12 -4.22
C MET A 87 21.28 30.18 -5.00
N GLN A 88 22.00 30.93 -5.83
CA GLN A 88 21.47 32.02 -6.63
C GLN A 88 20.31 31.64 -7.55
N TRP A 89 20.35 30.44 -8.17
CA TRP A 89 19.27 29.96 -9.04
C TRP A 89 18.01 29.76 -8.22
N GLY A 90 18.18 29.25 -7.00
CA GLY A 90 17.12 29.05 -6.02
C GLY A 90 16.37 30.33 -5.72
N GLN A 91 17.08 31.42 -5.50
CA GLN A 91 16.42 32.69 -5.21
C GLN A 91 15.70 33.25 -6.43
N LEU A 92 16.38 33.31 -7.59
CA LEU A 92 15.79 33.79 -8.85
C LEU A 92 14.56 32.95 -9.20
N LEU A 93 14.65 31.59 -9.03
CA LEU A 93 13.55 30.65 -9.25
C LEU A 93 12.39 31.00 -8.30
N ASP A 94 12.66 31.12 -6.99
CA ASP A 94 11.67 31.53 -5.97
C ASP A 94 10.92 32.78 -6.38
N HIS A 95 11.61 33.70 -7.03
CA HIS A 95 11.11 35.00 -7.46
C HIS A 95 10.24 34.92 -8.72
N ASP A 96 10.16 33.72 -9.33
CA ASP A 96 9.30 33.42 -10.46
C ASP A 96 8.00 32.79 -9.94
N LEU A 97 8.03 32.23 -8.70
CA LEU A 97 6.89 31.50 -8.11
C LEU A 97 6.05 32.27 -7.10
N ASP A 98 6.70 32.84 -6.05
CA ASP A 98 5.97 33.53 -5.00
C ASP A 98 6.57 34.81 -4.44
N PHE A 99 5.71 35.78 -4.16
CA PHE A 99 5.98 37.02 -3.42
C PHE A 99 4.77 37.28 -2.56
N THR A 100 4.92 37.18 -1.22
CA THR A 100 3.83 37.43 -0.27
C THR A 100 3.82 38.92 0.11
N PRO A 101 2.92 39.74 -0.46
CA PRO A 101 2.92 41.16 -0.10
C PRO A 101 2.64 41.42 1.38
N GLU A 102 3.12 42.58 1.86
CA GLU A 102 2.92 43.08 3.22
C GLU A 102 2.44 44.54 3.10
N PRO A 103 1.88 45.21 4.14
CA PRO A 103 1.37 46.59 3.94
C PRO A 103 2.47 47.64 3.77
N VAL B 1 1.60 50.70 15.35
CA VAL B 1 1.04 51.43 14.22
C VAL B 1 2.02 51.49 13.04
N ASN B 2 3.21 52.13 13.23
CA ASN B 2 4.27 52.18 12.20
C ASN B 2 5.19 51.02 12.53
N CYS B 3 5.20 49.99 11.68
CA CYS B 3 5.93 48.75 11.93
C CYS B 3 7.44 48.89 11.84
N GLU B 4 7.93 49.80 10.97
CA GLU B 4 9.37 49.98 10.81
C GLU B 4 10.05 50.67 12.00
N THR B 5 9.26 51.34 12.87
CA THR B 5 9.81 52.08 14.02
C THR B 5 9.36 51.63 15.41
N SER B 6 8.08 51.23 15.58
CA SER B 6 7.50 50.84 16.88
C SER B 6 7.68 49.39 17.28
N CYS B 7 7.53 49.10 18.60
CA CYS B 7 7.61 47.75 19.17
C CYS B 7 6.26 47.30 19.69
N VAL B 8 5.27 48.16 19.49
CA VAL B 8 3.87 47.93 19.81
C VAL B 8 3.30 46.85 18.89
N GLN B 9 2.75 45.75 19.48
CA GLN B 9 2.10 44.69 18.72
C GLN B 9 0.66 45.11 18.48
N GLN B 10 0.45 45.82 17.37
CA GLN B 10 -0.86 46.32 16.97
C GLN B 10 -1.00 46.11 15.46
N PRO B 11 -2.09 45.43 15.02
CA PRO B 11 -2.28 45.15 13.58
C PRO B 11 -1.88 46.30 12.65
N PRO B 12 -1.02 46.09 11.61
CA PRO B 12 -0.45 44.83 11.13
C PRO B 12 0.88 44.40 11.73
N CYS B 13 1.30 45.02 12.85
CA CYS B 13 2.58 44.67 13.48
C CYS B 13 2.50 43.38 14.25
N PHE B 14 3.58 42.59 14.18
CA PHE B 14 3.79 41.34 14.88
C PHE B 14 5.30 41.31 15.18
N PRO B 15 5.81 42.31 15.96
CA PRO B 15 7.27 42.39 16.20
C PRO B 15 7.87 41.19 16.89
N LEU B 16 9.07 40.85 16.44
CA LEU B 16 9.82 39.75 17.00
C LEU B 16 10.44 40.25 18.30
N LYS B 17 9.87 39.81 19.42
CA LYS B 17 10.33 40.14 20.76
C LYS B 17 11.76 39.60 20.99
N ILE B 18 12.56 40.29 21.83
CA ILE B 18 13.96 39.94 22.12
C ILE B 18 14.12 39.07 23.41
N PRO B 19 14.83 37.93 23.35
CA PRO B 19 14.94 37.08 24.55
C PRO B 19 16.06 37.51 25.52
N PRO B 20 16.15 36.89 26.74
CA PRO B 20 17.27 37.23 27.64
C PRO B 20 18.61 36.79 27.07
N ASN B 21 19.69 37.55 27.38
CA ASN B 21 21.06 37.31 26.94
C ASN B 21 21.22 37.22 25.42
N ASP B 22 20.48 38.08 24.67
CA ASP B 22 20.59 38.12 23.22
C ASP B 22 22.02 38.53 22.85
N PRO B 23 22.69 37.81 21.92
CA PRO B 23 24.08 38.14 21.61
C PRO B 23 24.32 39.44 20.87
N ARG B 24 23.24 40.18 20.50
CA ARG B 24 23.30 41.43 19.74
C ARG B 24 22.41 42.57 20.29
N ILE B 25 21.15 42.27 20.66
CA ILE B 25 20.20 43.27 21.16
C ILE B 25 20.00 43.16 22.68
N LYS B 26 20.71 44.02 23.45
CA LYS B 26 20.64 44.03 24.92
C LYS B 26 19.32 44.58 25.50
N ASN B 27 18.68 45.53 24.81
CA ASN B 27 17.40 46.07 25.26
C ASN B 27 16.21 45.14 24.85
N GLN B 28 15.65 44.39 25.82
CA GLN B 28 14.49 43.49 25.62
C GLN B 28 13.20 44.30 25.36
N ALA B 29 13.29 45.63 25.47
CA ALA B 29 12.20 46.56 25.17
C ALA B 29 12.21 46.91 23.66
N ASP B 30 13.31 46.51 22.96
CA ASP B 30 13.48 46.67 21.51
C ASP B 30 12.78 45.47 20.82
N CYS B 31 12.90 45.37 19.49
CA CYS B 31 12.30 44.29 18.69
C CYS B 31 12.87 44.32 17.31
N ILE B 32 12.81 43.15 16.64
CA ILE B 32 13.11 43.02 15.22
C ILE B 32 11.75 43.28 14.57
N PRO B 33 11.65 44.29 13.68
CA PRO B 33 10.35 44.60 13.07
C PRO B 33 9.80 43.49 12.17
N PHE B 34 8.48 43.49 12.02
CA PHE B 34 7.75 42.51 11.22
C PHE B 34 6.33 43.00 10.95
N PHE B 35 5.99 43.07 9.65
CA PHE B 35 4.65 43.40 9.15
C PHE B 35 4.03 42.04 8.76
N ARG B 36 2.82 41.76 9.24
CA ARG B 36 2.08 40.55 8.87
C ARG B 36 1.72 40.70 7.41
N SER B 37 1.76 39.59 6.65
CA SER B 37 1.39 39.53 5.24
C SER B 37 -0.06 39.88 5.07
N CYS B 38 -0.38 40.64 4.03
CA CYS B 38 -1.72 41.08 3.69
C CYS B 38 -2.71 39.92 3.72
N PRO B 39 -3.85 40.03 4.43
CA PRO B 39 -4.83 38.94 4.41
C PRO B 39 -5.56 38.85 3.06
N ALA B 40 -5.91 37.61 2.61
CA ALA B 40 -6.67 37.38 1.38
C ALA B 40 -8.05 38.06 1.58
N CYS B 41 -8.64 37.83 2.74
CA CYS B 41 -9.89 38.46 3.10
C CYS B 41 -9.71 39.49 4.27
N PRO B 42 -9.58 40.80 3.95
CA PRO B 42 -9.33 41.79 5.02
C PRO B 42 -10.40 41.97 6.09
N GLY B 43 -9.98 41.74 7.33
CA GLY B 43 -10.79 41.92 8.53
C GLY B 43 -11.93 40.96 8.81
N SER B 44 -11.96 39.78 8.11
CA SER B 44 -13.01 38.79 8.29
C SER B 44 -12.95 38.03 9.61
N ASN B 45 -14.11 37.94 10.27
CA ASN B 45 -14.31 37.18 11.50
C ASN B 45 -14.82 35.77 11.14
N ILE B 46 -15.13 35.53 9.83
CA ILE B 46 -15.66 34.28 9.28
C ILE B 46 -14.50 33.37 8.83
N THR B 47 -14.11 33.52 7.57
CA THR B 47 -13.09 32.81 6.80
C THR B 47 -11.67 32.80 7.47
N ILE B 48 -10.96 31.66 7.38
CA ILE B 48 -9.62 31.49 7.97
C ILE B 48 -8.59 32.29 7.18
N ARG B 49 -7.76 33.08 7.91
CA ARG B 49 -6.72 33.93 7.33
C ARG B 49 -5.75 33.18 6.42
N ASN B 50 -5.65 33.67 5.18
CA ASN B 50 -4.74 33.18 4.18
C ASN B 50 -4.10 34.39 3.56
N GLN B 51 -2.96 34.19 2.92
CA GLN B 51 -2.16 35.23 2.31
C GLN B 51 -2.27 35.19 0.81
N ILE B 52 -1.71 36.20 0.12
CA ILE B 52 -1.81 36.37 -1.32
C ILE B 52 -0.44 36.13 -2.00
N ASN B 53 -0.46 35.71 -3.27
CA ASN B 53 0.72 35.54 -4.12
C ASN B 53 0.61 36.62 -5.17
N ALA B 54 1.54 37.58 -5.16
CA ALA B 54 1.55 38.70 -6.12
C ALA B 54 2.01 38.21 -7.50
N LEU B 55 2.52 36.95 -7.56
CA LEU B 55 3.09 36.37 -8.78
C LEU B 55 2.31 35.21 -9.41
N THR B 56 2.65 34.90 -10.67
CA THR B 56 2.14 33.73 -11.40
C THR B 56 2.93 32.57 -10.79
N SER B 57 2.26 31.50 -10.43
CA SER B 57 2.92 30.37 -9.80
C SER B 57 3.77 29.62 -10.80
N PHE B 58 3.45 29.73 -12.11
CA PHE B 58 4.14 29.02 -13.18
C PHE B 58 5.58 29.46 -13.33
N VAL B 59 6.40 28.52 -13.77
CA VAL B 59 7.81 28.72 -14.07
C VAL B 59 7.72 29.31 -15.49
N ASP B 60 7.31 30.58 -15.56
CA ASP B 60 7.03 31.31 -16.81
C ASP B 60 7.92 32.50 -16.98
N ALA B 61 9.00 32.56 -16.19
CA ALA B 61 9.95 33.68 -16.16
C ALA B 61 9.25 35.04 -15.89
N SER B 62 8.24 35.04 -14.99
CA SER B 62 7.56 36.30 -14.64
C SER B 62 8.51 37.24 -13.89
N MET B 63 9.69 36.73 -13.42
CA MET B 63 10.69 37.55 -12.74
C MET B 63 11.36 38.52 -13.76
N VAL B 64 11.34 38.13 -15.05
CA VAL B 64 11.83 38.91 -16.18
C VAL B 64 10.69 39.83 -16.74
N TYR B 65 9.46 39.29 -16.94
CA TYR B 65 8.34 39.96 -17.62
C TYR B 65 7.25 40.65 -16.82
N GLY B 66 7.12 40.35 -15.54
CA GLY B 66 6.05 40.91 -14.73
C GLY B 66 4.89 39.96 -14.65
N SER B 67 4.12 40.09 -13.55
CA SER B 67 2.94 39.27 -13.24
C SER B 67 1.66 40.12 -13.32
N GLU B 68 1.80 41.45 -13.50
CA GLU B 68 0.71 42.42 -13.64
C GLU B 68 0.92 43.17 -14.95
N GLU B 69 -0.16 43.30 -15.76
CA GLU B 69 -0.16 43.91 -17.09
C GLU B 69 0.51 45.31 -17.25
N PRO B 70 0.22 46.34 -16.41
CA PRO B 70 0.97 47.62 -16.54
C PRO B 70 2.50 47.51 -16.39
N LEU B 71 2.99 46.66 -15.45
CA LEU B 71 4.43 46.45 -15.23
C LEU B 71 5.06 45.83 -16.45
N ALA B 72 4.44 44.78 -17.00
CA ALA B 72 4.88 44.03 -18.18
C ALA B 72 5.04 44.95 -19.38
N ARG B 73 4.07 45.86 -19.55
CA ARG B 73 3.98 46.87 -20.58
C ARG B 73 5.19 47.80 -20.47
N ASN B 74 5.45 48.34 -19.25
CA ASN B 74 6.54 49.26 -18.90
C ASN B 74 7.95 48.66 -19.02
N LEU B 75 8.08 47.32 -18.82
CA LEU B 75 9.37 46.63 -18.93
C LEU B 75 9.79 46.46 -20.39
N ARG B 76 8.87 46.76 -21.33
CA ARG B 76 9.08 46.62 -22.77
C ARG B 76 9.54 47.89 -23.45
N ASN B 77 10.33 47.70 -24.51
CA ASN B 77 10.85 48.76 -25.37
C ASN B 77 9.78 49.04 -26.44
N MET B 78 8.99 50.10 -26.19
CA MET B 78 7.84 50.58 -26.98
C MET B 78 8.22 51.64 -28.04
N SER B 79 9.53 51.87 -28.24
CA SER B 79 10.10 52.85 -29.18
C SER B 79 10.17 52.31 -30.62
N ASN B 80 9.95 50.99 -30.82
CA ASN B 80 10.09 50.28 -32.10
C ASN B 80 9.36 48.92 -32.18
N GLN B 81 9.55 48.20 -33.30
CA GLN B 81 8.91 46.91 -33.57
C GLN B 81 9.92 45.77 -33.47
N LEU B 82 10.87 45.91 -32.52
CA LEU B 82 11.90 44.90 -32.30
C LEU B 82 11.56 43.90 -31.17
N GLY B 83 10.52 44.18 -30.39
CA GLY B 83 10.06 43.31 -29.30
C GLY B 83 11.12 43.07 -28.26
N LEU B 84 11.77 44.16 -27.84
CA LEU B 84 12.85 44.15 -26.87
C LEU B 84 12.36 44.55 -25.50
N LEU B 85 13.15 44.24 -24.47
CA LEU B 85 12.83 44.67 -23.11
C LEU B 85 13.61 45.96 -22.87
N ALA B 86 12.99 46.92 -22.18
CA ALA B 86 13.61 48.20 -21.85
C ALA B 86 14.92 47.99 -21.07
N VAL B 87 15.97 48.70 -21.50
CA VAL B 87 17.31 48.62 -20.92
C VAL B 87 17.66 49.99 -20.34
N ASN B 88 18.59 50.02 -19.36
CA ASN B 88 19.02 51.27 -18.73
C ASN B 88 19.56 52.20 -19.79
N GLN B 89 19.06 53.43 -19.78
CA GLN B 89 19.46 54.45 -20.74
C GLN B 89 20.68 55.27 -20.24
N ARG B 90 20.83 55.43 -18.90
CA ARG B 90 21.92 56.16 -18.23
C ARG B 90 23.24 55.38 -18.21
N PHE B 91 23.18 54.03 -18.11
CA PHE B 91 24.38 53.19 -18.00
C PHE B 91 24.40 51.92 -18.87
N GLN B 92 25.62 51.32 -19.03
CA GLN B 92 25.90 50.05 -19.73
C GLN B 92 27.02 49.30 -18.97
N ASP B 93 27.22 48.01 -19.28
CA ASP B 93 28.26 47.16 -18.67
C ASP B 93 29.10 46.63 -19.82
N ASN B 94 30.17 47.37 -20.16
CA ASN B 94 31.08 47.08 -21.28
C ASN B 94 30.29 46.95 -22.58
N GLY B 95 29.51 47.99 -22.88
CA GLY B 95 28.67 48.10 -24.07
C GLY B 95 27.51 47.13 -24.13
N ARG B 96 27.19 46.50 -22.96
CA ARG B 96 26.13 45.52 -22.78
C ARG B 96 25.06 46.11 -21.85
N ALA B 97 23.82 45.62 -21.97
CA ALA B 97 22.70 46.14 -21.20
C ALA B 97 22.70 45.87 -19.71
N LEU B 98 22.09 46.82 -18.98
CA LEU B 98 21.79 46.76 -17.57
C LEU B 98 20.25 46.97 -17.46
N LEU B 99 19.62 46.55 -16.35
CA LEU B 99 18.17 46.72 -16.16
C LEU B 99 17.87 48.20 -16.04
N PRO B 100 16.67 48.70 -16.43
CA PRO B 100 16.41 50.14 -16.24
C PRO B 100 16.11 50.44 -14.77
N PHE B 101 16.22 51.71 -14.34
CA PHE B 101 15.93 52.03 -12.95
C PHE B 101 14.44 52.14 -12.68
N ASP B 102 14.07 52.02 -11.41
CA ASP B 102 12.72 52.13 -10.91
C ASP B 102 12.56 53.49 -10.23
N ASN B 103 11.35 54.05 -10.22
CA ASN B 103 11.09 55.31 -9.54
C ASN B 103 10.33 55.07 -8.22
N LEU B 104 11.07 54.62 -7.19
CA LEU B 104 10.55 54.35 -5.84
C LEU B 104 10.42 55.63 -5.01
N HIS B 105 9.44 55.65 -4.07
CA HIS B 105 9.20 56.77 -3.15
C HIS B 105 10.38 56.78 -2.19
N ASP B 106 10.42 55.82 -1.25
CA ASP B 106 11.55 55.63 -0.34
C ASP B 106 12.38 54.49 -0.98
N ASP B 107 13.45 54.87 -1.71
CA ASP B 107 14.33 53.93 -2.43
C ASP B 107 15.49 53.39 -1.56
N PRO B 108 15.51 52.07 -1.22
CA PRO B 108 16.58 51.55 -0.36
C PRO B 108 17.97 51.44 -1.01
N CYS B 109 18.05 51.44 -2.35
CA CYS B 109 19.32 51.37 -3.08
C CYS B 109 20.14 52.65 -2.96
N LEU B 110 19.44 53.78 -3.03
CA LEU B 110 20.06 55.09 -2.90
C LEU B 110 20.66 55.23 -1.50
N LEU B 111 20.01 54.65 -0.46
CA LEU B 111 20.45 54.63 0.93
C LEU B 111 21.78 53.89 1.17
N THR B 112 22.23 53.08 0.20
CA THR B 112 23.47 52.30 0.34
C THR B 112 24.69 53.11 -0.05
N ASN B 113 24.46 54.29 -0.68
CA ASN B 113 25.49 55.20 -1.16
C ASN B 113 24.87 56.49 -1.67
N ARG B 114 25.10 57.61 -0.96
CA ARG B 114 24.59 58.93 -1.34
C ARG B 114 25.30 59.44 -2.60
N SER B 115 26.66 59.40 -2.61
CA SER B 115 27.53 59.85 -3.70
C SER B 115 27.16 59.27 -5.07
N ALA B 116 27.06 57.92 -5.14
CA ALA B 116 26.76 57.14 -6.34
C ALA B 116 25.45 57.47 -7.01
N ARG B 117 24.37 57.69 -6.22
CA ARG B 117 23.01 58.02 -6.68
C ARG B 117 22.37 56.95 -7.62
N ILE B 118 22.73 55.64 -7.44
CA ILE B 118 22.22 54.51 -8.23
C ILE B 118 20.95 53.92 -7.57
N PRO B 119 19.74 54.13 -8.17
CA PRO B 119 18.52 53.59 -7.53
C PRO B 119 18.27 52.12 -7.86
N CYS B 120 17.18 51.55 -7.31
CA CYS B 120 16.79 50.16 -7.58
C CYS B 120 16.49 49.94 -9.07
N PHE B 121 16.83 48.74 -9.57
CA PHE B 121 16.51 48.37 -10.93
C PHE B 121 15.03 47.93 -11.03
N LEU B 122 14.44 48.11 -12.22
CA LEU B 122 13.10 47.69 -12.56
C LEU B 122 13.26 46.37 -13.28
N ALA B 123 12.49 45.37 -12.85
CA ALA B 123 12.43 44.01 -13.40
C ALA B 123 11.01 43.46 -13.14
N GLY B 124 10.72 42.23 -13.61
CA GLY B 124 9.44 41.57 -13.39
C GLY B 124 9.11 41.41 -11.93
N ASP B 125 10.09 41.00 -11.12
CA ASP B 125 9.91 40.90 -9.67
C ASP B 125 10.61 42.14 -9.03
N THR B 126 10.02 42.69 -7.93
CA THR B 126 10.49 43.87 -7.20
C THR B 126 11.72 43.68 -6.30
N ARG B 127 12.18 42.43 -6.13
CA ARG B 127 13.32 42.12 -5.27
C ARG B 127 14.63 42.01 -6.01
N SER B 128 14.66 42.35 -7.33
CA SER B 128 15.80 42.28 -8.24
C SER B 128 17.11 42.94 -7.74
N SER B 129 17.00 44.02 -6.95
CA SER B 129 18.14 44.78 -6.43
C SER B 129 18.58 44.32 -5.04
N GLU B 130 17.85 43.32 -4.46
CA GLU B 130 18.10 42.74 -3.15
C GLU B 130 19.56 42.41 -2.90
N MET B 131 20.24 41.90 -3.91
CA MET B 131 21.66 41.57 -3.86
C MET B 131 22.23 41.58 -5.29
N PRO B 132 23.47 42.08 -5.51
CA PRO B 132 24.02 42.16 -6.88
C PRO B 132 24.12 40.84 -7.65
N GLU B 133 24.13 39.69 -6.95
CA GLU B 133 24.20 38.36 -7.57
C GLU B 133 22.85 38.02 -8.21
N LEU B 134 21.73 38.37 -7.53
CA LEU B 134 20.37 38.18 -8.04
C LEU B 134 20.17 39.13 -9.20
N THR B 135 20.70 40.37 -9.06
CA THR B 135 20.67 41.43 -10.08
C THR B 135 21.43 40.96 -11.33
N SER B 136 22.53 40.20 -11.15
CA SER B 136 23.29 39.65 -12.27
C SER B 136 22.47 38.66 -13.06
N MET B 137 21.67 37.83 -12.36
CA MET B 137 20.84 36.81 -13.02
C MET B 137 19.69 37.47 -13.75
N HIS B 138 19.10 38.54 -13.16
CA HIS B 138 18.02 39.30 -13.80
C HIS B 138 18.51 39.99 -15.06
N THR B 139 19.75 40.54 -15.02
CA THR B 139 20.43 41.18 -16.16
C THR B 139 20.79 40.12 -17.20
N LEU B 140 21.24 38.95 -16.74
CA LEU B 140 21.59 37.87 -17.66
C LEU B 140 20.43 37.55 -18.57
N LEU B 141 19.23 37.39 -17.96
CA LEU B 141 17.97 37.08 -18.60
C LEU B 141 17.35 38.21 -19.41
N LEU B 142 17.53 39.49 -18.98
CA LEU B 142 17.08 40.65 -19.76
C LEU B 142 17.87 40.66 -21.11
N ARG B 143 19.16 40.28 -21.09
CA ARG B 143 19.98 40.17 -22.30
C ARG B 143 19.60 38.98 -23.18
N GLU B 144 19.24 37.82 -22.60
CA GLU B 144 18.84 36.67 -23.42
C GLU B 144 17.56 36.91 -24.26
N HIS B 145 16.56 37.62 -23.71
CA HIS B 145 15.34 37.95 -24.45
C HIS B 145 15.65 38.84 -25.66
N ASN B 146 16.50 39.86 -25.46
CA ASN B 146 16.88 40.83 -26.49
C ASN B 146 17.74 40.17 -27.56
N ARG B 147 18.63 39.25 -27.16
CA ARG B 147 19.47 38.49 -28.08
C ARG B 147 18.61 37.57 -28.95
N LEU B 148 17.60 36.88 -28.35
CA LEU B 148 16.66 36.02 -29.08
C LEU B 148 15.70 36.84 -29.98
N ALA B 149 15.25 38.04 -29.53
CA ALA B 149 14.37 38.90 -30.33
C ALA B 149 15.14 39.61 -31.49
N THR B 150 16.48 39.46 -31.48
CA THR B 150 17.37 39.97 -32.53
C THR B 150 17.59 38.84 -33.56
N GLU B 151 17.89 37.60 -33.10
CA GLU B 151 18.07 36.42 -33.96
C GLU B 151 16.78 36.09 -34.71
N LEU B 152 15.61 36.26 -34.05
CA LEU B 152 14.29 35.99 -34.64
C LEU B 152 13.87 37.07 -35.62
N LYS B 153 14.38 38.31 -35.45
CA LYS B 153 14.07 39.41 -36.35
C LYS B 153 14.87 39.20 -37.63
N SER B 154 16.14 38.76 -37.52
CA SER B 154 16.99 38.47 -38.66
C SER B 154 16.54 37.18 -39.39
N LEU B 155 15.75 36.35 -38.71
CA LEU B 155 15.23 35.11 -39.27
C LEU B 155 13.87 35.32 -39.91
N ASN B 156 13.00 36.10 -39.24
CA ASN B 156 11.66 36.44 -39.72
C ASN B 156 11.55 37.97 -39.69
N PRO B 157 12.00 38.67 -40.76
CA PRO B 157 11.94 40.14 -40.75
C PRO B 157 10.55 40.73 -40.93
N ARG B 158 9.57 39.87 -41.29
CA ARG B 158 8.16 40.26 -41.47
C ARG B 158 7.43 40.32 -40.12
N TRP B 159 8.04 39.77 -39.04
CA TRP B 159 7.49 39.76 -37.68
C TRP B 159 7.52 41.14 -37.05
N ASP B 160 6.48 41.43 -36.27
CA ASP B 160 6.34 42.69 -35.55
C ASP B 160 6.79 42.55 -34.08
N GLY B 161 6.64 43.65 -33.33
CA GLY B 161 6.99 43.77 -31.93
C GLY B 161 6.37 42.76 -30.99
N GLU B 162 5.02 42.62 -31.04
CA GLU B 162 4.26 41.68 -30.21
C GLU B 162 4.70 40.25 -30.44
N ARG B 163 4.83 39.85 -31.69
CA ARG B 163 5.24 38.49 -32.06
C ARG B 163 6.61 38.13 -31.51
N LEU B 164 7.63 38.96 -31.84
CA LEU B 164 9.03 38.82 -31.45
C LEU B 164 9.18 38.72 -29.95
N TYR B 165 8.51 39.61 -29.20
CA TYR B 165 8.48 39.64 -27.73
C TYR B 165 7.86 38.37 -27.17
N GLN B 166 6.67 37.99 -27.65
CA GLN B 166 5.96 36.79 -27.20
C GLN B 166 6.72 35.53 -27.53
N GLU B 167 7.40 35.50 -28.69
CA GLU B 167 8.18 34.34 -29.12
C GLU B 167 9.49 34.21 -28.32
N ALA B 168 10.12 35.36 -27.96
CA ALA B 168 11.35 35.40 -27.17
C ALA B 168 11.04 35.04 -25.69
N ARG B 169 9.96 35.62 -25.13
CA ARG B 169 9.44 35.41 -23.78
C ARG B 169 9.21 33.92 -23.51
N LYS B 170 8.60 33.25 -24.49
CA LYS B 170 8.30 31.83 -24.57
C LYS B 170 9.57 30.98 -24.47
N ILE B 171 10.68 31.40 -25.09
CA ILE B 171 11.97 30.67 -25.09
C ILE B 171 12.68 30.82 -23.73
N VAL B 172 12.66 32.06 -23.20
CA VAL B 172 13.24 32.36 -21.88
C VAL B 172 12.50 31.53 -20.82
N GLY B 173 11.16 31.57 -20.86
CA GLY B 173 10.27 30.80 -20.01
C GLY B 173 10.59 29.32 -20.05
N ALA B 174 10.90 28.78 -21.26
CA ALA B 174 11.29 27.37 -21.42
C ALA B 174 12.69 27.10 -20.87
N MET B 175 13.63 28.06 -20.99
CA MET B 175 15.00 27.89 -20.52
C MET B 175 14.97 27.76 -19.02
N VAL B 176 14.23 28.68 -18.35
CA VAL B 176 13.97 28.69 -16.90
C VAL B 176 13.46 27.31 -16.47
N GLN B 177 12.45 26.74 -17.17
CA GLN B 177 11.88 25.42 -16.88
C GLN B 177 12.88 24.28 -17.06
N ILE B 178 13.71 24.34 -18.13
CA ILE B 178 14.69 23.28 -18.42
C ILE B 178 15.79 23.25 -17.35
N ILE B 179 16.45 24.40 -17.12
CA ILE B 179 17.49 24.51 -16.10
C ILE B 179 16.95 24.01 -14.77
N THR B 180 15.76 24.49 -14.36
CA THR B 180 15.13 24.11 -13.09
C THR B 180 14.92 22.61 -12.94
N TYR B 181 14.21 22.00 -13.90
CA TYR B 181 13.86 20.59 -13.84
C TYR B 181 14.94 19.60 -14.27
N ARG B 182 15.79 19.97 -15.24
CA ARG B 182 16.85 19.07 -15.69
C ARG B 182 18.11 19.18 -14.84
N ASP B 183 18.49 20.44 -14.42
CA ASP B 183 19.72 20.73 -13.68
C ASP B 183 19.58 21.07 -12.20
N TYR B 184 18.68 22.01 -11.85
CA TYR B 184 18.51 22.47 -10.48
C TYR B 184 17.90 21.43 -9.53
N LEU B 185 16.58 21.11 -9.70
CA LEU B 185 15.83 20.19 -8.86
C LEU B 185 16.47 18.86 -8.54
N PRO B 186 17.09 18.13 -9.50
CA PRO B 186 17.72 16.85 -9.15
C PRO B 186 18.78 16.97 -8.08
N LEU B 187 19.40 18.16 -7.98
CA LEU B 187 20.50 18.47 -7.06
C LEU B 187 20.01 19.02 -5.72
N VAL B 188 18.75 19.43 -5.68
CA VAL B 188 18.08 19.89 -4.47
C VAL B 188 17.53 18.64 -3.79
N LEU B 189 16.74 17.86 -4.55
CA LEU B 189 16.03 16.68 -4.08
C LEU B 189 16.85 15.43 -3.89
N GLY B 190 17.73 15.18 -4.86
CA GLY B 190 18.51 13.96 -4.91
C GLY B 190 17.84 13.03 -5.90
N PRO B 191 18.52 11.93 -6.31
CA PRO B 191 17.91 11.02 -7.31
C PRO B 191 16.60 10.33 -6.92
N THR B 192 16.52 9.77 -5.71
CA THR B 192 15.31 9.07 -5.23
C THR B 192 14.05 9.97 -5.17
N ALA B 193 14.19 11.15 -4.50
CA ALA B 193 13.09 12.12 -4.38
C ALA B 193 12.69 12.66 -5.72
N MET B 194 13.65 12.69 -6.69
CA MET B 194 13.43 13.13 -8.07
C MET B 194 12.51 12.13 -8.81
N ARG B 195 12.74 10.80 -8.67
CA ARG B 195 11.89 9.74 -9.28
C ARG B 195 10.51 9.74 -8.63
N LYS B 196 10.47 9.78 -7.28
CA LYS B 196 9.27 9.78 -6.46
C LYS B 196 8.36 10.95 -6.76
N TYR B 197 8.91 12.18 -6.69
CA TYR B 197 8.10 13.36 -6.88
C TYR B 197 8.00 13.85 -8.27
N LEU B 198 9.04 13.63 -9.08
CA LEU B 198 8.99 14.10 -10.47
C LEU B 198 9.20 12.97 -11.49
N PRO B 199 8.29 11.97 -11.55
CA PRO B 199 8.46 10.92 -12.57
C PRO B 199 8.37 11.56 -13.96
N THR B 200 8.82 10.86 -15.01
CA THR B 200 8.82 11.33 -16.38
C THR B 200 7.52 12.01 -16.73
N TYR B 201 7.61 13.16 -17.39
CA TYR B 201 6.48 13.93 -17.83
C TYR B 201 5.63 13.12 -18.82
N ARG B 202 4.30 13.09 -18.57
CA ARG B 202 3.40 12.40 -19.44
C ARG B 202 2.81 13.44 -20.38
N SER B 203 1.90 14.27 -19.87
CA SER B 203 1.28 15.35 -20.62
C SER B 203 0.61 16.38 -19.64
N TYR B 204 0.02 17.48 -20.19
CA TYR B 204 -0.70 18.47 -19.40
C TYR B 204 -1.98 17.84 -18.84
N ASN B 205 -2.23 18.10 -17.54
CA ASN B 205 -3.38 17.63 -16.81
C ASN B 205 -4.08 18.84 -16.20
N ASP B 206 -5.28 19.18 -16.73
CA ASP B 206 -6.04 20.35 -16.28
C ASP B 206 -6.74 20.20 -14.91
N SER B 207 -6.48 19.07 -14.20
CA SER B 207 -7.06 18.76 -12.89
C SER B 207 -6.00 18.93 -11.82
N VAL B 208 -4.76 19.19 -12.25
CA VAL B 208 -3.66 19.42 -11.35
C VAL B 208 -3.65 20.89 -11.02
N ASP B 209 -3.88 21.22 -9.75
CA ASP B 209 -3.88 22.59 -9.24
C ASP B 209 -2.41 23.12 -9.24
N PRO B 210 -2.16 24.13 -10.12
CA PRO B 210 -0.81 24.71 -10.21
C PRO B 210 -0.50 25.80 -9.17
N ARG B 211 -1.44 26.17 -8.27
CA ARG B 211 -1.17 27.22 -7.26
C ARG B 211 0.00 26.94 -6.30
N ILE B 212 0.71 28.00 -5.87
CA ILE B 212 1.75 27.84 -4.85
C ILE B 212 1.00 27.63 -3.51
N ALA B 213 1.41 26.64 -2.72
CA ALA B 213 0.84 26.38 -1.41
C ALA B 213 1.57 27.24 -0.40
N ASN B 214 0.82 27.73 0.61
CA ASN B 214 1.33 28.57 1.68
C ASN B 214 2.62 27.99 2.28
N VAL B 215 2.64 26.69 2.68
CA VAL B 215 3.83 26.01 3.22
C VAL B 215 5.09 26.17 2.35
N PHE B 216 4.94 26.10 1.01
CA PHE B 216 6.07 26.17 0.09
C PHE B 216 6.84 27.50 0.23
N THR B 217 6.14 28.59 0.53
CA THR B 217 6.74 29.92 0.67
C THR B 217 7.69 29.95 1.81
N ASN B 218 7.57 28.96 2.72
CA ASN B 218 8.43 28.82 3.88
C ASN B 218 9.45 27.72 3.69
N ALA B 219 8.99 26.53 3.22
CA ALA B 219 9.82 25.36 2.93
C ALA B 219 10.91 25.70 1.93
N PHE B 220 10.54 26.49 0.87
CA PHE B 220 11.53 26.87 -0.16
C PHE B 220 12.61 27.84 0.33
N ARG B 221 12.45 28.38 1.56
CA ARG B 221 13.45 29.25 2.20
C ARG B 221 14.63 28.45 2.71
N TYR B 222 14.72 27.13 2.37
CA TYR B 222 15.82 26.22 2.75
C TYR B 222 17.14 26.79 2.21
N GLY B 223 17.04 27.54 1.11
CA GLY B 223 18.16 28.16 0.40
C GLY B 223 18.92 29.17 1.24
N HIS B 224 18.26 29.74 2.27
CA HIS B 224 18.89 30.67 3.20
C HIS B 224 20.09 29.96 3.94
N THR B 225 20.10 28.61 3.92
CA THR B 225 21.17 27.80 4.52
C THR B 225 22.34 27.53 3.53
N LEU B 226 22.26 28.08 2.34
CA LEU B 226 23.25 27.88 1.27
C LEU B 226 24.01 29.18 1.05
N ILE B 227 23.53 30.24 1.69
CA ILE B 227 24.07 31.59 1.60
C ILE B 227 25.44 31.70 2.25
N GLN B 228 26.39 32.31 1.51
CA GLN B 228 27.77 32.59 1.89
C GLN B 228 27.84 33.99 2.48
N PRO B 229 28.66 34.21 3.54
CA PRO B 229 28.76 35.55 4.16
C PRO B 229 29.32 36.68 3.30
N PHE B 230 29.81 36.39 2.08
CA PHE B 230 30.34 37.42 1.18
C PHE B 230 29.84 37.29 -0.23
N MET B 231 29.96 38.40 -0.99
CA MET B 231 29.77 38.44 -2.43
C MET B 231 31.22 38.39 -2.99
N PHE B 232 31.49 37.40 -3.83
CA PHE B 232 32.78 37.15 -4.44
C PHE B 232 32.80 37.64 -5.85
N ARG B 233 33.87 38.38 -6.23
CA ARG B 233 34.10 38.87 -7.59
C ARG B 233 35.44 38.36 -8.06
N LEU B 234 35.46 37.81 -9.28
CA LEU B 234 36.67 37.25 -9.88
C LEU B 234 36.84 37.79 -11.30
N ASP B 235 38.09 38.10 -11.70
CA ASP B 235 38.43 38.59 -13.04
C ASP B 235 38.38 37.42 -14.04
N ASN B 236 38.71 37.67 -15.34
CA ASN B 236 38.70 36.67 -16.42
C ASN B 236 39.56 35.43 -16.17
N ARG B 237 40.56 35.54 -15.25
CA ARG B 237 41.46 34.46 -14.86
C ARG B 237 40.90 33.65 -13.66
N TYR B 238 39.71 34.04 -13.14
CA TYR B 238 39.03 33.45 -11.99
C TYR B 238 39.80 33.62 -10.69
N GLN B 239 40.60 34.67 -10.62
CA GLN B 239 41.39 35.05 -9.47
C GLN B 239 40.66 36.24 -8.83
N PRO B 240 40.76 36.45 -7.49
CA PRO B 240 40.03 37.57 -6.87
C PRO B 240 40.21 38.89 -7.57
N MET B 241 39.10 39.64 -7.69
CA MET B 241 39.12 40.96 -8.31
C MET B 241 39.18 42.01 -7.21
N GLU B 242 40.43 42.45 -6.89
CA GLU B 242 40.74 43.47 -5.89
C GLU B 242 40.56 44.86 -6.55
N PRO B 243 40.13 45.91 -5.79
CA PRO B 243 39.81 45.93 -4.35
C PRO B 243 38.42 45.33 -4.04
N ASN B 244 38.21 44.93 -2.78
CA ASN B 244 37.00 44.30 -2.23
C ASN B 244 36.55 43.03 -3.04
N PRO B 245 37.41 41.98 -3.15
CA PRO B 245 36.99 40.78 -3.88
C PRO B 245 35.94 39.96 -3.11
N ARG B 246 36.03 39.94 -1.76
CA ARG B 246 35.08 39.28 -0.85
C ARG B 246 34.38 40.37 -0.04
N VAL B 247 33.35 41.01 -0.61
CA VAL B 247 32.60 42.04 0.13
C VAL B 247 31.47 41.44 1.01
N PRO B 248 31.52 41.63 2.36
CA PRO B 248 30.48 41.03 3.23
C PRO B 248 29.07 41.36 2.75
N LEU B 249 28.17 40.41 2.94
CA LEU B 249 26.81 40.49 2.49
C LEU B 249 26.03 41.68 3.01
N SER B 250 26.16 42.00 4.30
CA SER B 250 25.48 43.11 4.95
C SER B 250 25.86 44.50 4.41
N ARG B 251 26.74 44.52 3.39
CA ARG B 251 27.18 45.74 2.74
C ARG B 251 26.74 45.77 1.26
N VAL B 252 26.23 44.64 0.73
CA VAL B 252 25.77 44.43 -0.67
C VAL B 252 24.22 44.53 -0.89
N PHE B 253 23.41 44.37 0.19
CA PHE B 253 21.95 44.40 0.10
C PHE B 253 21.46 45.75 -0.42
N PHE B 254 20.77 45.74 -1.56
CA PHE B 254 20.28 46.92 -2.29
C PHE B 254 21.43 47.79 -2.86
N ALA B 255 22.63 47.20 -2.98
CA ALA B 255 23.78 47.94 -3.48
C ALA B 255 23.91 47.84 -4.99
N SER B 256 22.86 48.31 -5.70
CA SER B 256 22.74 48.37 -7.16
C SER B 256 23.91 49.16 -7.78
N TRP B 257 24.55 50.05 -6.97
CA TRP B 257 25.73 50.83 -7.37
C TRP B 257 26.93 49.93 -7.69
N ARG B 258 27.10 48.83 -6.92
CA ARG B 258 28.16 47.84 -7.12
C ARG B 258 28.09 47.17 -8.49
N VAL B 259 26.89 47.11 -9.10
CA VAL B 259 26.69 46.50 -10.42
C VAL B 259 27.10 47.55 -11.46
N VAL B 260 26.45 48.73 -11.43
CA VAL B 260 26.67 49.88 -12.33
C VAL B 260 28.14 50.38 -12.32
N LEU B 261 28.73 50.60 -11.11
CA LEU B 261 30.08 51.13 -10.92
C LEU B 261 31.22 50.15 -10.63
N GLU B 262 31.02 49.13 -9.75
CA GLU B 262 32.09 48.19 -9.37
C GLU B 262 32.45 47.01 -10.29
N GLY B 263 32.16 47.12 -11.58
CA GLY B 263 32.54 46.10 -12.58
C GLY B 263 31.47 45.37 -13.37
N GLY B 264 30.20 45.73 -13.21
CA GLY B 264 29.13 45.04 -13.92
C GLY B 264 28.84 43.65 -13.38
N ILE B 265 28.12 42.85 -14.19
CA ILE B 265 27.68 41.49 -13.83
C ILE B 265 28.70 40.36 -13.98
N ASP B 266 29.69 40.50 -14.90
CA ASP B 266 30.70 39.46 -15.15
C ASP B 266 31.54 39.04 -13.91
N PRO B 267 32.14 39.96 -13.10
CA PRO B 267 32.89 39.51 -11.90
C PRO B 267 32.00 38.81 -10.88
N ILE B 268 30.69 39.12 -10.92
CA ILE B 268 29.69 38.51 -10.04
C ILE B 268 29.36 37.06 -10.50
N LEU B 269 29.13 36.87 -11.80
CA LEU B 269 28.80 35.54 -12.35
C LEU B 269 29.90 34.51 -12.18
N ARG B 270 31.17 34.94 -12.42
CA ARG B 270 32.38 34.13 -12.29
C ARG B 270 32.48 33.70 -10.84
N GLY B 271 32.17 34.63 -9.93
CA GLY B 271 32.11 34.41 -8.49
C GLY B 271 31.11 33.32 -8.15
N LEU B 272 29.87 33.40 -8.71
CA LEU B 272 28.79 32.40 -8.50
C LEU B 272 29.20 31.02 -8.99
N MET B 273 29.82 30.97 -10.18
CA MET B 273 30.30 29.77 -10.85
C MET B 273 31.44 29.06 -10.13
N ALA B 274 32.50 29.81 -9.76
CA ALA B 274 33.74 29.30 -9.13
C ALA B 274 33.82 29.36 -7.62
N THR B 275 32.72 29.70 -6.93
CA THR B 275 32.77 29.70 -5.46
C THR B 275 31.81 28.61 -4.98
N PRO B 276 32.24 27.75 -4.02
CA PRO B 276 31.31 26.76 -3.48
C PRO B 276 30.23 27.43 -2.64
N ALA B 277 29.01 26.87 -2.68
CA ALA B 277 27.89 27.33 -1.88
C ALA B 277 28.21 26.92 -0.45
N LYS B 278 27.53 27.51 0.57
CA LYS B 278 27.74 27.08 1.96
C LYS B 278 27.01 25.72 2.11
N LEU B 279 27.58 24.78 2.87
CA LEU B 279 26.92 23.50 3.09
C LEU B 279 26.09 23.54 4.38
N ASN B 280 24.80 23.18 4.31
CA ASN B 280 23.94 23.11 5.48
C ASN B 280 24.37 21.93 6.36
N ARG B 281 24.75 22.25 7.60
CA ARG B 281 25.15 21.26 8.60
C ARG B 281 24.37 21.58 9.85
N GLN B 282 24.03 20.57 10.63
CA GLN B 282 23.22 20.72 11.84
C GLN B 282 23.67 21.77 12.84
N ASN B 283 25.00 21.97 12.99
CA ASN B 283 25.61 22.95 13.91
C ASN B 283 26.11 24.20 13.13
N GLN B 284 25.80 24.27 11.82
CA GLN B 284 26.18 25.31 10.88
C GLN B 284 25.03 25.61 9.90
N ILE B 285 23.83 25.89 10.45
CA ILE B 285 22.61 26.15 9.68
C ILE B 285 22.64 27.41 8.80
N ALA B 286 22.74 28.61 9.41
CA ALA B 286 22.72 29.86 8.64
C ALA B 286 23.63 30.94 9.21
N VAL B 287 24.36 31.67 8.31
CA VAL B 287 25.36 32.71 8.61
C VAL B 287 24.83 34.01 9.20
N ASP B 288 25.66 34.65 10.08
CA ASP B 288 25.32 35.89 10.78
C ASP B 288 25.12 37.09 9.89
N GLU B 289 25.54 37.00 8.61
CA GLU B 289 25.32 38.06 7.64
C GLU B 289 23.83 38.21 7.37
N ILE B 290 23.07 37.11 7.59
CA ILE B 290 21.62 37.11 7.44
C ILE B 290 20.90 37.01 8.77
N ARG B 291 21.50 36.29 9.74
CA ARG B 291 20.96 36.07 11.10
C ARG B 291 21.16 37.27 12.04
N GLU B 292 22.00 38.25 11.66
CA GLU B 292 22.29 39.37 12.55
C GLU B 292 22.28 40.69 11.84
N ARG B 293 22.84 40.70 10.63
CA ARG B 293 23.07 41.90 9.86
C ARG B 293 22.26 42.02 8.58
N LEU B 294 21.12 41.28 8.47
CA LEU B 294 20.24 41.38 7.29
C LEU B 294 19.61 42.78 7.19
N PHE B 295 19.90 43.44 6.07
CA PHE B 295 19.49 44.81 5.71
C PHE B 295 19.99 45.89 6.70
N GLU B 296 21.02 45.55 7.49
CA GLU B 296 21.70 46.37 8.50
C GLU B 296 21.86 47.84 8.08
N GLN B 297 22.37 48.08 6.84
CA GLN B 297 22.61 49.41 6.26
C GLN B 297 21.38 50.30 6.24
N VAL B 298 20.26 49.74 5.74
CA VAL B 298 18.99 50.41 5.43
C VAL B 298 17.88 50.38 6.48
N MET B 299 18.05 49.62 7.58
CA MET B 299 17.04 49.50 8.63
C MET B 299 17.54 50.17 9.91
N ARG B 300 16.66 50.28 10.92
CA ARG B 300 16.97 50.83 12.24
C ARG B 300 17.70 49.80 13.11
N ILE B 301 17.64 48.52 12.70
CA ILE B 301 18.26 47.37 13.37
C ILE B 301 18.52 46.25 12.31
N GLY B 302 19.50 45.41 12.57
CA GLY B 302 19.77 44.28 11.70
C GLY B 302 18.65 43.26 11.84
N LEU B 303 18.23 42.65 10.73
CA LEU B 303 17.15 41.66 10.82
C LEU B 303 17.76 40.29 10.93
N ASP B 304 16.97 39.34 11.40
CA ASP B 304 17.40 37.95 11.56
C ASP B 304 16.58 37.11 10.58
N LEU B 305 17.15 36.72 9.43
CA LEU B 305 16.43 35.92 8.43
C LEU B 305 15.82 34.58 8.98
N PRO B 306 16.63 33.65 9.56
CA PRO B 306 16.03 32.44 10.15
C PRO B 306 14.85 32.72 11.06
N ALA B 307 14.95 33.77 11.94
CA ALA B 307 13.88 34.16 12.85
C ALA B 307 12.68 34.78 12.10
N LEU B 308 12.95 35.57 11.05
CA LEU B 308 11.88 36.16 10.24
C LEU B 308 11.03 35.05 9.59
N ASN B 309 11.70 33.97 9.12
CA ASN B 309 11.11 32.79 8.48
C ASN B 309 10.20 32.08 9.45
N MET B 310 10.58 32.02 10.74
CA MET B 310 9.78 31.37 11.79
C MET B 310 8.59 32.24 12.22
N GLN B 311 8.74 33.57 12.19
CA GLN B 311 7.66 34.48 12.53
C GLN B 311 6.65 34.48 11.40
N ARG B 312 7.14 34.44 10.14
CA ARG B 312 6.33 34.38 8.91
C ARG B 312 5.47 33.12 8.88
N SER B 313 6.03 31.96 9.28
CA SER B 313 5.26 30.72 9.28
C SER B 313 4.13 30.76 10.33
N ARG B 314 4.40 31.40 11.49
CA ARG B 314 3.39 31.58 12.53
C ARG B 314 2.28 32.55 12.03
N ASP B 315 2.67 33.64 11.39
CA ASP B 315 1.75 34.62 10.80
C ASP B 315 0.85 33.96 9.71
N HIS B 316 1.43 32.98 8.96
CA HIS B 316 0.75 32.23 7.89
C HIS B 316 -0.04 31.01 8.42
N GLY B 317 -0.08 30.84 9.74
CA GLY B 317 -0.82 29.78 10.42
C GLY B 317 -0.42 28.39 10.01
N LEU B 318 0.83 28.22 9.67
CA LEU B 318 1.34 26.95 9.20
C LEU B 318 1.45 25.95 10.32
N PRO B 319 0.88 24.74 10.16
CA PRO B 319 1.05 23.72 11.18
C PRO B 319 2.52 23.41 11.45
N GLY B 320 2.79 22.79 12.58
CA GLY B 320 4.15 22.43 12.98
C GLY B 320 4.73 21.26 12.22
N TYR B 321 5.98 20.98 12.51
CA TYR B 321 6.78 19.93 11.92
C TYR B 321 6.08 18.55 11.74
N ASN B 322 5.55 17.97 12.82
CA ASN B 322 4.89 16.67 12.79
C ASN B 322 3.64 16.60 11.89
N ALA B 323 2.86 17.70 11.78
CA ALA B 323 1.66 17.74 10.93
C ALA B 323 2.06 17.65 9.43
N TRP B 324 3.21 18.28 9.07
CA TRP B 324 3.80 18.27 7.75
C TRP B 324 4.45 16.94 7.43
N ARG B 325 5.06 16.28 8.45
CA ARG B 325 5.65 14.94 8.25
C ARG B 325 4.51 13.97 7.98
N ARG B 326 3.38 14.14 8.69
CA ARG B 326 2.21 13.27 8.57
C ARG B 326 1.63 13.46 7.17
N PHE B 327 1.48 14.72 6.74
CA PHE B 327 1.06 15.10 5.42
C PHE B 327 1.95 14.42 4.35
N CYS B 328 3.23 14.21 4.65
CA CYS B 328 4.21 13.59 3.76
C CYS B 328 4.24 12.09 3.85
N GLY B 329 3.52 11.53 4.81
CA GLY B 329 3.48 10.09 5.05
C GLY B 329 4.77 9.62 5.71
N LEU B 330 5.41 10.51 6.49
CA LEU B 330 6.66 10.26 7.21
C LEU B 330 6.40 10.07 8.73
N PRO B 331 7.13 9.18 9.43
CA PRO B 331 6.89 9.01 10.88
C PRO B 331 7.08 10.31 11.65
N GLN B 332 6.21 10.56 12.64
CA GLN B 332 6.22 11.79 13.43
C GLN B 332 6.87 11.50 14.78
N PRO B 333 8.08 12.04 15.07
CA PRO B 333 8.69 11.77 16.39
C PRO B 333 7.90 12.48 17.52
N GLU B 334 7.62 11.75 18.61
CA GLU B 334 6.89 12.25 19.77
C GLU B 334 7.84 12.63 20.89
N THR B 335 8.84 11.78 21.15
CA THR B 335 9.84 11.98 22.20
C THR B 335 11.13 12.63 21.70
N VAL B 336 12.01 13.01 22.65
CA VAL B 336 13.34 13.59 22.40
C VAL B 336 14.24 12.57 21.67
N GLY B 337 14.17 11.30 22.09
CA GLY B 337 14.88 10.19 21.50
C GLY B 337 14.43 9.91 20.08
N GLN B 338 13.10 9.92 19.86
CA GLN B 338 12.52 9.72 18.53
C GLN B 338 12.93 10.86 17.58
N LEU B 339 12.98 12.12 18.08
CA LEU B 339 13.44 13.24 17.25
C LEU B 339 14.91 13.08 16.95
N GLY B 340 15.66 12.56 17.94
CA GLY B 340 17.08 12.25 17.79
C GLY B 340 17.34 11.35 16.61
N THR B 341 16.60 10.21 16.53
CA THR B 341 16.66 9.20 15.46
C THR B 341 16.39 9.84 14.07
N VAL B 342 15.30 10.62 13.93
CA VAL B 342 14.95 11.33 12.69
C VAL B 342 16.11 12.27 12.32
N LEU B 343 16.63 12.99 13.30
CA LEU B 343 17.73 13.95 13.08
C LEU B 343 19.12 13.30 12.99
N ARG B 344 19.28 11.99 13.37
CA ARG B 344 20.57 11.26 13.48
C ARG B 344 21.51 12.04 14.43
N ASN B 345 20.91 12.82 15.37
CA ASN B 345 21.61 13.75 16.23
C ASN B 345 20.76 14.07 17.47
N LEU B 346 21.13 13.45 18.61
CA LEU B 346 20.43 13.66 19.87
C LEU B 346 20.71 15.05 20.50
N LYS B 347 21.90 15.65 20.25
CA LYS B 347 22.23 16.99 20.77
C LYS B 347 21.27 18.04 20.21
N LEU B 348 21.09 18.06 18.86
CA LEU B 348 20.15 18.95 18.18
C LEU B 348 18.72 18.65 18.64
N ALA B 349 18.35 17.35 18.75
CA ALA B 349 17.04 16.95 19.22
C ALA B 349 16.75 17.54 20.60
N ARG B 350 17.72 17.41 21.57
CA ARG B 350 17.60 17.98 22.93
C ARG B 350 17.39 19.49 22.88
N LYS B 351 18.17 20.22 22.03
CA LYS B 351 18.04 21.68 21.89
C LYS B 351 16.65 22.06 21.37
N LEU B 352 16.23 21.45 20.22
CA LEU B 352 14.90 21.69 19.63
C LEU B 352 13.77 21.47 20.64
N MET B 353 13.90 20.41 21.47
CA MET B 353 12.95 20.08 22.53
C MET B 353 12.90 21.16 23.61
N GLU B 354 14.08 21.70 23.99
CA GLU B 354 14.15 22.76 25.00
C GLU B 354 13.37 24.00 24.53
N GLN B 355 13.53 24.35 23.23
CA GLN B 355 12.88 25.49 22.58
C GLN B 355 11.38 25.30 22.34
N TYR B 356 10.99 24.13 21.80
CA TYR B 356 9.61 23.84 21.40
C TYR B 356 8.72 23.00 22.35
N GLY B 357 9.36 22.19 23.21
CA GLY B 357 8.68 21.31 24.17
C GLY B 357 8.17 20.02 23.54
N THR B 358 7.72 20.12 22.29
CA THR B 358 7.21 19.00 21.49
C THR B 358 7.64 19.14 19.99
N PRO B 359 7.93 18.01 19.29
CA PRO B 359 8.24 18.11 17.85
C PRO B 359 7.02 18.53 17.03
N ASN B 360 5.83 18.63 17.68
CA ASN B 360 4.57 19.08 17.10
C ASN B 360 4.58 20.58 16.89
N ASN B 361 5.39 21.32 17.68
CA ASN B 361 5.46 22.79 17.62
C ASN B 361 6.64 23.33 16.82
N ILE B 362 7.63 22.48 16.48
CA ILE B 362 8.79 22.92 15.71
C ILE B 362 8.30 23.58 14.43
N ASP B 363 8.69 24.84 14.21
CA ASP B 363 8.34 25.59 13.00
C ASP B 363 8.82 24.88 11.73
N ILE B 364 7.99 24.90 10.68
CA ILE B 364 8.28 24.26 9.40
C ILE B 364 9.71 24.45 8.89
N TRP B 365 10.18 25.70 8.65
CA TRP B 365 11.54 25.98 8.18
C TRP B 365 12.61 25.36 9.08
N MET B 366 12.48 25.55 10.42
CA MET B 366 13.39 25.05 11.44
C MET B 366 13.53 23.55 11.42
N GLY B 367 12.44 22.83 11.46
CA GLY B 367 12.46 21.38 11.44
C GLY B 367 12.86 20.80 10.10
N GLY B 368 12.57 21.54 9.04
CA GLY B 368 12.92 21.15 7.68
C GLY B 368 14.41 21.29 7.41
N VAL B 369 15.01 22.46 7.77
CA VAL B 369 16.44 22.69 7.59
C VAL B 369 17.36 21.88 8.54
N SER B 370 16.78 21.31 9.63
CA SER B 370 17.46 20.49 10.67
C SER B 370 17.64 19.03 10.27
N GLU B 371 16.81 18.51 9.33
CA GLU B 371 16.85 17.11 8.91
C GLU B 371 18.10 16.77 8.12
N PRO B 372 18.73 15.59 8.35
CA PRO B 372 19.89 15.22 7.53
C PRO B 372 19.53 15.19 6.04
N LEU B 373 20.46 15.68 5.23
CA LEU B 373 20.36 15.82 3.78
C LEU B 373 20.25 14.43 3.12
N LYS B 374 19.33 14.32 2.14
CA LYS B 374 19.12 13.13 1.32
C LYS B 374 20.39 12.97 0.50
N ARG B 375 20.75 11.73 0.16
CA ARG B 375 21.93 11.44 -0.65
C ARG B 375 21.89 12.25 -1.96
N LYS B 376 22.99 12.95 -2.32
CA LYS B 376 23.12 13.72 -3.58
C LYS B 376 22.03 14.83 -3.72
N GLY B 377 21.53 15.29 -2.59
CA GLY B 377 20.49 16.32 -2.50
C GLY B 377 20.86 17.28 -1.38
N ARG B 378 20.17 18.43 -1.32
CA ARG B 378 20.47 19.46 -0.34
C ARG B 378 19.34 19.78 0.62
N VAL B 379 18.41 18.82 0.78
CA VAL B 379 17.26 18.87 1.69
C VAL B 379 17.05 17.49 2.31
N GLY B 380 16.36 17.45 3.45
CA GLY B 380 15.98 16.22 4.14
C GLY B 380 14.64 15.71 3.63
N PRO B 381 14.10 14.59 4.13
CA PRO B 381 12.85 14.05 3.57
C PRO B 381 11.60 14.95 3.54
N LEU B 382 11.40 15.77 4.57
CA LEU B 382 10.24 16.66 4.67
C LEU B 382 10.21 17.74 3.61
N LEU B 383 11.34 18.45 3.42
CA LEU B 383 11.45 19.52 2.42
C LEU B 383 11.42 18.95 1.02
N ALA B 384 12.04 17.75 0.83
CA ALA B 384 12.04 17.02 -0.45
C ALA B 384 10.62 16.72 -0.87
N CYS B 385 9.75 16.38 0.09
CA CYS B 385 8.33 16.14 -0.15
C CYS B 385 7.61 17.40 -0.57
N ILE B 386 7.68 18.45 0.25
CA ILE B 386 7.05 19.73 -0.02
C ILE B 386 7.58 20.34 -1.31
N ILE B 387 8.93 20.37 -1.51
CA ILE B 387 9.54 20.92 -2.73
C ILE B 387 9.11 20.12 -3.96
N GLY B 388 9.35 18.81 -3.94
CA GLY B 388 8.98 17.89 -5.00
C GLY B 388 7.51 17.92 -5.42
N THR B 389 6.59 17.86 -4.42
CA THR B 389 5.14 17.92 -4.65
C THR B 389 4.75 19.23 -5.36
N GLN B 390 5.27 20.37 -4.89
CA GLN B 390 4.99 21.68 -5.46
C GLN B 390 5.49 21.78 -6.91
N PHE B 391 6.71 21.31 -7.18
CA PHE B 391 7.25 21.37 -8.55
C PHE B 391 6.55 20.49 -9.56
N ARG B 392 6.06 19.31 -9.13
CA ARG B 392 5.30 18.41 -9.99
C ARG B 392 3.99 19.09 -10.37
N LYS B 393 3.39 19.83 -9.43
CA LYS B 393 2.15 20.59 -9.68
C LYS B 393 2.31 21.70 -10.68
N LEU B 394 3.44 22.42 -10.61
CA LEU B 394 3.76 23.52 -11.51
C LEU B 394 4.11 23.00 -12.88
N ARG B 395 4.50 21.71 -12.98
CA ARG B 395 4.88 21.05 -14.20
C ARG B 395 3.65 20.38 -14.84
N ASP B 396 3.07 19.36 -14.15
CA ASP B 396 1.86 18.65 -14.61
C ASP B 396 0.61 19.53 -14.82
N GLY B 397 0.55 20.68 -14.14
CA GLY B 397 -0.55 21.63 -14.22
C GLY B 397 -0.30 22.92 -14.97
N ASP B 398 0.77 22.95 -15.81
CA ASP B 398 1.09 24.07 -16.67
C ASP B 398 0.69 23.71 -18.12
N ARG B 399 -0.31 24.42 -18.67
CA ARG B 399 -0.77 24.19 -20.03
C ARG B 399 0.34 24.58 -21.03
N PHE B 400 1.18 25.57 -20.63
CA PHE B 400 2.29 26.12 -21.38
C PHE B 400 3.67 25.52 -21.03
N TRP B 401 3.67 24.34 -20.41
CA TRP B 401 4.90 23.60 -20.07
C TRP B 401 5.55 23.26 -21.41
N TRP B 402 6.86 23.55 -21.55
CA TRP B 402 7.64 23.39 -22.77
C TRP B 402 7.43 22.07 -23.54
N GLU B 403 7.25 20.96 -22.80
CA GLU B 403 7.03 19.63 -23.37
C GLU B 403 5.57 19.36 -23.76
N ASN B 404 4.65 20.29 -23.44
CA ASN B 404 3.25 20.07 -23.76
C ASN B 404 3.01 20.21 -25.24
N GLU B 405 2.21 19.28 -25.81
CA GLU B 405 1.93 19.29 -27.24
C GLU B 405 1.19 20.56 -27.63
N GLY B 406 1.67 21.18 -28.71
CA GLY B 406 1.16 22.45 -29.21
C GLY B 406 1.92 23.67 -28.71
N VAL B 407 2.84 23.50 -27.73
CA VAL B 407 3.60 24.62 -27.18
C VAL B 407 4.76 24.90 -28.14
N PHE B 408 5.60 23.91 -28.38
CA PHE B 408 6.70 24.00 -29.32
C PHE B 408 6.61 22.80 -30.23
N SER B 409 7.06 22.94 -31.48
CA SER B 409 7.12 21.82 -32.41
C SER B 409 8.18 20.82 -31.90
N MET B 410 8.13 19.56 -32.38
CA MET B 410 9.11 18.51 -32.04
C MET B 410 10.54 19.00 -32.33
N GLN B 411 10.66 19.85 -33.37
CA GLN B 411 11.91 20.44 -33.86
C GLN B 411 12.39 21.53 -32.89
N GLN B 412 11.47 22.42 -32.46
CA GLN B 412 11.73 23.48 -31.49
C GLN B 412 12.17 22.87 -30.16
N ARG B 413 11.55 21.73 -29.73
CA ARG B 413 11.89 21.04 -28.48
C ARG B 413 13.26 20.34 -28.48
N GLN B 414 13.68 19.77 -29.64
CA GLN B 414 14.97 19.09 -29.80
C GLN B 414 16.12 20.14 -29.73
N ALA B 415 15.81 21.35 -30.21
CA ALA B 415 16.65 22.53 -30.19
C ALA B 415 16.78 23.09 -28.77
N LEU B 416 15.64 23.12 -28.02
CA LEU B 416 15.54 23.62 -26.64
C LEU B 416 16.21 22.71 -25.67
N ALA B 417 16.25 21.41 -25.98
CA ALA B 417 16.90 20.40 -25.16
C ALA B 417 18.39 20.68 -25.03
N GLN B 418 18.94 21.46 -25.99
CA GLN B 418 20.37 21.79 -26.06
C GLN B 418 20.83 22.94 -25.17
N ILE B 419 19.87 23.65 -24.55
CA ILE B 419 20.15 24.81 -23.71
C ILE B 419 20.87 24.52 -22.39
N SER B 420 21.56 25.53 -21.86
CA SER B 420 22.27 25.42 -20.59
C SER B 420 22.52 26.79 -20.03
N LEU B 421 22.68 26.87 -18.69
CA LEU B 421 23.01 28.14 -18.07
C LEU B 421 24.46 28.58 -18.46
N PRO B 422 25.49 27.68 -18.50
CA PRO B 422 26.82 28.13 -18.98
C PRO B 422 26.79 28.82 -20.36
N ARG B 423 25.98 28.32 -21.30
CA ARG B 423 25.81 28.90 -22.63
C ARG B 423 25.14 30.28 -22.63
N ILE B 424 24.11 30.49 -21.79
CA ILE B 424 23.42 31.78 -21.67
C ILE B 424 24.42 32.83 -21.19
N ILE B 425 25.37 32.41 -20.31
CA ILE B 425 26.41 33.29 -19.79
C ILE B 425 27.35 33.74 -20.94
N CYS B 426 27.82 32.78 -21.76
CA CYS B 426 28.66 32.97 -22.94
C CYS B 426 28.10 33.97 -23.90
N ASP B 427 26.82 33.77 -24.24
CA ASP B 427 26.07 34.54 -25.23
C ASP B 427 25.74 35.98 -24.85
N ASN B 428 25.81 36.32 -23.55
CA ASN B 428 25.38 37.64 -23.07
C ASN B 428 26.36 38.40 -22.15
N THR B 429 27.55 37.86 -21.95
CA THR B 429 28.59 38.51 -21.14
C THR B 429 29.91 38.44 -21.92
N GLY B 430 30.98 38.95 -21.30
CA GLY B 430 32.31 38.87 -21.86
C GLY B 430 33.05 37.64 -21.36
N ILE B 431 32.33 36.77 -20.58
CA ILE B 431 32.88 35.54 -20.01
C ILE B 431 33.08 34.50 -21.12
N THR B 432 34.30 33.93 -21.15
CA THR B 432 34.79 32.99 -22.18
C THR B 432 35.04 31.59 -21.66
N THR B 433 35.14 31.47 -20.34
CA THR B 433 35.36 30.20 -19.66
C THR B 433 34.21 30.04 -18.71
N VAL B 434 33.40 29.01 -18.93
CA VAL B 434 32.21 28.75 -18.11
C VAL B 434 32.32 27.40 -17.43
N SER B 435 31.36 27.11 -16.53
CA SER B 435 31.28 25.84 -15.81
C SER B 435 30.98 24.70 -16.76
N LYS B 436 31.56 23.53 -16.48
CA LYS B 436 31.24 22.29 -17.15
C LYS B 436 29.86 21.94 -16.55
N ASN B 437 28.97 21.32 -17.36
CA ASN B 437 27.65 20.89 -16.91
C ASN B 437 27.90 19.75 -15.93
N ASN B 438 27.21 19.72 -14.76
CA ASN B 438 26.15 20.63 -14.30
C ASN B 438 26.73 21.88 -13.66
N ILE B 439 26.26 23.05 -14.12
CA ILE B 439 26.64 24.36 -13.57
C ILE B 439 26.47 24.44 -12.03
N PHE B 440 25.49 23.68 -11.46
CA PHE B 440 25.22 23.70 -10.03
C PHE B 440 26.17 22.85 -9.22
N MET B 441 26.80 21.85 -9.83
CA MET B 441 27.78 21.00 -9.17
C MET B 441 29.17 21.66 -9.27
N SER B 442 29.56 22.09 -10.51
CA SER B 442 30.83 22.75 -10.88
C SER B 442 31.12 23.99 -10.04
N ASN B 443 32.12 23.91 -9.14
CA ASN B 443 32.48 25.04 -8.28
C ASN B 443 34.00 25.30 -8.18
N SER B 444 34.83 24.50 -8.90
CA SER B 444 36.27 24.67 -8.83
C SER B 444 36.91 24.96 -10.17
N TYR B 445 37.71 26.03 -10.18
CA TYR B 445 38.49 26.49 -11.34
C TYR B 445 39.97 26.05 -11.15
N PRO B 446 40.65 25.47 -12.17
CA PRO B 446 40.21 25.23 -13.55
C PRO B 446 39.63 23.83 -13.81
N ARG B 447 39.57 22.99 -12.76
CA ARG B 447 39.07 21.62 -12.78
C ARG B 447 37.66 21.47 -13.39
N ASP B 448 36.71 22.32 -13.00
CA ASP B 448 35.33 22.19 -13.47
C ASP B 448 34.92 23.18 -14.56
N PHE B 449 35.89 23.88 -15.17
CA PHE B 449 35.63 24.88 -16.20
C PHE B 449 36.13 24.53 -17.56
N VAL B 450 35.39 24.97 -18.60
CA VAL B 450 35.68 24.78 -20.05
C VAL B 450 35.37 26.04 -20.86
N ASN B 451 35.85 26.11 -22.13
CA ASN B 451 35.60 27.27 -22.98
C ASN B 451 34.23 27.22 -23.64
N CYS B 452 33.72 28.39 -24.03
CA CYS B 452 32.46 28.60 -24.74
C CYS B 452 32.45 27.95 -26.10
N SER B 453 33.65 27.76 -26.69
CA SER B 453 33.85 27.14 -27.98
C SER B 453 33.25 25.73 -28.04
N THR B 454 33.49 24.91 -26.98
CA THR B 454 33.03 23.52 -26.83
C THR B 454 31.51 23.41 -26.75
N LEU B 455 30.87 24.37 -26.08
CA LEU B 455 29.44 24.41 -25.84
C LEU B 455 28.53 24.62 -27.07
N PRO B 456 27.49 23.74 -27.25
CA PRO B 456 26.56 23.96 -28.36
C PRO B 456 25.61 25.13 -28.07
N ALA B 457 25.40 26.00 -29.07
CA ALA B 457 24.50 27.15 -28.96
C ALA B 457 23.07 26.70 -29.32
N LEU B 458 22.05 27.53 -29.04
CA LEU B 458 20.68 27.18 -29.37
C LEU B 458 20.43 27.52 -30.83
N ASN B 459 19.89 26.54 -31.58
CA ASN B 459 19.58 26.68 -32.99
C ASN B 459 18.11 27.09 -33.21
N LEU B 460 17.90 28.32 -33.67
CA LEU B 460 16.57 28.88 -33.94
C LEU B 460 16.08 28.66 -35.38
N ALA B 461 16.69 27.72 -36.13
CA ALA B 461 16.30 27.42 -37.51
C ALA B 461 14.83 26.96 -37.57
N SER B 462 14.40 26.12 -36.60
CA SER B 462 13.01 25.63 -36.50
C SER B 462 11.98 26.70 -36.13
N TRP B 463 12.43 27.95 -35.93
CA TRP B 463 11.54 29.10 -35.63
C TRP B 463 11.31 29.95 -36.90
N ARG B 464 11.86 29.52 -38.06
CA ARG B 464 11.71 30.23 -39.34
C ARG B 464 10.35 29.96 -39.99
N GLU B 465 9.68 31.01 -40.44
CA GLU B 465 8.38 30.95 -41.10
C GLU B 465 8.54 30.97 -42.60
N CYS C 1 -8.68 28.45 23.89
CA CYS C 1 -8.96 27.03 23.67
C CYS C 1 -8.71 26.19 24.92
N PRO C 2 -9.75 25.52 25.50
CA PRO C 2 -9.52 24.70 26.70
C PRO C 2 -8.62 23.49 26.45
N GLU C 3 -7.69 23.27 27.40
CA GLU C 3 -6.69 22.19 27.37
C GLU C 3 -7.27 20.79 27.67
N GLN C 4 -8.37 20.71 28.46
CA GLN C 4 -9.07 19.47 28.82
C GLN C 4 -10.53 19.74 29.22
N ASP C 5 -11.48 19.27 28.37
CA ASP C 5 -12.93 19.46 28.53
C ASP C 5 -13.69 18.13 28.72
N LYS C 6 -15.04 18.13 28.52
CA LYS C 6 -15.90 16.95 28.71
C LYS C 6 -17.11 16.93 27.77
N TYR C 7 -17.66 18.12 27.48
CA TYR C 7 -18.80 18.28 26.56
C TYR C 7 -18.41 19.23 25.42
N ARG C 8 -19.11 19.07 24.29
CA ARG C 8 -18.94 19.92 23.11
C ARG C 8 -19.41 21.32 23.42
N THR C 9 -18.83 22.31 22.71
CA THR C 9 -19.30 23.69 22.77
C THR C 9 -20.56 23.65 21.88
N ILE C 10 -21.33 24.75 21.83
CA ILE C 10 -22.50 24.77 20.98
C ILE C 10 -22.12 25.07 19.51
N THR C 11 -21.00 25.83 19.32
CA THR C 11 -20.51 26.29 18.02
C THR C 11 -19.72 25.25 17.22
N GLY C 12 -19.23 24.22 17.90
CA GLY C 12 -18.39 23.21 17.29
C GLY C 12 -16.92 23.52 17.52
N MET C 13 -16.64 24.81 17.88
CA MET C 13 -15.36 25.44 18.23
C MET C 13 -14.61 24.59 19.24
N CYS C 14 -13.28 24.54 19.11
CA CYS C 14 -12.40 23.78 20.01
C CYS C 14 -12.56 22.27 20.03
N ASN C 15 -13.24 21.70 19.01
CA ASN C 15 -13.33 20.24 18.85
C ASN C 15 -11.94 19.79 18.43
N ASN C 16 -11.40 20.44 17.37
CA ASN C 16 -10.03 20.21 16.90
C ASN C 16 -9.17 21.22 17.62
N ARG C 17 -8.29 20.73 18.46
CA ARG C 17 -7.46 21.61 19.26
C ARG C 17 -6.43 22.41 18.46
N ARG C 18 -5.85 21.82 17.38
CA ARG C 18 -4.87 22.49 16.53
C ARG C 18 -5.38 23.58 15.59
N SER C 19 -6.64 23.46 15.14
CA SER C 19 -7.35 24.39 14.26
C SER C 19 -8.81 24.35 14.79
N PRO C 20 -9.07 25.11 15.91
CA PRO C 20 -10.37 25.01 16.59
C PRO C 20 -11.63 25.43 15.84
N THR C 21 -11.50 26.12 14.71
CA THR C 21 -12.70 26.47 13.95
C THR C 21 -13.18 25.30 13.09
N LEU C 22 -12.39 24.18 12.99
CA LEU C 22 -12.72 23.05 12.14
C LEU C 22 -13.98 22.31 12.52
N GLY C 23 -15.05 22.59 11.78
CA GLY C 23 -16.34 21.97 12.03
C GLY C 23 -17.27 22.84 12.85
N ALA C 24 -16.77 24.03 13.24
CA ALA C 24 -17.48 25.06 13.96
C ALA C 24 -18.34 25.86 12.98
N SER C 25 -19.50 26.33 13.45
CA SER C 25 -20.49 27.09 12.69
C SER C 25 -20.02 28.46 12.22
N ASN C 26 -20.74 29.00 11.24
CA ASN C 26 -20.51 30.31 10.63
C ASN C 26 -19.12 30.50 10.03
N ARG C 27 -18.56 29.41 9.51
CA ARG C 27 -17.28 29.38 8.83
C ARG C 27 -17.49 28.78 7.45
N ALA C 28 -16.66 29.21 6.49
CA ALA C 28 -16.61 28.73 5.11
C ALA C 28 -16.55 27.19 5.02
N PHE C 29 -17.21 26.63 4.01
CA PHE C 29 -17.14 25.19 3.77
C PHE C 29 -15.75 24.91 3.24
N VAL C 30 -15.28 23.67 3.39
CA VAL C 30 -14.03 23.29 2.73
C VAL C 30 -14.35 23.05 1.20
N ARG C 31 -13.36 23.21 0.33
CA ARG C 31 -13.49 22.83 -1.08
C ARG C 31 -12.57 21.63 -1.34
N TRP C 32 -13.13 20.57 -1.98
CA TRP C 32 -12.40 19.37 -2.34
C TRP C 32 -11.77 19.52 -3.73
N LEU C 33 -12.32 20.43 -4.53
CA LEU C 33 -11.80 20.78 -5.86
C LEU C 33 -11.88 22.32 -6.00
N PRO C 34 -10.97 22.98 -6.77
CA PRO C 34 -11.09 24.43 -6.99
C PRO C 34 -12.43 24.76 -7.64
N ALA C 35 -13.01 25.91 -7.28
CA ALA C 35 -14.29 26.38 -7.79
C ALA C 35 -14.23 26.78 -9.27
N GLU C 36 -15.38 26.62 -9.96
CA GLU C 36 -15.52 26.96 -11.37
C GLU C 36 -16.58 28.00 -11.53
N TYR C 37 -16.15 29.18 -11.94
CA TYR C 37 -16.99 30.32 -12.14
C TYR C 37 -16.69 30.91 -13.49
N GLU C 38 -17.70 31.56 -14.08
CA GLU C 38 -17.68 32.24 -15.37
C GLU C 38 -16.50 33.26 -15.52
N ASP C 39 -16.18 34.04 -14.46
CA ASP C 39 -15.08 35.02 -14.41
C ASP C 39 -13.80 34.45 -13.79
N GLY C 40 -13.89 33.21 -13.29
CA GLY C 40 -12.79 32.52 -12.61
C GLY C 40 -12.87 32.56 -11.10
N PHE C 41 -13.42 33.65 -10.52
CA PHE C 41 -13.50 33.85 -9.05
C PHE C 41 -14.89 34.07 -8.41
N SER C 42 -15.91 34.58 -9.14
CA SER C 42 -17.20 34.83 -8.47
C SER C 42 -18.53 34.54 -9.19
N LEU C 43 -18.65 34.91 -10.47
CA LEU C 43 -19.86 34.83 -11.28
C LEU C 43 -20.26 33.43 -11.65
N PRO C 44 -21.52 33.05 -11.40
CA PRO C 44 -21.92 31.67 -11.67
C PRO C 44 -22.13 31.43 -13.14
N TYR C 45 -21.80 30.21 -13.60
CA TYR C 45 -22.04 29.89 -15.00
C TYR C 45 -23.56 30.01 -15.27
N GLY C 46 -23.89 30.66 -16.38
CA GLY C 46 -25.27 30.95 -16.76
C GLY C 46 -25.64 32.39 -16.50
N TRP C 47 -24.77 33.12 -15.75
CA TRP C 47 -24.93 34.54 -15.39
C TRP C 47 -24.93 35.42 -16.62
N THR C 48 -23.97 35.19 -17.54
CA THR C 48 -23.85 36.02 -18.74
C THR C 48 -24.39 35.32 -20.00
N PRO C 49 -25.40 35.95 -20.65
CA PRO C 49 -25.94 35.37 -21.89
C PRO C 49 -24.85 35.20 -22.94
N GLY C 50 -24.66 33.96 -23.40
CA GLY C 50 -23.68 33.66 -24.43
C GLY C 50 -22.36 33.06 -23.95
N VAL C 51 -22.00 33.23 -22.66
CA VAL C 51 -20.76 32.66 -22.15
C VAL C 51 -20.88 31.14 -22.02
N LYS C 52 -20.12 30.42 -22.85
CA LYS C 52 -20.09 28.97 -22.86
C LYS C 52 -19.27 28.47 -21.66
N ARG C 53 -19.46 27.19 -21.28
CA ARG C 53 -18.72 26.52 -20.22
C ARG C 53 -18.09 25.28 -20.85
N ASN C 54 -16.74 25.26 -20.97
CA ASN C 54 -15.98 24.16 -21.56
C ASN C 54 -16.37 23.91 -23.01
N GLY C 55 -16.70 24.99 -23.73
CA GLY C 55 -17.06 24.96 -25.15
C GLY C 55 -18.51 24.63 -25.46
N PHE C 56 -19.36 24.58 -24.43
CA PHE C 56 -20.77 24.29 -24.62
C PHE C 56 -21.63 25.30 -23.89
N PRO C 57 -22.82 25.65 -24.44
CA PRO C 57 -23.68 26.62 -23.75
C PRO C 57 -24.23 26.09 -22.44
N VAL C 58 -24.57 27.00 -21.54
CA VAL C 58 -25.13 26.61 -20.24
C VAL C 58 -26.64 26.30 -20.36
N ALA C 59 -27.02 25.07 -19.98
CA ALA C 59 -28.41 24.66 -20.03
C ALA C 59 -29.16 25.37 -18.92
N LEU C 60 -30.37 25.91 -19.20
CA LEU C 60 -31.20 26.54 -18.15
C LEU C 60 -31.56 25.43 -17.19
N ALA C 61 -31.47 25.67 -15.86
CA ALA C 61 -31.72 24.64 -14.83
C ALA C 61 -33.16 24.12 -14.87
N ARG C 62 -34.07 24.99 -15.26
CA ARG C 62 -35.49 24.70 -15.41
C ARG C 62 -35.69 23.75 -16.63
N ALA C 63 -34.91 23.97 -17.72
CA ALA C 63 -34.95 23.12 -18.93
C ALA C 63 -34.48 21.70 -18.60
N VAL C 64 -33.38 21.57 -17.82
CA VAL C 64 -32.83 20.28 -17.41
C VAL C 64 -33.88 19.55 -16.58
N SER C 65 -34.52 20.28 -15.65
CA SER C 65 -35.59 19.79 -14.77
C SER C 65 -36.77 19.25 -15.61
N ASN C 66 -37.17 20.00 -16.64
CA ASN C 66 -38.27 19.67 -17.54
C ASN C 66 -38.01 18.45 -18.41
N GLU C 67 -36.81 18.38 -19.00
CA GLU C 67 -36.41 17.34 -19.93
C GLU C 67 -35.81 16.09 -19.33
N ILE C 68 -35.33 16.13 -18.07
CA ILE C 68 -34.68 14.97 -17.45
C ILE C 68 -35.40 14.46 -16.22
N VAL C 69 -35.89 15.39 -15.37
CA VAL C 69 -36.47 15.15 -14.05
C VAL C 69 -37.97 14.93 -14.08
N ARG C 70 -38.71 15.77 -14.84
CA ARG C 70 -40.17 15.64 -15.02
C ARG C 70 -40.53 14.19 -15.38
N PHE C 71 -41.54 13.66 -14.68
CA PHE C 71 -42.08 12.33 -14.86
C PHE C 71 -43.56 12.28 -14.37
N PRO C 72 -44.46 11.48 -15.01
CA PRO C 72 -45.87 11.41 -14.54
C PRO C 72 -46.01 10.82 -13.14
N THR C 73 -46.71 11.55 -12.26
CA THR C 73 -46.93 11.21 -10.83
C THR C 73 -47.52 9.80 -10.64
N ASP C 74 -48.44 9.40 -11.54
CA ASP C 74 -49.13 8.12 -11.55
C ASP C 74 -48.12 6.98 -11.64
N GLN C 75 -47.10 7.14 -12.49
CA GLN C 75 -46.06 6.14 -12.73
C GLN C 75 -45.12 5.83 -11.56
N LEU C 76 -45.14 6.63 -10.46
CA LEU C 76 -44.27 6.44 -9.28
C LEU C 76 -44.04 5.00 -8.86
N THR C 77 -42.77 4.67 -8.56
CA THR C 77 -42.39 3.34 -8.12
C THR C 77 -42.09 3.32 -6.62
N PRO C 78 -42.87 2.58 -5.81
CA PRO C 78 -42.57 2.51 -4.38
C PRO C 78 -41.30 1.71 -4.13
N ASP C 79 -40.59 2.03 -3.05
CA ASP C 79 -39.40 1.29 -2.72
C ASP C 79 -39.82 0.13 -1.85
N GLN C 80 -39.68 -1.11 -2.33
CA GLN C 80 -40.02 -2.30 -1.55
C GLN C 80 -39.14 -2.47 -0.29
N GLU C 81 -37.91 -1.95 -0.33
CA GLU C 81 -36.99 -2.10 0.80
C GLU C 81 -36.72 -0.81 1.61
N ARG C 82 -37.43 0.30 1.36
CA ARG C 82 -37.21 1.51 2.16
C ARG C 82 -38.52 2.16 2.63
N SER C 83 -38.52 2.70 3.88
CA SER C 83 -39.64 3.44 4.47
C SER C 83 -39.41 4.94 4.24
N LEU C 84 -40.47 5.76 4.32
CA LEU C 84 -40.34 7.23 4.20
C LEU C 84 -39.50 7.79 5.37
N MET C 85 -39.26 6.98 6.43
CA MET C 85 -38.42 7.30 7.56
C MET C 85 -36.97 7.40 7.08
N PHE C 86 -36.62 6.60 6.05
CA PHE C 86 -35.31 6.62 5.44
C PHE C 86 -35.10 7.99 4.81
N MET C 87 -36.12 8.48 4.04
CA MET C 87 -36.12 9.81 3.45
C MET C 87 -36.01 10.86 4.59
N GLN C 88 -36.92 10.78 5.60
CA GLN C 88 -36.96 11.72 6.71
C GLN C 88 -35.71 11.84 7.57
N TRP C 89 -35.06 10.71 7.92
CA TRP C 89 -33.81 10.76 8.69
C TRP C 89 -32.71 11.46 7.89
N GLY C 90 -32.73 11.31 6.58
CA GLY C 90 -31.80 11.97 5.68
C GLY C 90 -31.86 13.48 5.75
N GLN C 91 -33.07 14.08 5.67
CA GLN C 91 -33.26 15.54 5.75
C GLN C 91 -32.94 16.08 7.16
N LEU C 92 -33.30 15.31 8.20
CA LEU C 92 -33.04 15.61 9.59
C LEU C 92 -31.53 15.70 9.78
N LEU C 93 -30.81 14.63 9.35
CA LEU C 93 -29.34 14.49 9.38
C LEU C 93 -28.69 15.68 8.66
N ASP C 94 -29.16 15.98 7.44
CA ASP C 94 -28.70 17.11 6.64
C ASP C 94 -28.78 18.43 7.41
N HIS C 95 -29.83 18.57 8.25
CA HIS C 95 -30.06 19.74 9.09
C HIS C 95 -29.22 19.72 10.40
N ASP C 96 -28.46 18.64 10.65
CA ASP C 96 -27.49 18.56 11.72
C ASP C 96 -26.10 18.93 11.11
N LEU C 97 -25.95 18.84 9.75
CA LEU C 97 -24.67 19.07 9.09
C LEU C 97 -24.48 20.39 8.35
N ASP C 98 -25.46 20.81 7.55
CA ASP C 98 -25.28 22.03 6.78
C ASP C 98 -26.49 22.87 6.52
N PHE C 99 -26.31 24.17 6.64
CA PHE C 99 -27.27 25.20 6.30
C PHE C 99 -26.47 26.32 5.69
N THR C 100 -26.70 26.60 4.41
CA THR C 100 -25.96 27.62 3.65
C THR C 100 -26.82 28.88 3.62
N PRO C 101 -26.45 29.92 4.39
CA PRO C 101 -27.28 31.11 4.44
C PRO C 101 -27.34 31.91 3.13
N GLU C 102 -28.49 32.57 2.96
CA GLU C 102 -28.87 33.46 1.87
C GLU C 102 -29.12 34.88 2.47
N PRO C 103 -29.15 35.96 1.65
CA PRO C 103 -29.40 37.31 2.21
C PRO C 103 -30.78 37.49 2.87
N VAL D 1 -32.53 44.99 -4.50
CA VAL D 1 -32.59 43.66 -5.10
C VAL D 1 -33.36 42.67 -4.21
N ASN D 2 -34.64 42.43 -4.55
CA ASN D 2 -35.53 41.52 -3.83
C ASN D 2 -35.89 40.37 -4.76
N CYS D 3 -35.17 39.25 -4.60
CA CYS D 3 -35.28 38.01 -5.40
C CYS D 3 -36.65 37.40 -5.31
N GLU D 4 -37.33 37.59 -4.18
CA GLU D 4 -38.68 37.09 -3.90
C GLU D 4 -39.69 37.60 -4.93
N THR D 5 -39.53 38.85 -5.42
CA THR D 5 -40.42 39.46 -6.40
C THR D 5 -39.81 39.95 -7.72
N SER D 6 -38.47 40.11 -7.80
CA SER D 6 -37.85 40.59 -9.05
C SER D 6 -37.20 39.50 -9.94
N CYS D 7 -37.13 39.76 -11.26
CA CYS D 7 -36.55 38.87 -12.26
C CYS D 7 -35.28 39.45 -12.85
N VAL D 8 -34.93 40.65 -12.40
CA VAL D 8 -33.74 41.37 -12.83
C VAL D 8 -32.56 40.65 -12.22
N GLN D 9 -31.61 40.22 -13.06
CA GLN D 9 -30.41 39.57 -12.58
C GLN D 9 -29.38 40.62 -12.07
N GLN D 10 -29.58 41.11 -10.84
CA GLN D 10 -28.67 42.02 -10.16
C GLN D 10 -28.35 41.41 -8.79
N PRO D 11 -27.07 41.37 -8.34
CA PRO D 11 -26.74 40.75 -7.05
C PRO D 11 -27.60 41.16 -5.84
N PRO D 12 -27.94 40.23 -4.92
CA PRO D 12 -27.56 38.80 -4.87
C PRO D 12 -28.54 37.86 -5.57
N CYS D 13 -29.26 38.37 -6.58
CA CYS D 13 -30.27 37.62 -7.30
C CYS D 13 -29.71 36.86 -8.45
N PHE D 14 -30.01 35.56 -8.50
CA PHE D 14 -29.64 34.72 -9.64
C PHE D 14 -30.93 33.99 -10.09
N PRO D 15 -31.96 34.75 -10.56
CA PRO D 15 -33.22 34.11 -10.95
C PRO D 15 -33.11 33.15 -12.12
N LEU D 16 -33.83 32.03 -12.00
CA LEU D 16 -33.84 30.99 -13.01
C LEU D 16 -34.75 31.47 -14.12
N LYS D 17 -34.21 31.60 -15.35
CA LYS D 17 -35.03 32.03 -16.49
C LYS D 17 -36.02 30.90 -16.85
N ILE D 18 -37.05 31.22 -17.66
CA ILE D 18 -38.07 30.26 -18.09
C ILE D 18 -37.86 29.86 -19.55
N PRO D 19 -37.76 28.55 -19.85
CA PRO D 19 -37.56 28.14 -21.24
C PRO D 19 -38.85 28.21 -22.04
N PRO D 20 -38.79 28.27 -23.40
CA PRO D 20 -40.04 28.25 -24.18
C PRO D 20 -40.67 26.84 -24.08
N ASN D 21 -42.01 26.77 -24.17
CA ASN D 21 -42.80 25.52 -24.05
C ASN D 21 -42.67 24.90 -22.66
N ASP D 22 -42.84 25.73 -21.63
CA ASP D 22 -42.74 25.30 -20.23
C ASP D 22 -44.06 24.69 -19.78
N PRO D 23 -44.01 23.47 -19.18
CA PRO D 23 -45.25 22.81 -18.71
C PRO D 23 -46.02 23.53 -17.61
N ARG D 24 -45.57 24.73 -17.15
CA ARG D 24 -46.24 25.49 -16.09
C ARG D 24 -46.17 27.01 -16.26
N ILE D 25 -44.95 27.59 -16.36
CA ILE D 25 -44.74 29.04 -16.50
C ILE D 25 -44.89 29.48 -17.96
N LYS D 26 -46.09 29.95 -18.31
CA LYS D 26 -46.42 30.43 -19.65
C LYS D 26 -45.74 31.78 -19.95
N ASN D 27 -45.51 32.59 -18.90
CA ASN D 27 -44.87 33.89 -18.96
C ASN D 27 -43.35 33.78 -19.08
N GLN D 28 -42.79 34.01 -20.29
CA GLN D 28 -41.34 33.96 -20.53
C GLN D 28 -40.56 35.12 -19.88
N ALA D 29 -41.28 36.20 -19.49
CA ALA D 29 -40.70 37.35 -18.77
C ALA D 29 -40.55 37.03 -17.28
N ASP D 30 -41.31 36.04 -16.79
CA ASP D 30 -41.25 35.62 -15.39
C ASP D 30 -39.96 34.80 -15.10
N CYS D 31 -39.76 34.37 -13.84
CA CYS D 31 -38.58 33.62 -13.40
C CYS D 31 -38.91 32.80 -12.16
N ILE D 32 -38.03 31.85 -11.79
CA ILE D 32 -38.16 31.11 -10.55
C ILE D 32 -37.17 31.80 -9.57
N PRO D 33 -37.70 32.48 -8.50
CA PRO D 33 -36.81 33.23 -7.57
C PRO D 33 -35.63 32.46 -7.00
N PHE D 34 -34.49 33.14 -6.89
CA PHE D 34 -33.24 32.58 -6.38
C PHE D 34 -32.31 33.67 -5.82
N PHE D 35 -31.91 33.49 -4.55
CA PHE D 35 -30.97 34.34 -3.83
C PHE D 35 -29.67 33.56 -3.82
N ARG D 36 -28.55 34.17 -4.24
CA ARG D 36 -27.24 33.53 -4.17
C ARG D 36 -26.90 33.30 -2.71
N SER D 37 -26.16 32.27 -2.39
CA SER D 37 -25.75 32.03 -1.03
C SER D 37 -24.76 33.12 -0.65
N CYS D 38 -24.76 33.47 0.65
CA CYS D 38 -23.90 34.49 1.22
C CYS D 38 -22.45 34.15 1.01
N PRO D 39 -21.63 35.09 0.46
CA PRO D 39 -20.18 34.79 0.30
C PRO D 39 -19.43 34.76 1.64
N ALA D 40 -18.33 33.99 1.70
CA ALA D 40 -17.48 33.90 2.91
C ALA D 40 -16.73 35.23 3.07
N CYS D 41 -16.42 35.88 1.92
CA CYS D 41 -15.74 37.15 1.78
C CYS D 41 -16.49 38.09 0.83
N PRO D 42 -17.34 38.98 1.38
CA PRO D 42 -18.08 39.91 0.52
C PRO D 42 -17.24 40.97 -0.20
N GLY D 43 -17.52 41.10 -1.50
CA GLY D 43 -16.96 42.12 -2.38
C GLY D 43 -15.64 41.82 -3.07
N SER D 44 -14.89 40.82 -2.56
CA SER D 44 -13.55 40.40 -3.04
C SER D 44 -13.41 40.15 -4.54
N ASN D 45 -12.16 40.21 -5.00
CA ASN D 45 -11.69 39.95 -6.36
C ASN D 45 -10.22 39.48 -6.19
N ILE D 46 -9.98 38.71 -5.08
CA ILE D 46 -8.71 38.12 -4.65
C ILE D 46 -9.01 36.71 -4.22
N THR D 47 -10.03 36.55 -3.37
CA THR D 47 -10.39 35.21 -2.97
C THR D 47 -11.43 34.62 -3.92
N ILE D 48 -11.30 33.31 -4.21
CA ILE D 48 -12.26 32.65 -5.06
C ILE D 48 -13.49 32.49 -4.18
N ARG D 49 -14.65 32.99 -4.66
CA ARG D 49 -15.88 32.93 -3.90
C ARG D 49 -16.15 31.55 -3.32
N ASN D 50 -16.48 31.52 -2.02
CA ASN D 50 -16.85 30.31 -1.30
C ASN D 50 -18.07 30.64 -0.43
N GLN D 51 -18.83 29.63 -0.02
CA GLN D 51 -20.05 29.86 0.75
C GLN D 51 -19.83 29.54 2.21
N ILE D 52 -20.81 29.91 3.07
CA ILE D 52 -20.75 29.72 4.51
C ILE D 52 -21.65 28.56 4.97
N ASN D 53 -21.18 27.81 6.00
CA ASN D 53 -21.99 26.82 6.70
C ASN D 53 -22.38 27.43 8.10
N ALA D 54 -23.68 27.68 8.31
CA ALA D 54 -24.23 28.25 9.54
C ALA D 54 -24.32 27.24 10.69
N LEU D 55 -24.05 25.95 10.40
CA LEU D 55 -24.18 24.87 11.36
C LEU D 55 -22.88 24.23 11.76
N THR D 56 -22.90 23.37 12.80
CA THR D 56 -21.72 22.60 13.16
C THR D 56 -21.74 21.40 12.21
N SER D 57 -20.59 21.00 11.69
CA SER D 57 -20.54 19.90 10.75
C SER D 57 -20.76 18.54 11.45
N PHE D 58 -20.44 18.47 12.73
CA PHE D 58 -20.51 17.24 13.50
C PHE D 58 -21.89 16.67 13.63
N VAL D 59 -21.95 15.34 13.78
CA VAL D 59 -23.20 14.64 14.05
C VAL D 59 -23.36 14.85 15.58
N ASP D 60 -23.81 16.07 15.96
CA ASP D 60 -23.89 16.49 17.34
C ASP D 60 -25.27 16.93 17.85
N ALA D 61 -26.32 16.69 17.03
CA ALA D 61 -27.71 16.99 17.35
C ALA D 61 -27.98 18.49 17.32
N SER D 62 -27.16 19.23 16.57
CA SER D 62 -27.29 20.69 16.44
C SER D 62 -28.66 21.15 15.87
N MET D 63 -29.48 20.22 15.29
CA MET D 63 -30.84 20.59 14.78
C MET D 63 -31.75 20.78 15.99
N VAL D 64 -31.38 20.15 17.11
CA VAL D 64 -32.07 20.21 18.39
C VAL D 64 -31.47 21.36 19.24
N TYR D 65 -30.18 21.29 19.56
CA TYR D 65 -29.47 22.24 20.44
C TYR D 65 -29.16 23.64 19.91
N GLY D 66 -28.87 23.74 18.62
CA GLY D 66 -28.47 24.99 17.98
C GLY D 66 -26.97 25.01 17.75
N SER D 67 -26.52 25.85 16.81
CA SER D 67 -25.10 25.97 16.48
C SER D 67 -24.53 27.31 16.96
N GLU D 68 -25.41 28.18 17.47
CA GLU D 68 -25.07 29.49 18.01
C GLU D 68 -25.49 29.46 19.49
N GLU D 69 -24.60 29.95 20.41
CA GLU D 69 -24.85 29.95 21.86
C GLU D 69 -26.10 30.72 22.32
N PRO D 70 -26.42 31.94 21.82
CA PRO D 70 -27.66 32.61 22.25
C PRO D 70 -28.93 31.79 21.99
N LEU D 71 -29.07 31.18 20.77
CA LEU D 71 -30.20 30.32 20.40
C LEU D 71 -30.25 29.10 21.31
N ALA D 72 -29.07 28.54 21.64
CA ALA D 72 -28.97 27.38 22.53
C ALA D 72 -29.60 27.71 23.88
N ARG D 73 -29.36 28.95 24.36
CA ARG D 73 -29.89 29.50 25.62
C ARG D 73 -31.41 29.68 25.48
N ASN D 74 -31.87 30.47 24.49
CA ASN D 74 -33.30 30.68 24.22
C ASN D 74 -34.14 29.39 23.94
N LEU D 75 -33.47 28.22 23.79
CA LEU D 75 -34.12 26.93 23.57
C LEU D 75 -34.09 26.10 24.84
N ARG D 76 -33.38 26.58 25.87
CA ARG D 76 -33.30 25.90 27.15
C ARG D 76 -34.47 26.32 28.08
N ASN D 77 -34.82 25.45 29.08
CA ASN D 77 -35.83 25.74 30.09
C ASN D 77 -35.10 26.46 31.21
N MET D 78 -35.01 27.81 31.09
CA MET D 78 -34.27 28.66 32.04
C MET D 78 -34.90 28.81 33.46
N SER D 79 -36.19 28.41 33.60
CA SER D 79 -36.97 28.47 34.84
C SER D 79 -36.50 27.55 35.99
N ASN D 80 -36.04 26.31 35.67
CA ASN D 80 -35.62 25.36 36.71
C ASN D 80 -34.29 24.63 36.45
N GLN D 81 -33.71 24.05 37.52
CA GLN D 81 -32.44 23.33 37.47
C GLN D 81 -32.61 21.82 37.25
N LEU D 82 -33.41 21.46 36.21
CA LEU D 82 -33.68 20.08 35.78
C LEU D 82 -33.08 19.73 34.38
N GLY D 83 -32.35 20.70 33.81
CA GLY D 83 -31.65 20.60 32.52
C GLY D 83 -32.51 20.25 31.32
N LEU D 84 -33.64 20.96 31.16
CA LEU D 84 -34.63 20.73 30.12
C LEU D 84 -34.59 21.78 29.02
N LEU D 85 -35.29 21.49 27.91
CA LEU D 85 -35.46 22.39 26.78
C LEU D 85 -36.88 22.95 26.84
N ALA D 86 -37.07 24.20 26.39
CA ALA D 86 -38.37 24.85 26.37
C ALA D 86 -39.37 24.10 25.48
N VAL D 87 -40.62 23.99 25.95
CA VAL D 87 -41.71 23.35 25.21
C VAL D 87 -42.73 24.43 24.84
N ASN D 88 -43.74 24.09 24.01
CA ASN D 88 -44.79 25.05 23.65
C ASN D 88 -45.63 25.35 24.88
N GLN D 89 -46.00 26.63 25.08
CA GLN D 89 -46.81 27.00 26.25
C GLN D 89 -48.32 26.98 25.97
N ARG D 90 -48.73 27.40 24.76
CA ARG D 90 -50.09 27.42 24.27
C ARG D 90 -50.65 26.01 23.89
N PHE D 91 -49.77 24.98 23.63
CA PHE D 91 -50.19 23.63 23.16
C PHE D 91 -49.36 22.41 23.57
N GLN D 92 -50.02 21.22 23.50
CA GLN D 92 -49.48 19.87 23.76
C GLN D 92 -50.10 18.85 22.77
N ASP D 93 -49.52 17.62 22.67
CA ASP D 93 -49.98 16.52 21.78
C ASP D 93 -50.31 15.34 22.66
N ASN D 94 -51.60 15.19 23.02
CA ASN D 94 -52.13 14.14 23.92
C ASN D 94 -51.44 14.14 25.29
N GLY D 95 -51.13 15.34 25.79
CA GLY D 95 -50.47 15.56 27.07
C GLY D 95 -48.96 15.44 27.03
N ARG D 96 -48.41 15.30 25.82
CA ARG D 96 -46.98 15.17 25.57
C ARG D 96 -46.40 16.46 24.97
N ALA D 97 -45.09 16.68 25.23
CA ALA D 97 -44.32 17.86 24.81
C ALA D 97 -44.37 18.22 23.31
N LEU D 98 -44.40 19.52 23.02
CA LEU D 98 -44.42 20.06 21.67
C LEU D 98 -43.33 21.14 21.54
N LEU D 99 -42.96 21.53 20.31
CA LEU D 99 -41.93 22.53 20.09
C LEU D 99 -42.44 23.95 20.37
N PRO D 100 -41.66 24.84 21.03
CA PRO D 100 -42.12 26.22 21.23
C PRO D 100 -42.28 26.95 19.90
N PHE D 101 -43.05 28.05 19.89
CA PHE D 101 -43.22 28.83 18.67
C PHE D 101 -42.05 29.81 18.46
N ASP D 102 -42.06 30.53 17.33
CA ASP D 102 -41.01 31.45 16.96
C ASP D 102 -41.56 32.81 16.53
N ASN D 103 -40.92 33.89 17.01
CA ASN D 103 -41.31 35.25 16.62
C ASN D 103 -40.53 35.64 15.37
N LEU D 104 -41.14 35.39 14.20
CA LEU D 104 -40.56 35.66 12.89
C LEU D 104 -41.24 36.88 12.25
N HIS D 105 -40.42 37.82 11.73
CA HIS D 105 -40.89 39.05 11.09
C HIS D 105 -41.88 38.76 9.95
N ASP D 106 -41.56 37.72 9.14
CA ASP D 106 -42.35 37.20 8.03
C ASP D 106 -42.42 35.67 8.24
N ASP D 107 -43.36 35.20 9.09
CA ASP D 107 -43.58 33.77 9.41
C ASP D 107 -44.41 33.05 8.31
N PRO D 108 -43.80 32.12 7.53
CA PRO D 108 -44.56 31.46 6.44
C PRO D 108 -45.65 30.48 6.87
N CYS D 109 -45.50 29.83 8.04
CA CYS D 109 -46.44 28.86 8.61
C CYS D 109 -47.86 29.38 8.78
N LEU D 110 -48.00 30.69 9.04
CA LEU D 110 -49.28 31.36 9.21
C LEU D 110 -50.02 31.46 7.87
N LEU D 111 -49.27 31.49 6.76
CA LEU D 111 -49.80 31.65 5.41
C LEU D 111 -50.45 30.39 4.81
N THR D 112 -50.11 29.20 5.36
CA THR D 112 -50.67 27.92 4.92
C THR D 112 -52.16 27.87 5.25
N ASN D 113 -52.50 28.18 6.52
CA ASN D 113 -53.86 28.24 7.06
C ASN D 113 -54.04 29.58 7.73
N ARG D 114 -54.74 30.50 7.05
CA ARG D 114 -55.01 31.85 7.55
C ARG D 114 -55.79 31.85 8.88
N SER D 115 -56.85 31.01 8.99
CA SER D 115 -57.70 30.91 10.18
C SER D 115 -56.95 30.40 11.40
N ALA D 116 -56.28 29.23 11.28
CA ALA D 116 -55.53 28.54 12.32
C ALA D 116 -54.50 29.39 13.07
N ARG D 117 -53.87 30.36 12.37
CA ARG D 117 -52.83 31.26 12.89
C ARG D 117 -51.77 30.51 13.74
N ILE D 118 -51.25 29.36 13.23
CA ILE D 118 -50.23 28.57 13.93
C ILE D 118 -48.85 28.94 13.35
N PRO D 119 -47.95 29.59 14.13
CA PRO D 119 -46.65 29.99 13.58
C PRO D 119 -45.61 28.88 13.51
N CYS D 120 -44.45 29.18 12.88
CA CYS D 120 -43.34 28.23 12.74
C CYS D 120 -42.87 27.81 14.11
N PHE D 121 -42.38 26.59 14.22
CA PHE D 121 -41.82 26.11 15.48
C PHE D 121 -40.40 26.67 15.68
N LEU D 122 -39.82 26.42 16.86
CA LEU D 122 -38.48 26.86 17.20
C LEU D 122 -37.66 25.66 17.65
N ALA D 123 -36.60 25.38 16.90
CA ALA D 123 -35.65 24.30 17.15
C ALA D 123 -34.22 24.82 16.86
N GLY D 124 -33.21 23.97 17.13
CA GLY D 124 -31.81 24.28 16.87
C GLY D 124 -31.48 24.73 15.45
N ASP D 125 -32.23 24.21 14.45
CA ASP D 125 -32.11 24.61 13.06
C ASP D 125 -33.42 25.22 12.63
N THR D 126 -33.33 26.36 11.90
CA THR D 126 -34.46 27.15 11.38
C THR D 126 -35.41 26.42 10.39
N ARG D 127 -35.01 25.27 9.83
CA ARG D 127 -35.84 24.57 8.83
C ARG D 127 -36.83 23.53 9.42
N SER D 128 -36.99 23.49 10.75
CA SER D 128 -37.84 22.54 11.48
C SER D 128 -39.30 22.47 11.02
N SER D 129 -39.85 23.58 10.52
CA SER D 129 -41.25 23.64 10.09
C SER D 129 -41.44 23.56 8.56
N GLU D 130 -40.42 23.06 7.83
CA GLU D 130 -40.43 22.93 6.38
C GLU D 130 -41.50 21.94 5.89
N MET D 131 -41.64 20.79 6.56
CA MET D 131 -42.67 19.79 6.28
C MET D 131 -43.04 19.15 7.63
N PRO D 132 -44.35 18.88 7.91
CA PRO D 132 -44.73 18.34 9.23
C PRO D 132 -44.07 17.04 9.66
N GLU D 133 -43.51 16.26 8.69
CA GLU D 133 -42.80 15.00 8.96
C GLU D 133 -41.49 15.29 9.67
N LEU D 134 -40.84 16.38 9.25
CA LEU D 134 -39.58 16.88 9.79
C LEU D 134 -39.84 17.42 11.20
N THR D 135 -40.90 18.26 11.36
CA THR D 135 -41.33 18.78 12.66
C THR D 135 -41.40 17.63 13.67
N SER D 136 -42.03 16.49 13.27
CA SER D 136 -42.21 15.27 14.09
C SER D 136 -40.92 14.69 14.61
N MET D 137 -39.88 14.70 13.77
CA MET D 137 -38.54 14.20 14.11
C MET D 137 -37.87 15.17 15.08
N HIS D 138 -38.05 16.49 14.87
CA HIS D 138 -37.52 17.52 15.77
C HIS D 138 -38.19 17.37 17.15
N THR D 139 -39.54 17.32 17.17
CA THR D 139 -40.40 17.11 18.34
C THR D 139 -40.04 15.81 19.06
N LEU D 140 -39.83 14.72 18.30
CA LEU D 140 -39.48 13.42 18.87
C LEU D 140 -38.24 13.53 19.75
N LEU D 141 -37.16 14.13 19.20
CA LEU D 141 -35.86 14.32 19.84
C LEU D 141 -35.89 15.34 20.97
N LEU D 142 -36.74 16.39 20.84
CA LEU D 142 -36.94 17.41 21.90
C LEU D 142 -37.41 16.70 23.16
N ARG D 143 -38.51 15.91 23.03
CA ARG D 143 -39.09 15.11 24.11
C ARG D 143 -38.06 14.18 24.67
N GLU D 144 -37.25 13.54 23.79
CA GLU D 144 -36.19 12.60 24.18
C GLU D 144 -35.11 13.23 25.09
N HIS D 145 -34.78 14.52 24.86
CA HIS D 145 -33.82 15.24 25.71
C HIS D 145 -34.44 15.52 27.07
N ASN D 146 -35.71 16.00 27.10
CA ASN D 146 -36.42 16.31 28.34
C ASN D 146 -36.68 15.08 29.14
N ARG D 147 -36.93 13.95 28.45
CA ARG D 147 -37.13 12.63 29.06
C ARG D 147 -35.81 12.17 29.70
N LEU D 148 -34.67 12.30 28.98
CA LEU D 148 -33.36 11.90 29.49
C LEU D 148 -32.92 12.79 30.64
N ALA D 149 -33.23 14.11 30.56
CA ALA D 149 -32.94 15.12 31.59
C ALA D 149 -33.66 14.76 32.90
N THR D 150 -34.90 14.24 32.78
CA THR D 150 -35.77 13.76 33.87
C THR D 150 -35.23 12.43 34.40
N GLU D 151 -35.11 11.40 33.53
CA GLU D 151 -34.63 10.04 33.88
C GLU D 151 -33.24 10.02 34.56
N LEU D 152 -32.36 10.99 34.23
CA LEU D 152 -31.01 11.10 34.82
C LEU D 152 -31.10 11.59 36.28
N LYS D 153 -31.82 12.72 36.50
CA LYS D 153 -32.10 13.36 37.81
C LYS D 153 -32.58 12.34 38.87
N SER D 154 -33.38 11.34 38.46
CA SER D 154 -33.88 10.27 39.35
C SER D 154 -32.71 9.42 39.89
N LEU D 155 -31.70 9.12 39.03
CA LEU D 155 -30.52 8.35 39.44
C LEU D 155 -29.46 9.24 40.07
N ASN D 156 -29.48 10.55 39.77
CA ASN D 156 -28.51 11.52 40.29
C ASN D 156 -29.18 12.85 40.67
N PRO D 157 -29.76 12.94 41.89
CA PRO D 157 -30.45 14.18 42.30
C PRO D 157 -29.53 15.37 42.62
N ARG D 158 -28.24 15.09 42.88
CA ARG D 158 -27.21 16.08 43.20
C ARG D 158 -26.90 17.05 42.03
N TRP D 159 -26.91 16.52 40.76
CA TRP D 159 -26.61 17.27 39.52
C TRP D 159 -27.58 18.44 39.28
N ASP D 160 -27.04 19.59 38.81
CA ASP D 160 -27.78 20.81 38.51
C ASP D 160 -28.22 20.88 37.04
N GLY D 161 -29.03 21.87 36.68
CA GLY D 161 -29.53 22.10 35.34
C GLY D 161 -28.48 22.15 34.24
N GLU D 162 -27.22 22.42 34.60
CA GLU D 162 -26.12 22.49 33.65
C GLU D 162 -25.62 21.09 33.28
N ARG D 163 -25.23 20.28 34.29
CA ARG D 163 -24.79 18.89 34.14
C ARG D 163 -25.88 18.03 33.46
N LEU D 164 -27.15 18.25 33.84
CA LEU D 164 -28.30 17.53 33.30
C LEU D 164 -28.52 17.84 31.81
N TYR D 165 -28.49 19.14 31.44
CA TYR D 165 -28.65 19.56 30.05
C TYR D 165 -27.50 19.02 29.21
N GLN D 166 -26.26 19.11 29.73
CA GLN D 166 -25.06 18.64 29.05
C GLN D 166 -25.01 17.13 28.88
N GLU D 167 -25.16 16.35 29.96
CA GLU D 167 -25.10 14.89 29.92
C GLU D 167 -26.13 14.24 29.00
N ALA D 168 -27.33 14.86 28.89
CA ALA D 168 -28.43 14.41 28.02
C ALA D 168 -28.22 14.84 26.56
N ARG D 169 -27.54 16.00 26.32
CA ARG D 169 -27.18 16.50 24.99
C ARG D 169 -26.19 15.48 24.39
N LYS D 170 -25.20 15.02 25.19
CA LYS D 170 -24.21 13.99 24.87
C LYS D 170 -24.87 12.65 24.51
N ILE D 171 -25.96 12.26 25.20
CA ILE D 171 -26.65 11.01 24.90
C ILE D 171 -27.41 11.13 23.59
N VAL D 172 -28.15 12.22 23.40
CA VAL D 172 -28.93 12.51 22.18
C VAL D 172 -27.98 12.53 20.95
N GLY D 173 -26.85 13.25 21.09
CA GLY D 173 -25.82 13.39 20.07
C GLY D 173 -25.28 12.05 19.61
N ALA D 174 -24.90 11.19 20.57
CA ALA D 174 -24.41 9.83 20.37
C ALA D 174 -25.49 8.97 19.73
N MET D 175 -26.77 9.26 20.03
CA MET D 175 -27.92 8.54 19.48
C MET D 175 -28.08 8.86 17.99
N VAL D 176 -27.91 10.16 17.61
CA VAL D 176 -27.98 10.63 16.22
C VAL D 176 -26.82 9.98 15.45
N GLN D 177 -25.68 9.72 16.14
CA GLN D 177 -24.50 9.09 15.53
C GLN D 177 -24.70 7.61 15.24
N ILE D 178 -25.18 6.87 16.25
CA ILE D 178 -25.43 5.43 16.15
C ILE D 178 -26.48 5.13 15.04
N ILE D 179 -27.62 5.82 15.06
CA ILE D 179 -28.69 5.59 14.09
C ILE D 179 -28.20 5.84 12.67
N THR D 180 -27.44 6.94 12.49
CA THR D 180 -26.87 7.38 11.21
C THR D 180 -25.89 6.38 10.62
N TYR D 181 -24.86 5.97 11.39
CA TYR D 181 -23.80 5.07 10.93
C TYR D 181 -24.12 3.58 11.03
N ARG D 182 -24.85 3.15 12.08
CA ARG D 182 -25.18 1.74 12.22
C ARG D 182 -26.30 1.29 11.29
N ASP D 183 -27.35 2.14 11.09
CA ASP D 183 -28.56 1.80 10.32
C ASP D 183 -28.82 2.64 9.08
N TYR D 184 -28.50 3.96 9.11
CA TYR D 184 -28.82 4.82 7.98
C TYR D 184 -27.87 4.75 6.76
N LEU D 185 -26.56 4.98 6.99
CA LEU D 185 -25.51 4.99 5.95
C LEU D 185 -25.32 3.64 5.24
N PRO D 186 -25.32 2.48 5.95
CA PRO D 186 -25.18 1.19 5.24
C PRO D 186 -26.23 1.00 4.18
N LEU D 187 -27.40 1.67 4.32
CA LEU D 187 -28.53 1.61 3.40
C LEU D 187 -28.52 2.74 2.37
N VAL D 188 -27.66 3.75 2.59
CA VAL D 188 -27.50 4.83 1.59
C VAL D 188 -26.49 4.34 0.57
N LEU D 189 -25.35 3.88 1.06
CA LEU D 189 -24.19 3.48 0.25
C LEU D 189 -24.29 2.07 -0.31
N GLY D 190 -24.71 1.14 0.53
CA GLY D 190 -24.73 -0.26 0.21
C GLY D 190 -23.50 -0.87 0.86
N PRO D 191 -23.41 -2.20 1.01
CA PRO D 191 -22.26 -2.78 1.72
C PRO D 191 -20.86 -2.59 1.16
N THR D 192 -20.65 -2.42 -0.17
CA THR D 192 -19.27 -2.24 -0.68
C THR D 192 -18.68 -0.86 -0.38
N ALA D 193 -19.43 0.21 -0.68
CA ALA D 193 -19.00 1.59 -0.43
C ALA D 193 -18.87 1.82 1.06
N MET D 194 -19.67 1.13 1.87
CA MET D 194 -19.63 1.20 3.32
C MET D 194 -18.29 0.63 3.85
N ARG D 195 -17.78 -0.46 3.23
CA ARG D 195 -16.51 -1.11 3.59
C ARG D 195 -15.31 -0.20 3.20
N LYS D 196 -15.43 0.40 2.01
CA LYS D 196 -14.44 1.24 1.35
C LYS D 196 -14.31 2.59 2.02
N TYR D 197 -15.42 3.34 2.11
CA TYR D 197 -15.49 4.69 2.67
C TYR D 197 -15.68 4.74 4.17
N LEU D 198 -16.26 3.71 4.77
CA LEU D 198 -16.40 3.74 6.24
C LEU D 198 -15.82 2.49 6.90
N PRO D 199 -14.49 2.27 6.88
CA PRO D 199 -13.94 1.05 7.52
C PRO D 199 -14.04 1.13 9.03
N THR D 200 -13.98 -0.01 9.70
CA THR D 200 -14.07 -0.11 11.14
C THR D 200 -13.35 1.01 11.86
N TYR D 201 -14.07 1.73 12.72
CA TYR D 201 -13.58 2.83 13.53
C TYR D 201 -12.36 2.42 14.35
N ARG D 202 -11.25 3.17 14.24
CA ARG D 202 -10.04 2.89 15.03
C ARG D 202 -10.13 3.79 16.26
N SER D 203 -9.85 5.09 16.08
CA SER D 203 -9.98 6.12 17.12
C SER D 203 -9.97 7.54 16.51
N TYR D 204 -10.04 8.57 17.38
CA TYR D 204 -10.00 9.96 16.94
C TYR D 204 -8.65 10.24 16.30
N ASN D 205 -8.69 11.08 15.27
CA ASN D 205 -7.58 11.53 14.49
C ASN D 205 -7.68 13.06 14.34
N ASP D 206 -6.74 13.82 14.94
CA ASP D 206 -6.76 15.30 14.86
C ASP D 206 -6.32 15.89 13.49
N SER D 207 -5.86 15.04 12.57
CA SER D 207 -5.42 15.46 11.23
C SER D 207 -6.49 15.28 10.18
N VAL D 208 -7.66 14.76 10.59
CA VAL D 208 -8.81 14.56 9.69
C VAL D 208 -9.68 15.81 9.72
N ASP D 209 -9.80 16.52 8.59
CA ASP D 209 -10.62 17.73 8.50
C ASP D 209 -12.13 17.38 8.61
N PRO D 210 -12.81 17.83 9.69
CA PRO D 210 -14.24 17.46 9.85
C PRO D 210 -15.21 18.39 9.16
N ARG D 211 -14.75 19.40 8.42
CA ARG D 211 -15.63 20.35 7.75
C ARG D 211 -16.56 19.71 6.70
N ILE D 212 -17.69 20.37 6.40
CA ILE D 212 -18.56 19.92 5.33
C ILE D 212 -17.96 20.52 4.04
N ALA D 213 -17.76 19.68 3.02
CA ALA D 213 -17.29 20.15 1.73
C ALA D 213 -18.42 20.85 0.99
N ASN D 214 -18.10 21.89 0.24
CA ASN D 214 -19.08 22.62 -0.53
C ASN D 214 -19.95 21.66 -1.42
N VAL D 215 -19.30 20.72 -2.10
CA VAL D 215 -19.95 19.70 -2.93
C VAL D 215 -20.98 18.85 -2.15
N PHE D 216 -20.69 18.54 -0.87
CA PHE D 216 -21.59 17.75 -0.03
C PHE D 216 -23.00 18.37 0.10
N THR D 217 -23.09 19.70 0.20
CA THR D 217 -24.34 20.46 0.31
C THR D 217 -25.24 20.23 -0.90
N ASN D 218 -24.63 19.92 -2.08
CA ASN D 218 -25.40 19.61 -3.30
C ASN D 218 -25.59 18.09 -3.47
N ALA D 219 -24.51 17.29 -3.35
CA ALA D 219 -24.50 15.82 -3.45
C ALA D 219 -25.49 15.12 -2.47
N PHE D 220 -25.60 15.62 -1.22
CA PHE D 220 -26.52 15.03 -0.24
C PHE D 220 -27.99 15.33 -0.52
N ARG D 221 -28.26 16.17 -1.53
CA ARG D 221 -29.60 16.48 -1.97
C ARG D 221 -30.15 15.32 -2.82
N TYR D 222 -29.46 14.18 -2.82
CA TYR D 222 -29.92 12.96 -3.50
C TYR D 222 -31.30 12.53 -2.90
N GLY D 223 -31.52 12.87 -1.61
CA GLY D 223 -32.71 12.54 -0.83
C GLY D 223 -34.01 13.06 -1.42
N HIS D 224 -33.90 14.06 -2.30
CA HIS D 224 -35.01 14.65 -3.02
C HIS D 224 -35.67 13.63 -3.93
N THR D 225 -34.89 12.61 -4.37
CA THR D 225 -35.40 11.53 -5.23
C THR D 225 -36.26 10.56 -4.41
N LEU D 226 -36.07 10.53 -3.07
CA LEU D 226 -36.78 9.66 -2.14
C LEU D 226 -38.17 10.19 -1.72
N ILE D 227 -38.48 11.43 -2.10
CA ILE D 227 -39.68 12.11 -1.66
C ILE D 227 -40.95 11.65 -2.33
N GLN D 228 -41.93 11.23 -1.49
CA GLN D 228 -43.29 10.86 -1.92
C GLN D 228 -44.13 12.13 -2.11
N PRO D 229 -45.04 12.16 -3.10
CA PRO D 229 -45.84 13.36 -3.34
C PRO D 229 -46.90 13.69 -2.26
N PHE D 230 -47.01 12.84 -1.20
CA PHE D 230 -47.97 13.03 -0.11
C PHE D 230 -47.38 12.84 1.28
N MET D 231 -48.07 13.40 2.30
CA MET D 231 -47.79 13.16 3.70
C MET D 231 -48.88 12.14 4.05
N PHE D 232 -48.48 11.03 4.66
CA PHE D 232 -49.37 9.93 4.99
C PHE D 232 -49.70 9.92 6.46
N ARG D 233 -51.00 9.97 6.79
CA ARG D 233 -51.47 9.96 8.17
C ARG D 233 -52.14 8.64 8.50
N LEU D 234 -51.67 7.96 9.56
CA LEU D 234 -52.20 6.68 9.98
C LEU D 234 -52.62 6.64 11.48
N ASP D 235 -53.77 6.00 11.78
CA ASP D 235 -54.29 5.85 13.15
C ASP D 235 -53.56 4.75 13.95
N ASN D 236 -53.89 4.62 15.27
CA ASN D 236 -53.31 3.64 16.21
C ASN D 236 -53.26 2.17 15.72
N ARG D 237 -54.06 1.85 14.67
CA ARG D 237 -54.12 0.53 14.07
C ARG D 237 -53.49 0.53 12.66
N TYR D 238 -52.67 1.57 12.36
CA TYR D 238 -51.92 1.81 11.12
C TYR D 238 -52.73 1.87 9.86
N GLN D 239 -53.99 2.26 9.99
CA GLN D 239 -54.89 2.38 8.84
C GLN D 239 -55.01 3.87 8.52
N PRO D 240 -55.39 4.25 7.27
CA PRO D 240 -55.50 5.68 6.95
C PRO D 240 -56.29 6.51 7.95
N MET D 241 -55.85 7.74 8.19
CA MET D 241 -56.55 8.62 9.11
C MET D 241 -57.40 9.64 8.37
N GLU D 242 -58.70 9.30 8.23
CA GLU D 242 -59.71 10.11 7.57
C GLU D 242 -60.16 11.23 8.54
N PRO D 243 -60.43 12.48 8.09
CA PRO D 243 -60.32 12.97 6.71
C PRO D 243 -58.86 13.28 6.31
N ASN D 244 -58.60 13.33 4.98
CA ASN D 244 -57.30 13.63 4.37
C ASN D 244 -56.13 12.73 4.86
N PRO D 245 -56.11 11.41 4.54
CA PRO D 245 -54.96 10.58 4.97
C PRO D 245 -53.69 10.76 4.12
N ARG D 246 -53.86 11.31 2.88
CA ARG D 246 -52.85 11.59 1.86
C ARG D 246 -52.96 13.07 1.44
N VAL D 247 -52.14 13.93 2.08
CA VAL D 247 -52.17 15.35 1.73
C VAL D 247 -51.10 15.66 0.67
N PRO D 248 -51.46 16.26 -0.51
CA PRO D 248 -50.44 16.64 -1.51
C PRO D 248 -49.36 17.46 -0.81
N LEU D 249 -48.07 17.21 -1.15
CA LEU D 249 -46.94 17.90 -0.50
C LEU D 249 -46.98 19.42 -0.63
N SER D 250 -47.55 19.93 -1.73
CA SER D 250 -47.75 21.36 -2.02
C SER D 250 -48.78 22.03 -1.07
N ARG D 251 -49.21 21.30 -0.03
CA ARG D 251 -50.21 21.74 0.95
C ARG D 251 -49.70 21.58 2.39
N VAL D 252 -48.58 20.83 2.59
CA VAL D 252 -47.95 20.53 3.88
C VAL D 252 -46.64 21.34 4.17
N PHE D 253 -46.09 21.99 3.14
CA PHE D 253 -44.89 22.81 3.30
C PHE D 253 -45.23 23.96 4.23
N PHE D 254 -44.48 24.08 5.34
CA PHE D 254 -44.69 25.07 6.41
C PHE D 254 -46.06 24.94 7.07
N ALA D 255 -46.59 23.70 7.17
CA ALA D 255 -47.91 23.50 7.77
C ALA D 255 -47.83 23.08 9.24
N SER D 256 -47.27 23.98 10.08
CA SER D 256 -47.12 23.79 11.52
C SER D 256 -48.48 23.50 12.16
N TRP D 257 -49.56 24.08 11.59
CA TRP D 257 -50.92 23.88 12.05
C TRP D 257 -51.34 22.41 12.10
N ARG D 258 -51.02 21.62 11.04
CA ARG D 258 -51.36 20.20 10.95
C ARG D 258 -50.77 19.37 12.10
N VAL D 259 -49.68 19.84 12.70
CA VAL D 259 -49.05 19.19 13.83
C VAL D 259 -49.89 19.52 15.10
N VAL D 260 -50.28 20.79 15.25
CA VAL D 260 -51.05 21.25 16.41
C VAL D 260 -52.54 20.83 16.31
N LEU D 261 -53.22 21.23 15.22
CA LEU D 261 -54.65 21.04 14.95
C LEU D 261 -55.10 19.82 14.12
N GLU D 262 -54.20 18.86 13.75
CA GLU D 262 -54.58 17.69 12.94
C GLU D 262 -54.05 16.33 13.45
N GLY D 263 -53.92 16.20 14.76
CA GLY D 263 -53.54 14.94 15.38
C GLY D 263 -52.20 14.83 16.06
N GLY D 264 -51.36 15.82 15.85
CA GLY D 264 -50.03 15.78 16.42
C GLY D 264 -49.06 14.96 15.60
N ILE D 265 -47.97 14.54 16.24
CA ILE D 265 -46.86 13.83 15.61
C ILE D 265 -47.07 12.34 15.38
N ASP D 266 -47.80 11.65 16.29
CA ASP D 266 -48.10 10.21 16.20
C ASP D 266 -48.71 9.74 14.86
N PRO D 267 -49.72 10.41 14.25
CA PRO D 267 -50.20 9.95 12.93
C PRO D 267 -49.15 10.16 11.82
N ILE D 268 -48.33 11.25 11.93
CA ILE D 268 -47.25 11.60 10.99
C ILE D 268 -46.12 10.54 11.03
N LEU D 269 -45.61 10.19 12.24
CA LEU D 269 -44.55 9.18 12.41
C LEU D 269 -44.97 7.81 11.89
N ARG D 270 -46.24 7.42 12.12
CA ARG D 270 -46.83 6.16 11.70
C ARG D 270 -46.89 6.08 10.20
N GLY D 271 -47.06 7.23 9.56
CA GLY D 271 -47.09 7.35 8.11
C GLY D 271 -45.71 7.25 7.50
N LEU D 272 -44.67 7.56 8.28
CA LEU D 272 -43.28 7.48 7.85
C LEU D 272 -42.77 6.05 7.98
N MET D 273 -43.24 5.33 9.02
CA MET D 273 -42.82 3.97 9.31
C MET D 273 -43.43 2.93 8.36
N ALA D 274 -44.71 3.13 7.95
CA ALA D 274 -45.47 2.15 7.16
C ALA D 274 -45.78 2.51 5.70
N THR D 275 -45.14 3.56 5.18
CA THR D 275 -45.31 3.93 3.79
C THR D 275 -43.94 3.75 3.13
N PRO D 276 -43.88 3.15 1.91
CA PRO D 276 -42.57 3.01 1.26
C PRO D 276 -42.09 4.37 0.77
N ALA D 277 -40.77 4.56 0.80
CA ALA D 277 -40.15 5.77 0.26
C ALA D 277 -40.29 5.72 -1.28
N LYS D 278 -40.15 6.85 -1.97
CA LYS D 278 -40.16 6.83 -3.43
C LYS D 278 -38.80 6.22 -3.84
N LEU D 279 -38.79 5.42 -4.92
CA LEU D 279 -37.56 4.80 -5.41
C LEU D 279 -36.92 5.67 -6.49
N ASN D 280 -35.58 5.83 -6.44
CA ASN D 280 -34.95 6.61 -7.52
C ASN D 280 -34.83 5.71 -8.77
N ARG D 281 -35.30 6.24 -9.93
CA ARG D 281 -35.26 5.58 -11.23
C ARG D 281 -34.85 6.60 -12.27
N GLN D 282 -34.13 6.18 -13.31
CA GLN D 282 -33.57 7.03 -14.35
C GLN D 282 -34.59 7.75 -15.25
N ASN D 283 -35.88 7.41 -15.11
CA ASN D 283 -36.96 8.04 -15.87
C ASN D 283 -38.03 8.60 -14.92
N GLN D 284 -37.78 8.44 -13.61
CA GLN D 284 -38.63 8.79 -12.47
C GLN D 284 -37.76 9.40 -11.31
N ILE D 285 -37.03 10.50 -11.63
CA ILE D 285 -36.10 11.14 -10.69
C ILE D 285 -36.74 11.84 -9.46
N ALA D 286 -37.61 12.85 -9.70
CA ALA D 286 -38.29 13.65 -8.65
C ALA D 286 -39.68 14.11 -9.07
N VAL D 287 -40.61 14.06 -8.11
CA VAL D 287 -42.04 14.38 -8.30
C VAL D 287 -42.34 15.86 -8.52
N ASP D 288 -43.44 16.15 -9.23
CA ASP D 288 -43.89 17.50 -9.51
C ASP D 288 -44.36 18.33 -8.28
N GLU D 289 -44.57 17.67 -7.13
CA GLU D 289 -44.98 18.31 -5.89
C GLU D 289 -43.85 19.21 -5.39
N ILE D 290 -42.60 18.79 -5.67
CA ILE D 290 -41.36 19.52 -5.38
C ILE D 290 -40.69 20.05 -6.65
N ARG D 291 -41.22 19.73 -7.85
CA ARG D 291 -40.64 20.17 -9.13
C ARG D 291 -41.44 21.31 -9.77
N GLU D 292 -42.71 21.47 -9.35
CA GLU D 292 -43.61 22.50 -9.89
C GLU D 292 -44.28 23.26 -8.76
N ARG D 293 -44.46 22.61 -7.61
CA ARG D 293 -45.24 23.19 -6.53
C ARG D 293 -44.48 23.34 -5.20
N LEU D 294 -43.16 23.59 -5.24
CA LEU D 294 -42.42 23.75 -4.00
C LEU D 294 -42.76 25.09 -3.33
N PHE D 295 -43.32 25.00 -2.10
CA PHE D 295 -43.74 26.12 -1.27
C PHE D 295 -44.75 27.04 -2.02
N GLU D 296 -45.66 26.41 -2.78
CA GLU D 296 -46.71 27.01 -3.62
C GLU D 296 -47.63 28.00 -2.85
N GLN D 297 -47.97 27.62 -1.59
CA GLN D 297 -48.86 28.32 -0.65
C GLN D 297 -48.24 29.54 0.05
N VAL D 298 -46.92 29.80 -0.13
CA VAL D 298 -46.22 30.90 0.57
C VAL D 298 -45.57 31.93 -0.36
N MET D 299 -45.24 31.54 -1.59
CA MET D 299 -44.55 32.36 -2.58
C MET D 299 -45.50 32.87 -3.68
N ARG D 300 -45.00 33.79 -4.54
CA ARG D 300 -45.75 34.32 -5.68
C ARG D 300 -45.84 33.25 -6.78
N ILE D 301 -45.03 32.17 -6.65
CA ILE D 301 -44.90 31.07 -7.60
C ILE D 301 -44.31 29.83 -6.90
N GLY D 302 -44.75 28.65 -7.34
CA GLY D 302 -44.23 27.39 -6.82
C GLY D 302 -42.81 27.15 -7.34
N LEU D 303 -41.90 26.79 -6.45
CA LEU D 303 -40.51 26.55 -6.83
C LEU D 303 -40.27 25.15 -7.44
N ASP D 304 -39.17 25.03 -8.20
CA ASP D 304 -38.73 23.80 -8.82
C ASP D 304 -37.47 23.39 -8.07
N LEU D 305 -37.62 22.55 -7.04
CA LEU D 305 -36.50 22.09 -6.21
C LEU D 305 -35.35 21.49 -7.00
N PRO D 306 -35.54 20.50 -7.92
CA PRO D 306 -34.39 19.99 -8.69
C PRO D 306 -33.63 21.07 -9.46
N ALA D 307 -34.35 22.01 -10.07
CA ALA D 307 -33.78 23.13 -10.82
C ALA D 307 -33.02 24.08 -9.87
N LEU D 308 -33.50 24.25 -8.61
CA LEU D 308 -32.85 25.09 -7.57
C LEU D 308 -31.53 24.47 -7.19
N ASN D 309 -31.49 23.13 -7.10
CA ASN D 309 -30.30 22.35 -6.79
C ASN D 309 -29.18 22.62 -7.82
N MET D 310 -29.57 22.69 -9.10
CA MET D 310 -28.65 22.88 -10.21
C MET D 310 -28.12 24.28 -10.29
N GLN D 311 -29.01 25.28 -10.07
CA GLN D 311 -28.68 26.70 -10.08
C GLN D 311 -27.74 26.99 -8.87
N ARG D 312 -27.96 26.28 -7.75
CA ARG D 312 -27.16 26.41 -6.54
C ARG D 312 -25.77 25.80 -6.68
N SER D 313 -25.64 24.68 -7.41
CA SER D 313 -24.32 24.07 -7.66
C SER D 313 -23.45 25.05 -8.52
N ARG D 314 -24.09 25.83 -9.38
CA ARG D 314 -23.52 26.80 -10.29
C ARG D 314 -23.19 28.07 -9.51
N ASP D 315 -24.10 28.46 -8.59
CA ASP D 315 -23.93 29.56 -7.64
C ASP D 315 -22.65 29.29 -6.84
N HIS D 316 -22.47 28.04 -6.34
CA HIS D 316 -21.34 27.62 -5.49
C HIS D 316 -20.08 27.27 -6.26
N GLY D 317 -20.08 27.57 -7.57
CA GLY D 317 -18.97 27.30 -8.45
C GLY D 317 -18.48 25.86 -8.40
N LEU D 318 -19.40 24.92 -8.21
CA LEU D 318 -19.02 23.52 -8.13
C LEU D 318 -18.63 22.98 -9.52
N PRO D 319 -17.45 22.33 -9.64
CA PRO D 319 -17.09 21.66 -10.89
C PRO D 319 -18.15 20.68 -11.40
N GLY D 320 -18.06 20.36 -12.68
CA GLY D 320 -19.00 19.46 -13.33
C GLY D 320 -18.81 18.02 -12.97
N TYR D 321 -19.74 17.18 -13.44
CA TYR D 321 -19.79 15.73 -13.24
C TYR D 321 -18.45 14.99 -13.37
N ASN D 322 -17.76 15.13 -14.53
CA ASN D 322 -16.47 14.44 -14.79
C ASN D 322 -15.35 14.79 -13.83
N ALA D 323 -15.25 16.06 -13.45
CA ALA D 323 -14.24 16.52 -12.48
C ALA D 323 -14.46 15.80 -11.15
N TRP D 324 -15.73 15.62 -10.74
CA TRP D 324 -16.05 14.87 -9.52
C TRP D 324 -15.77 13.38 -9.67
N ARG D 325 -16.05 12.80 -10.86
CA ARG D 325 -15.74 11.40 -11.13
C ARG D 325 -14.23 11.22 -10.97
N ARG D 326 -13.44 12.11 -11.63
CA ARG D 326 -11.98 12.10 -11.57
C ARG D 326 -11.49 12.25 -10.16
N PHE D 327 -12.10 13.16 -9.38
CA PHE D 327 -11.80 13.34 -7.95
C PHE D 327 -11.94 11.99 -7.21
N CYS D 328 -13.06 11.30 -7.43
CA CYS D 328 -13.38 9.97 -6.84
C CYS D 328 -12.52 8.83 -7.35
N GLY D 329 -11.96 8.98 -8.56
CA GLY D 329 -11.10 7.98 -9.17
C GLY D 329 -11.93 7.01 -9.96
N LEU D 330 -12.86 7.58 -10.68
CA LEU D 330 -13.84 6.89 -11.47
C LEU D 330 -13.61 7.22 -12.92
N PRO D 331 -13.87 6.29 -13.87
CA PRO D 331 -13.72 6.62 -15.30
C PRO D 331 -14.57 7.83 -15.68
N GLN D 332 -13.99 8.79 -16.43
CA GLN D 332 -14.71 10.01 -16.83
C GLN D 332 -15.27 9.86 -18.22
N PRO D 333 -16.61 9.65 -18.36
CA PRO D 333 -17.19 9.49 -19.70
C PRO D 333 -17.02 10.73 -20.58
N GLU D 334 -16.30 10.59 -21.71
CA GLU D 334 -16.07 11.74 -22.59
C GLU D 334 -17.19 11.99 -23.59
N THR D 335 -17.88 10.91 -24.01
CA THR D 335 -18.98 11.04 -24.99
C THR D 335 -20.29 10.43 -24.54
N VAL D 336 -21.36 10.66 -25.33
CA VAL D 336 -22.69 10.11 -25.12
C VAL D 336 -22.67 8.57 -25.05
N GLY D 337 -21.83 7.92 -25.86
CA GLY D 337 -21.67 6.48 -25.85
C GLY D 337 -20.92 6.04 -24.60
N GLN D 338 -20.00 6.88 -24.15
CA GLN D 338 -19.23 6.60 -22.94
C GLN D 338 -20.11 6.74 -21.69
N LEU D 339 -20.94 7.78 -21.65
CA LEU D 339 -21.88 8.08 -20.56
C LEU D 339 -22.92 6.96 -20.42
N GLY D 340 -23.39 6.46 -21.59
CA GLY D 340 -24.31 5.35 -21.72
C GLY D 340 -23.86 4.15 -20.94
N THR D 341 -22.57 3.80 -21.06
CA THR D 341 -21.92 2.69 -20.34
C THR D 341 -21.96 2.92 -18.82
N VAL D 342 -21.46 4.09 -18.36
CA VAL D 342 -21.40 4.51 -16.94
C VAL D 342 -22.81 4.49 -16.30
N LEU D 343 -23.78 5.09 -16.99
CA LEU D 343 -25.20 5.12 -16.59
C LEU D 343 -25.97 3.79 -16.77
N ARG D 344 -25.49 2.88 -17.69
CA ARG D 344 -26.16 1.63 -18.07
C ARG D 344 -27.59 2.03 -18.56
N ASN D 345 -27.67 3.14 -19.31
CA ASN D 345 -28.91 3.74 -19.80
C ASN D 345 -28.55 4.73 -20.88
N LEU D 346 -28.57 4.29 -22.15
CA LEU D 346 -28.24 5.16 -23.29
C LEU D 346 -29.28 6.25 -23.44
N LYS D 347 -30.57 5.93 -23.17
CA LYS D 347 -31.68 6.87 -23.26
C LYS D 347 -31.43 8.11 -22.37
N LEU D 348 -30.99 7.89 -21.10
CA LEU D 348 -30.68 8.97 -20.15
C LEU D 348 -29.43 9.80 -20.57
N ALA D 349 -28.35 9.11 -21.01
CA ALA D 349 -27.10 9.73 -21.50
C ALA D 349 -27.35 10.70 -22.66
N ARG D 350 -28.19 10.27 -23.63
CA ARG D 350 -28.58 11.05 -24.81
C ARG D 350 -29.41 12.29 -24.42
N LYS D 351 -30.29 12.14 -23.40
CA LYS D 351 -31.11 13.25 -22.89
C LYS D 351 -30.17 14.27 -22.19
N LEU D 352 -29.22 13.77 -21.38
CA LEU D 352 -28.23 14.58 -20.67
C LEU D 352 -27.31 15.33 -21.62
N MET D 353 -26.84 14.66 -22.71
CA MET D 353 -25.98 15.30 -23.73
C MET D 353 -26.68 16.35 -24.53
N GLU D 354 -27.99 16.15 -24.80
CA GLU D 354 -28.81 17.13 -25.54
C GLU D 354 -28.74 18.45 -24.76
N GLN D 355 -29.01 18.37 -23.44
CA GLN D 355 -28.99 19.46 -22.45
C GLN D 355 -27.61 20.07 -22.27
N TYR D 356 -26.62 19.24 -21.89
CA TYR D 356 -25.26 19.65 -21.53
C TYR D 356 -24.20 19.82 -22.62
N GLY D 357 -24.21 18.92 -23.61
CA GLY D 357 -23.23 18.95 -24.69
C GLY D 357 -21.99 18.12 -24.40
N THR D 358 -21.65 17.96 -23.12
CA THR D 358 -20.49 17.21 -22.63
C THR D 358 -20.71 16.77 -21.19
N PRO D 359 -20.26 15.56 -20.78
CA PRO D 359 -20.46 15.16 -19.38
C PRO D 359 -19.54 15.93 -18.41
N ASN D 360 -18.73 16.89 -18.93
CA ASN D 360 -17.85 17.74 -18.13
C ASN D 360 -18.69 18.83 -17.46
N ASN D 361 -19.81 19.23 -18.12
CA ASN D 361 -20.77 20.27 -17.74
C ASN D 361 -22.01 19.78 -16.97
N ILE D 362 -22.24 18.44 -16.87
CA ILE D 362 -23.41 17.93 -16.11
C ILE D 362 -23.28 18.39 -14.65
N ASP D 363 -24.34 19.03 -14.14
CA ASP D 363 -24.42 19.52 -12.77
C ASP D 363 -24.33 18.31 -11.83
N ILE D 364 -23.63 18.47 -10.70
CA ILE D 364 -23.37 17.37 -9.75
C ILE D 364 -24.61 16.64 -9.24
N TRP D 365 -25.68 17.37 -8.87
CA TRP D 365 -26.90 16.70 -8.43
C TRP D 365 -27.48 15.85 -9.57
N MET D 366 -27.56 16.40 -10.82
CA MET D 366 -28.09 15.75 -12.01
C MET D 366 -27.36 14.47 -12.35
N GLY D 367 -26.05 14.57 -12.52
CA GLY D 367 -25.20 13.44 -12.85
C GLY D 367 -25.17 12.39 -11.76
N GLY D 368 -25.09 12.84 -10.51
CA GLY D 368 -25.04 11.96 -9.36
C GLY D 368 -26.31 11.13 -9.17
N VAL D 369 -27.49 11.76 -9.30
CA VAL D 369 -28.82 11.12 -9.12
C VAL D 369 -29.19 10.28 -10.35
N SER D 370 -28.53 10.55 -11.50
CA SER D 370 -28.70 9.86 -12.78
C SER D 370 -28.03 8.49 -12.79
N GLU D 371 -26.97 8.32 -11.97
CA GLU D 371 -26.22 7.07 -11.90
C GLU D 371 -27.04 5.85 -11.46
N PRO D 372 -26.73 4.62 -11.94
CA PRO D 372 -27.49 3.46 -11.44
C PRO D 372 -27.15 3.27 -9.97
N LEU D 373 -28.13 2.79 -9.19
CA LEU D 373 -28.00 2.57 -7.76
C LEU D 373 -27.09 1.38 -7.46
N LYS D 374 -26.26 1.47 -6.39
CA LYS D 374 -25.34 0.37 -6.02
C LYS D 374 -26.17 -0.75 -5.39
N ARG D 375 -25.59 -1.98 -5.33
CA ARG D 375 -26.27 -3.13 -4.73
C ARG D 375 -26.51 -2.85 -3.24
N LYS D 376 -27.80 -2.84 -2.83
CA LYS D 376 -28.30 -2.60 -1.45
C LYS D 376 -28.06 -1.16 -0.93
N GLY D 377 -28.11 -0.21 -1.85
CA GLY D 377 -27.91 1.20 -1.55
C GLY D 377 -28.80 2.03 -2.43
N ARG D 378 -28.90 3.32 -2.12
CA ARG D 378 -29.76 4.24 -2.86
C ARG D 378 -29.05 5.37 -3.63
N VAL D 379 -27.71 5.22 -3.80
CA VAL D 379 -26.81 6.13 -4.54
C VAL D 379 -25.91 5.33 -5.47
N GLY D 380 -25.44 5.97 -6.54
CA GLY D 380 -24.48 5.34 -7.45
C GLY D 380 -23.03 5.43 -6.98
N PRO D 381 -22.05 5.12 -7.86
CA PRO D 381 -20.63 5.19 -7.42
C PRO D 381 -20.12 6.57 -7.01
N LEU D 382 -20.55 7.64 -7.73
CA LEU D 382 -20.15 9.04 -7.48
C LEU D 382 -20.74 9.66 -6.19
N LEU D 383 -22.06 9.49 -6.00
CA LEU D 383 -22.69 9.96 -4.78
C LEU D 383 -22.21 9.14 -3.58
N ALA D 384 -21.90 7.85 -3.77
CA ALA D 384 -21.39 7.00 -2.68
C ALA D 384 -20.03 7.48 -2.21
N CYS D 385 -19.19 7.93 -3.17
CA CYS D 385 -17.88 8.45 -2.83
C CYS D 385 -17.99 9.78 -2.09
N ILE D 386 -18.76 10.73 -2.63
CA ILE D 386 -18.94 12.03 -2.01
C ILE D 386 -19.55 11.92 -0.61
N ILE D 387 -20.68 11.14 -0.48
CA ILE D 387 -21.38 10.91 0.79
C ILE D 387 -20.44 10.19 1.77
N GLY D 388 -19.92 9.04 1.38
CA GLY D 388 -19.01 8.25 2.23
C GLY D 388 -17.75 8.96 2.73
N THR D 389 -17.06 9.71 1.82
CA THR D 389 -15.86 10.49 2.15
C THR D 389 -16.24 11.54 3.24
N GLN D 390 -17.32 12.31 3.00
CA GLN D 390 -17.79 13.27 3.98
C GLN D 390 -18.02 12.63 5.35
N PHE D 391 -18.83 11.55 5.42
CA PHE D 391 -19.14 10.90 6.68
C PHE D 391 -17.95 10.33 7.43
N ARG D 392 -16.94 9.80 6.69
CA ARG D 392 -15.74 9.31 7.36
C ARG D 392 -15.01 10.45 8.07
N LYS D 393 -15.02 11.62 7.43
CA LYS D 393 -14.39 12.80 7.99
C LYS D 393 -15.10 13.31 9.24
N LEU D 394 -16.45 13.29 9.24
CA LEU D 394 -17.27 13.67 10.40
C LEU D 394 -17.11 12.70 11.59
N ARG D 395 -16.76 11.42 11.32
CA ARG D 395 -16.55 10.34 12.27
C ARG D 395 -15.11 10.34 12.84
N ASP D 396 -14.08 10.28 11.96
CA ASP D 396 -12.67 10.23 12.40
C ASP D 396 -12.12 11.57 12.87
N GLY D 397 -12.72 12.66 12.40
CA GLY D 397 -12.32 14.02 12.77
C GLY D 397 -13.14 14.65 13.88
N ASP D 398 -13.84 13.81 14.65
CA ASP D 398 -14.68 14.26 15.74
C ASP D 398 -14.11 13.79 17.06
N ARG D 399 -13.72 14.75 17.94
CA ARG D 399 -13.13 14.41 19.24
C ARG D 399 -14.16 13.81 20.21
N PHE D 400 -15.43 14.20 20.05
CA PHE D 400 -16.57 13.75 20.85
C PHE D 400 -17.36 12.65 20.13
N TRP D 401 -16.67 11.84 19.31
CA TRP D 401 -17.34 10.70 18.66
C TRP D 401 -17.53 9.70 19.76
N TRP D 402 -18.77 9.18 19.84
CA TRP D 402 -19.23 8.28 20.87
C TRP D 402 -18.32 7.10 21.24
N GLU D 403 -17.52 6.59 20.27
CA GLU D 403 -16.59 5.47 20.49
C GLU D 403 -15.18 5.91 20.93
N ASN D 404 -14.84 7.20 20.81
CA ASN D 404 -13.51 7.71 21.15
C ASN D 404 -13.26 7.69 22.66
N GLU D 405 -12.09 7.14 23.09
CA GLU D 405 -11.68 7.06 24.49
C GLU D 405 -11.86 8.41 25.21
N GLY D 406 -12.54 8.37 26.36
CA GLY D 406 -12.81 9.55 27.18
C GLY D 406 -14.16 10.24 27.05
N VAL D 407 -14.98 9.89 26.03
CA VAL D 407 -16.32 10.48 25.80
C VAL D 407 -17.33 9.76 26.72
N PHE D 408 -17.30 8.43 26.72
CA PHE D 408 -18.14 7.57 27.54
C PHE D 408 -17.26 6.42 28.03
N SER D 409 -17.66 5.77 29.15
CA SER D 409 -16.96 4.62 29.73
C SER D 409 -17.35 3.34 28.99
N MET D 410 -16.59 2.23 29.21
CA MET D 410 -16.87 0.95 28.52
C MET D 410 -18.34 0.52 28.66
N GLN D 411 -18.90 0.67 29.89
CA GLN D 411 -20.30 0.36 30.24
C GLN D 411 -21.29 1.28 29.51
N GLN D 412 -21.09 2.63 29.62
CA GLN D 412 -21.90 3.65 28.95
C GLN D 412 -22.03 3.37 27.45
N ARG D 413 -20.88 3.01 26.78
CA ARG D 413 -20.80 2.67 25.35
C ARG D 413 -21.55 1.37 25.07
N GLN D 414 -21.36 0.33 25.93
CA GLN D 414 -22.06 -0.95 25.82
C GLN D 414 -23.58 -0.76 26.01
N ALA D 415 -23.97 0.29 26.79
CA ALA D 415 -25.36 0.66 27.06
C ALA D 415 -25.98 1.44 25.88
N LEU D 416 -25.21 2.36 25.23
CA LEU D 416 -25.67 3.15 24.07
C LEU D 416 -25.88 2.27 22.83
N ALA D 417 -25.13 1.16 22.71
CA ALA D 417 -25.21 0.17 21.63
C ALA D 417 -26.61 -0.43 21.44
N GLN D 418 -27.43 -0.39 22.52
CA GLN D 418 -28.78 -0.95 22.57
C GLN D 418 -29.88 -0.05 21.96
N ILE D 419 -29.56 1.26 21.79
CA ILE D 419 -30.49 2.26 21.23
C ILE D 419 -30.99 1.97 19.81
N SER D 420 -32.10 2.59 19.47
CA SER D 420 -32.72 2.49 18.15
C SER D 420 -33.78 3.56 18.04
N LEU D 421 -33.95 4.08 16.81
CA LEU D 421 -34.98 5.07 16.47
C LEU D 421 -36.38 4.49 16.85
N PRO D 422 -36.73 3.19 16.55
CA PRO D 422 -38.02 2.65 17.01
C PRO D 422 -38.31 2.82 18.51
N ARG D 423 -37.37 2.40 19.40
CA ARG D 423 -37.42 2.51 20.85
C ARG D 423 -37.62 3.97 21.29
N ILE D 424 -36.94 4.94 20.62
CA ILE D 424 -37.04 6.38 20.90
C ILE D 424 -38.47 6.87 20.62
N ILE D 425 -39.15 6.27 19.62
CA ILE D 425 -40.53 6.61 19.30
C ILE D 425 -41.47 6.10 20.44
N CYS D 426 -41.15 4.93 21.03
CA CYS D 426 -41.93 4.33 22.13
C CYS D 426 -41.93 5.18 23.41
N ASP D 427 -40.74 5.58 23.88
CA ASP D 427 -40.54 6.37 25.10
C ASP D 427 -40.98 7.84 24.97
N ASN D 428 -41.38 8.29 23.75
CA ASN D 428 -41.72 9.71 23.49
C ASN D 428 -43.03 9.99 22.77
N THR D 429 -43.80 8.94 22.47
CA THR D 429 -45.12 9.02 21.83
C THR D 429 -46.06 7.99 22.49
N GLY D 430 -47.31 7.95 22.03
CA GLY D 430 -48.29 6.97 22.47
C GLY D 430 -48.27 5.70 21.63
N ILE D 431 -47.51 5.72 20.50
CA ILE D 431 -47.34 4.60 19.56
C ILE D 431 -46.82 3.31 20.25
N THR D 432 -47.57 2.21 20.11
CA THR D 432 -47.27 0.91 20.72
C THR D 432 -46.73 -0.12 19.72
N THR D 433 -46.93 0.13 18.42
CA THR D 433 -46.46 -0.76 17.37
C THR D 433 -45.51 0.02 16.46
N VAL D 434 -44.22 -0.30 16.55
CA VAL D 434 -43.16 0.41 15.79
C VAL D 434 -42.46 -0.52 14.79
N SER D 435 -41.75 0.08 13.81
CA SER D 435 -40.97 -0.60 12.77
C SER D 435 -39.97 -1.54 13.45
N LYS D 436 -39.83 -2.77 12.93
CA LYS D 436 -38.87 -3.75 13.42
C LYS D 436 -37.51 -3.39 12.82
N ASN D 437 -36.41 -3.46 13.63
CA ASN D 437 -35.03 -3.15 13.18
C ASN D 437 -34.72 -3.93 11.88
N ASN D 438 -34.29 -3.26 10.81
CA ASN D 438 -33.92 -1.85 10.68
C ASN D 438 -35.09 -0.99 10.21
N ILE D 439 -35.37 0.11 10.97
CA ILE D 439 -36.44 1.10 10.72
C ILE D 439 -36.48 1.62 9.28
N PHE D 440 -35.30 1.98 8.71
CA PHE D 440 -35.18 2.55 7.36
C PHE D 440 -35.52 1.55 6.24
N MET D 441 -35.41 0.25 6.55
CA MET D 441 -35.76 -0.79 5.60
C MET D 441 -37.27 -1.17 5.71
N SER D 442 -37.77 -1.36 6.96
CA SER D 442 -39.17 -1.73 7.31
C SER D 442 -40.20 -0.72 6.81
N ASN D 443 -41.13 -1.15 5.96
CA ASN D 443 -42.16 -0.24 5.40
C ASN D 443 -43.56 -0.84 5.28
N SER D 444 -43.73 -2.14 5.67
CA SER D 444 -45.03 -2.80 5.52
C SER D 444 -45.64 -3.28 6.83
N TYR D 445 -46.81 -2.70 7.18
CA TYR D 445 -47.58 -3.05 8.37
C TYR D 445 -48.58 -4.16 8.04
N PRO D 446 -48.66 -5.25 8.85
CA PRO D 446 -47.91 -5.54 10.09
C PRO D 446 -46.62 -6.36 9.93
N ARG D 447 -46.28 -6.77 8.68
CA ARG D 447 -45.14 -7.61 8.29
C ARG D 447 -43.82 -7.30 9.02
N ASP D 448 -43.40 -6.00 9.02
CA ASP D 448 -42.14 -5.56 9.63
C ASP D 448 -42.39 -4.67 10.86
N PHE D 449 -43.46 -4.98 11.64
CA PHE D 449 -43.82 -4.22 12.83
C PHE D 449 -43.86 -5.07 14.08
N VAL D 450 -43.45 -4.48 15.20
CA VAL D 450 -43.34 -5.16 16.50
C VAL D 450 -43.85 -4.29 17.65
N ASN D 451 -44.05 -4.92 18.81
CA ASN D 451 -44.50 -4.21 20.00
C ASN D 451 -43.31 -3.67 20.80
N CYS D 452 -43.50 -2.51 21.43
CA CYS D 452 -42.52 -1.77 22.24
C CYS D 452 -41.87 -2.59 23.36
N SER D 453 -42.64 -3.47 24.03
CA SER D 453 -42.22 -4.33 25.13
C SER D 453 -41.02 -5.22 24.75
N THR D 454 -41.02 -5.69 23.49
CA THR D 454 -40.01 -6.56 22.90
C THR D 454 -38.67 -5.81 22.67
N LEU D 455 -38.73 -4.46 22.55
CA LEU D 455 -37.57 -3.61 22.33
C LEU D 455 -36.90 -3.31 23.66
N PRO D 456 -35.55 -3.46 23.75
CA PRO D 456 -34.88 -3.12 25.02
C PRO D 456 -34.67 -1.62 25.17
N ALA D 457 -34.87 -1.09 26.39
CA ALA D 457 -34.66 0.33 26.66
C ALA D 457 -33.21 0.63 27.03
N LEU D 458 -32.83 1.93 26.95
CA LEU D 458 -31.49 2.42 27.28
C LEU D 458 -31.31 2.40 28.80
N ASN D 459 -30.44 1.50 29.30
CA ASN D 459 -30.15 1.32 30.72
C ASN D 459 -29.15 2.39 31.22
N LEU D 460 -29.70 3.49 31.79
CA LEU D 460 -28.90 4.61 32.32
C LEU D 460 -28.12 4.27 33.61
N ALA D 461 -28.09 2.97 34.02
CA ALA D 461 -27.39 2.47 35.22
C ALA D 461 -25.94 2.95 35.31
N SER D 462 -25.21 2.92 34.17
CA SER D 462 -23.81 3.33 34.05
C SER D 462 -23.59 4.84 34.23
N TRP D 463 -24.67 5.65 34.20
CA TRP D 463 -24.59 7.10 34.40
C TRP D 463 -24.74 7.49 35.89
N ARG D 464 -24.91 6.49 36.79
CA ARG D 464 -25.07 6.75 38.22
C ARG D 464 -23.70 7.02 38.87
N GLU D 465 -23.56 8.22 39.47
CA GLU D 465 -22.35 8.70 40.15
C GLU D 465 -22.62 9.00 41.63
N CYS E 1 7.60 -23.46 -24.53
CA CYS E 1 8.76 -24.31 -24.27
C CYS E 1 9.14 -25.20 -25.47
N PRO E 2 10.14 -24.78 -26.32
CA PRO E 2 10.47 -25.58 -27.51
C PRO E 2 11.07 -26.96 -27.27
N GLU E 3 10.52 -27.96 -28.00
CA GLU E 3 10.88 -29.39 -27.96
C GLU E 3 12.34 -29.68 -28.28
N GLN E 4 12.95 -28.85 -29.15
CA GLN E 4 14.36 -28.95 -29.54
C GLN E 4 15.05 -27.60 -29.33
N ASP E 5 16.24 -27.62 -28.70
CA ASP E 5 17.08 -26.46 -28.40
C ASP E 5 18.52 -26.87 -28.14
N LYS E 6 19.49 -26.18 -28.78
CA LYS E 6 20.92 -26.46 -28.66
C LYS E 6 21.58 -25.58 -27.62
N TYR E 7 21.01 -24.40 -27.38
CA TYR E 7 21.56 -23.48 -26.40
C TYR E 7 20.62 -23.12 -25.23
N ARG E 8 21.19 -22.48 -24.20
CA ARG E 8 20.43 -22.03 -23.06
C ARG E 8 19.73 -20.78 -23.48
N THR E 9 18.69 -20.42 -22.74
CA THR E 9 18.03 -19.15 -22.88
C THR E 9 18.83 -18.24 -21.93
N ILE E 10 18.65 -16.92 -22.04
CA ILE E 10 19.36 -15.99 -21.17
C ILE E 10 18.87 -16.00 -19.73
N THR E 11 17.54 -16.03 -19.54
CA THR E 11 16.84 -16.01 -18.25
C THR E 11 16.78 -17.34 -17.53
N GLY E 12 17.29 -18.42 -18.14
CA GLY E 12 17.29 -19.75 -17.55
C GLY E 12 15.96 -20.44 -17.69
N MET E 13 15.01 -19.77 -18.35
CA MET E 13 13.67 -20.23 -18.64
C MET E 13 13.76 -21.43 -19.54
N CYS E 14 12.95 -22.46 -19.29
CA CYS E 14 12.92 -23.66 -20.13
C CYS E 14 14.07 -24.66 -20.01
N ASN E 15 14.97 -24.48 -19.02
CA ASN E 15 16.04 -25.45 -18.75
C ASN E 15 15.34 -26.68 -18.18
N ASN E 16 14.45 -26.50 -17.19
CA ASN E 16 13.65 -27.62 -16.70
C ASN E 16 12.35 -27.57 -17.54
N ARG E 17 12.08 -28.62 -18.31
CA ARG E 17 10.93 -28.61 -19.19
C ARG E 17 9.55 -28.73 -18.51
N ARG E 18 9.47 -29.43 -17.36
CA ARG E 18 8.24 -29.62 -16.58
C ARG E 18 7.86 -28.38 -15.74
N SER E 19 8.87 -27.75 -15.13
CA SER E 19 8.67 -26.52 -14.36
C SER E 19 9.62 -25.50 -15.00
N PRO E 20 9.23 -24.90 -16.15
CA PRO E 20 10.17 -24.04 -16.88
C PRO E 20 10.78 -22.81 -16.20
N THR E 21 10.23 -22.35 -15.06
CA THR E 21 10.84 -21.21 -14.34
C THR E 21 11.90 -21.66 -13.33
N LEU E 22 12.13 -23.00 -13.16
CA LEU E 22 13.14 -23.48 -12.22
C LEU E 22 14.56 -23.12 -12.65
N GLY E 23 15.19 -22.28 -11.84
CA GLY E 23 16.54 -21.80 -12.10
C GLY E 23 16.58 -20.53 -12.92
N ALA E 24 15.41 -20.10 -13.43
CA ALA E 24 15.19 -18.89 -14.22
C ALA E 24 15.26 -17.63 -13.37
N SER E 25 15.63 -16.50 -13.95
CA SER E 25 15.80 -15.23 -13.25
C SER E 25 14.51 -14.55 -12.81
N ASN E 26 14.63 -13.64 -11.84
CA ASN E 26 13.53 -12.87 -11.29
C ASN E 26 12.36 -13.73 -10.75
N ARG E 27 12.72 -14.81 -10.06
CA ARG E 27 11.77 -15.72 -9.42
C ARG E 27 12.14 -15.81 -7.93
N ALA E 28 11.20 -16.23 -7.10
CA ALA E 28 11.40 -16.41 -5.67
C ALA E 28 12.43 -17.53 -5.43
N PHE E 29 13.25 -17.35 -4.35
CA PHE E 29 14.20 -18.37 -3.89
C PHE E 29 13.37 -19.53 -3.38
N VAL E 30 13.93 -20.74 -3.41
CA VAL E 30 13.29 -21.91 -2.84
C VAL E 30 13.63 -21.83 -1.34
N ARG E 31 12.87 -22.53 -0.50
CA ARG E 31 13.19 -22.54 0.91
C ARG E 31 13.38 -23.96 1.36
N TRP E 32 14.50 -24.22 2.04
CA TRP E 32 14.77 -25.55 2.56
C TRP E 32 14.16 -25.79 3.90
N LEU E 33 13.85 -24.70 4.60
CA LEU E 33 13.24 -24.68 5.91
C LEU E 33 12.16 -23.58 5.97
N PRO E 34 11.08 -23.70 6.77
CA PRO E 34 10.11 -22.59 6.85
C PRO E 34 10.76 -21.34 7.44
N ALA E 35 10.46 -20.16 6.87
CA ALA E 35 11.03 -18.91 7.40
C ALA E 35 10.61 -18.65 8.82
N GLU E 36 11.40 -17.86 9.55
CA GLU E 36 11.18 -17.48 10.94
C GLU E 36 11.26 -15.98 11.10
N TYR E 37 10.10 -15.37 11.27
CA TYR E 37 9.87 -13.95 11.46
C TYR E 37 9.17 -13.72 12.79
N GLU E 38 9.41 -12.52 13.38
CA GLU E 38 8.91 -11.97 14.64
C GLU E 38 7.38 -12.02 14.77
N ASP E 39 6.66 -11.82 13.63
CA ASP E 39 5.19 -11.87 13.54
C ASP E 39 4.71 -13.14 12.82
N GLY E 40 5.69 -13.95 12.41
CA GLY E 40 5.47 -15.20 11.73
C GLY E 40 5.52 -15.15 10.22
N PHE E 41 5.28 -13.98 9.65
CA PHE E 41 5.21 -13.95 8.18
C PHE E 41 5.98 -12.84 7.47
N SER E 42 6.35 -11.76 8.16
CA SER E 42 7.01 -10.63 7.48
C SER E 42 8.07 -9.86 8.28
N LEU E 43 7.79 -9.59 9.58
CA LEU E 43 8.70 -8.80 10.41
C LEU E 43 9.93 -9.52 10.85
N PRO E 44 11.11 -8.95 10.55
CA PRO E 44 12.36 -9.63 10.92
C PRO E 44 12.64 -9.56 12.42
N TYR E 45 13.37 -10.56 12.95
CA TYR E 45 13.75 -10.57 14.35
C TYR E 45 14.65 -9.39 14.67
N GLY E 46 14.22 -8.60 15.64
CA GLY E 46 14.91 -7.40 16.04
C GLY E 46 14.14 -6.16 15.66
N TRP E 47 13.07 -6.33 14.85
CA TRP E 47 12.19 -5.26 14.40
C TRP E 47 11.58 -4.51 15.60
N THR E 48 10.73 -5.17 16.39
CA THR E 48 10.11 -4.53 17.55
C THR E 48 11.05 -4.65 18.77
N PRO E 49 11.46 -3.51 19.40
CA PRO E 49 12.33 -3.62 20.58
C PRO E 49 11.57 -4.28 21.73
N GLY E 50 12.18 -5.30 22.33
CA GLY E 50 11.58 -6.05 23.43
C GLY E 50 11.13 -7.44 23.06
N VAL E 51 10.67 -7.62 21.80
CA VAL E 51 10.23 -8.92 21.27
C VAL E 51 11.44 -9.80 21.19
N LYS E 52 11.47 -10.77 22.08
CA LYS E 52 12.51 -11.78 22.23
C LYS E 52 12.36 -12.83 21.12
N ARG E 53 13.44 -13.59 20.83
CA ARG E 53 13.44 -14.68 19.86
C ARG E 53 13.68 -15.97 20.63
N ASN E 54 12.66 -16.87 20.65
CA ASN E 54 12.77 -18.19 21.28
C ASN E 54 13.20 -18.06 22.76
N GLY E 55 12.54 -17.15 23.48
CA GLY E 55 12.77 -16.87 24.89
C GLY E 55 13.97 -15.99 25.22
N PHE E 56 14.74 -15.59 24.21
CA PHE E 56 15.94 -14.79 24.43
C PHE E 56 15.92 -13.45 23.71
N PRO E 57 16.56 -12.38 24.26
CA PRO E 57 16.61 -11.08 23.54
C PRO E 57 17.35 -11.16 22.20
N VAL E 58 17.01 -10.27 21.27
CA VAL E 58 17.70 -10.27 19.99
C VAL E 58 18.99 -9.45 20.06
N ALA E 59 20.10 -10.08 19.68
CA ALA E 59 21.41 -9.46 19.69
C ALA E 59 21.59 -8.61 18.45
N LEU E 60 22.01 -7.35 18.63
CA LEU E 60 22.35 -6.39 17.57
C LEU E 60 23.44 -7.00 16.73
N ALA E 61 23.24 -7.08 15.40
CA ALA E 61 24.22 -7.66 14.45
C ALA E 61 25.56 -6.93 14.61
N ARG E 62 25.53 -5.59 14.91
CA ARG E 62 26.73 -4.78 15.15
C ARG E 62 27.42 -5.21 16.46
N ALA E 63 26.64 -5.45 17.54
CA ALA E 63 27.17 -5.98 18.82
C ALA E 63 27.81 -7.37 18.61
N VAL E 64 27.22 -8.26 17.76
CA VAL E 64 27.83 -9.57 17.45
C VAL E 64 29.13 -9.39 16.66
N SER E 65 29.12 -8.48 15.69
CA SER E 65 30.31 -8.18 14.88
C SER E 65 31.46 -7.65 15.78
N ASN E 66 31.17 -6.63 16.63
CA ASN E 66 32.11 -6.04 17.58
C ASN E 66 32.77 -7.06 18.52
N GLU E 67 31.98 -7.97 19.13
CA GLU E 67 32.51 -8.93 20.10
C GLU E 67 33.12 -10.20 19.53
N ILE E 68 32.56 -10.75 18.44
CA ILE E 68 33.00 -12.04 17.89
C ILE E 68 33.89 -11.97 16.68
N VAL E 69 33.57 -11.07 15.74
CA VAL E 69 34.19 -10.92 14.42
C VAL E 69 35.45 -10.05 14.43
N ARG E 70 35.41 -8.94 15.19
CA ARG E 70 36.51 -7.99 15.34
C ARG E 70 37.80 -8.62 15.92
N PHE E 71 38.91 -8.37 15.22
CA PHE E 71 40.26 -8.84 15.55
C PHE E 71 41.32 -7.82 15.04
N PRO E 72 42.56 -7.78 15.61
CA PRO E 72 43.56 -6.80 15.12
C PRO E 72 44.13 -7.23 13.77
N THR E 73 44.09 -6.30 12.79
CA THR E 73 44.56 -6.53 11.43
C THR E 73 46.00 -7.09 11.38
N ASP E 74 46.91 -6.46 12.16
CA ASP E 74 48.33 -6.84 12.26
C ASP E 74 48.54 -8.33 12.62
N GLN E 75 47.49 -9.00 13.15
CA GLN E 75 47.54 -10.41 13.54
C GLN E 75 47.12 -11.42 12.45
N LEU E 76 46.44 -10.96 11.36
CA LEU E 76 45.93 -11.75 10.23
C LEU E 76 46.81 -12.96 9.83
N THR E 77 46.22 -14.16 9.82
CA THR E 77 46.90 -15.40 9.45
C THR E 77 46.72 -15.71 7.98
N PRO E 78 47.77 -15.59 7.13
CA PRO E 78 47.61 -15.97 5.72
C PRO E 78 47.50 -17.48 5.62
N ASP E 79 46.90 -17.94 4.54
CA ASP E 79 46.69 -19.36 4.29
C ASP E 79 47.82 -19.90 3.47
N GLN E 80 48.51 -20.91 4.01
CA GLN E 80 49.62 -21.55 3.31
C GLN E 80 49.15 -22.40 2.13
N GLU E 81 47.88 -22.85 2.18
CA GLU E 81 47.35 -23.68 1.11
C GLU E 81 46.30 -23.06 0.23
N ARG E 82 46.03 -21.75 0.37
CA ARG E 82 45.05 -21.05 -0.47
C ARG E 82 45.53 -19.71 -1.02
N SER E 83 45.28 -19.48 -2.32
CA SER E 83 45.57 -18.23 -3.02
C SER E 83 44.38 -17.29 -2.86
N LEU E 84 44.60 -15.99 -3.05
CA LEU E 84 43.57 -14.97 -2.96
C LEU E 84 42.67 -15.08 -4.21
N MET E 85 43.15 -15.80 -5.26
CA MET E 85 42.36 -16.14 -6.45
C MET E 85 41.18 -17.01 -6.00
N PHE E 86 41.41 -17.90 -4.99
CA PHE E 86 40.42 -18.76 -4.35
C PHE E 86 39.28 -17.95 -3.74
N MET E 87 39.58 -16.81 -3.07
CA MET E 87 38.56 -15.91 -2.54
C MET E 87 37.81 -15.28 -3.75
N GLN E 88 38.57 -14.85 -4.78
CA GLN E 88 38.03 -14.16 -5.96
C GLN E 88 37.15 -14.98 -6.86
N TRP E 89 37.44 -16.27 -7.00
CA TRP E 89 36.60 -17.16 -7.79
C TRP E 89 35.27 -17.32 -7.09
N GLY E 90 35.30 -17.37 -5.75
CA GLY E 90 34.12 -17.49 -4.90
C GLY E 90 33.12 -16.38 -5.12
N GLN E 91 33.59 -15.12 -5.16
CA GLN E 91 32.72 -13.95 -5.37
C GLN E 91 32.17 -13.92 -6.77
N LEU E 92 33.00 -14.23 -7.77
CA LEU E 92 32.63 -14.33 -9.18
C LEU E 92 31.61 -15.46 -9.41
N LEU E 93 31.78 -16.59 -8.70
CA LEU E 93 30.87 -17.73 -8.80
C LEU E 93 29.52 -17.35 -8.17
N ASP E 94 29.58 -16.64 -7.05
CA ASP E 94 28.42 -16.18 -6.33
C ASP E 94 27.63 -15.24 -7.23
N HIS E 95 28.34 -14.38 -8.00
CA HIS E 95 27.69 -13.41 -8.88
C HIS E 95 27.10 -14.05 -10.14
N ASP E 96 27.32 -15.37 -10.31
CA ASP E 96 26.76 -16.19 -11.37
C ASP E 96 25.47 -16.85 -10.83
N LEU E 97 25.38 -17.00 -9.49
CA LEU E 97 24.29 -17.74 -8.85
C LEU E 97 23.14 -16.93 -8.32
N ASP E 98 23.42 -15.92 -7.47
CA ASP E 98 22.36 -15.14 -6.88
C ASP E 98 22.64 -13.69 -6.70
N PHE E 99 21.58 -12.91 -6.80
CA PHE E 99 21.55 -11.48 -6.55
C PHE E 99 20.17 -11.21 -6.05
N THR E 100 20.07 -10.79 -4.80
CA THR E 100 18.82 -10.48 -4.12
C THR E 100 18.61 -9.00 -4.27
N PRO E 101 17.66 -8.55 -5.10
CA PRO E 101 17.48 -7.10 -5.27
C PRO E 101 16.92 -6.39 -4.05
N GLU E 102 17.35 -5.15 -3.86
CA GLU E 102 16.96 -4.21 -2.81
C GLU E 102 16.12 -3.13 -3.48
N PRO E 103 15.29 -2.34 -2.77
CA PRO E 103 14.54 -1.24 -3.42
C PRO E 103 15.40 -0.20 -4.13
N VAL F 1 12.21 4.99 4.11
CA VAL F 1 11.93 5.92 3.02
C VAL F 1 13.18 6.05 2.09
N ASN F 2 14.22 6.73 2.61
CA ASN F 2 15.52 6.91 2.01
C ASN F 2 16.44 6.28 3.07
N CYS F 3 16.62 4.95 2.97
CA CYS F 3 17.38 4.08 3.88
C CYS F 3 18.81 4.52 4.08
N GLU F 4 19.40 5.10 3.02
CA GLU F 4 20.78 5.53 3.02
C GLU F 4 21.13 6.71 3.93
N THR F 5 20.15 7.56 4.28
CA THR F 5 20.39 8.72 5.17
C THR F 5 19.51 8.75 6.42
N SER F 6 18.48 7.87 6.49
CA SER F 6 17.53 7.79 7.61
C SER F 6 17.88 6.73 8.64
N CYS F 7 17.62 7.05 9.91
CA CYS F 7 17.82 6.10 11.01
C CYS F 7 16.51 5.58 11.56
N VAL F 8 15.41 6.00 10.93
CA VAL F 8 14.04 5.63 11.26
C VAL F 8 13.72 4.28 10.64
N GLN F 9 13.20 3.37 11.47
CA GLN F 9 12.81 2.05 11.05
C GLN F 9 11.38 2.08 10.43
N GLN F 10 11.30 2.65 9.22
CA GLN F 10 10.08 2.73 8.43
C GLN F 10 10.31 1.91 7.17
N PRO F 11 9.43 0.94 6.84
CA PRO F 11 9.67 0.12 5.62
C PRO F 11 9.94 0.96 4.36
N PRO F 12 10.92 0.57 3.51
CA PRO F 12 11.67 -0.71 3.49
C PRO F 12 12.99 -0.70 4.25
N CYS F 13 13.09 0.13 5.30
CA CYS F 13 14.31 0.26 6.11
C CYS F 13 14.34 -0.65 7.31
N PHE F 14 15.52 -1.24 7.55
CA PHE F 14 15.80 -2.09 8.72
C PHE F 14 17.22 -1.72 9.21
N PRO F 15 17.45 -0.44 9.63
CA PRO F 15 18.82 -0.03 10.04
C PRO F 15 19.36 -0.76 11.24
N LEU F 16 20.65 -1.09 11.18
CA LEU F 16 21.38 -1.77 12.23
C LEU F 16 21.71 -0.73 13.23
N LYS F 17 21.03 -0.77 14.37
CA LYS F 17 21.24 0.16 15.47
C LYS F 17 22.63 -0.03 16.10
N ILE F 18 23.16 1.05 16.69
CA ILE F 18 24.50 1.11 17.28
C ILE F 18 24.56 0.74 18.77
N PRO F 19 25.42 -0.26 19.14
CA PRO F 19 25.54 -0.65 20.56
C PRO F 19 26.29 0.40 21.37
N PRO F 20 26.16 0.44 22.71
CA PRO F 20 26.95 1.42 23.48
C PRO F 20 28.42 0.98 23.51
N ASN F 21 29.32 1.97 23.49
CA ASN F 21 30.78 1.83 23.48
C ASN F 21 31.28 1.06 22.23
N ASP F 22 30.81 1.53 21.07
CA ASP F 22 31.16 0.98 19.78
C ASP F 22 32.61 1.46 19.41
N PRO F 23 33.46 0.64 18.72
CA PRO F 23 34.83 1.09 18.43
C PRO F 23 35.00 2.14 17.31
N ARG F 24 33.89 2.50 16.59
CA ARG F 24 33.95 3.47 15.48
C ARG F 24 32.83 4.51 15.50
N ILE F 25 31.57 4.07 15.67
CA ILE F 25 30.41 4.95 15.69
C ILE F 25 30.12 5.38 17.12
N LYS F 26 30.47 6.64 17.47
CA LYS F 26 30.25 7.17 18.84
C LYS F 26 28.91 7.84 18.95
N ASN F 27 28.25 8.00 17.79
CA ASN F 27 26.92 8.54 17.69
C ASN F 27 25.92 7.38 17.79
N GLN F 28 25.28 7.25 18.97
CA GLN F 28 24.28 6.21 19.21
C GLN F 28 22.97 6.50 18.47
N ALA F 29 22.74 7.77 18.03
CA ALA F 29 21.55 8.18 17.26
C ALA F 29 21.70 7.75 15.80
N ASP F 30 22.95 7.55 15.38
CA ASP F 30 23.30 7.10 14.05
C ASP F 30 22.99 5.59 13.93
N CYS F 31 23.22 4.99 12.75
CA CYS F 31 22.93 3.58 12.45
C CYS F 31 23.75 3.17 11.25
N ILE F 32 23.83 1.85 11.00
CA ILE F 32 24.42 1.31 9.78
C ILE F 32 23.21 1.17 8.83
N PRO F 33 23.21 1.84 7.66
CA PRO F 33 22.05 1.76 6.75
C PRO F 33 21.76 0.37 6.26
N PHE F 34 20.46 0.09 5.98
CA PHE F 34 19.98 -1.22 5.49
C PHE F 34 18.58 -1.15 4.83
N PHE F 35 18.52 -1.65 3.59
CA PHE F 35 17.32 -1.77 2.78
C PHE F 35 16.92 -3.22 2.87
N ARG F 36 15.69 -3.51 3.34
CA ARG F 36 15.18 -4.86 3.35
C ARG F 36 15.14 -5.37 1.90
N SER F 37 15.36 -6.65 1.69
CA SER F 37 15.33 -7.20 0.35
C SER F 37 13.91 -7.19 -0.18
N CYS F 38 13.76 -7.00 -1.50
CA CYS F 38 12.42 -6.97 -2.16
C CYS F 38 11.59 -8.23 -1.83
N PRO F 39 10.32 -8.08 -1.39
CA PRO F 39 9.48 -9.28 -1.15
C PRO F 39 9.08 -9.91 -2.48
N ALA F 40 8.94 -11.25 -2.52
CA ALA F 40 8.51 -11.89 -3.77
C ALA F 40 7.02 -11.53 -3.96
N CYS F 41 6.26 -11.47 -2.83
CA CYS F 41 4.85 -11.05 -2.77
C CYS F 41 4.65 -9.74 -1.97
N PRO F 42 4.80 -8.56 -2.61
CA PRO F 42 4.60 -7.28 -1.87
C PRO F 42 3.15 -7.04 -1.42
N GLY F 43 3.00 -6.67 -0.15
CA GLY F 43 1.72 -6.39 0.45
C GLY F 43 1.01 -7.54 1.13
N SER F 44 1.02 -8.75 0.51
CA SER F 44 0.32 -9.95 1.02
C SER F 44 0.69 -10.40 2.41
N ASN F 45 -0.33 -10.48 3.27
CA ASN F 45 -0.23 -10.96 4.63
C ASN F 45 -0.61 -12.45 4.67
N ILE F 46 -0.65 -13.16 3.49
CA ILE F 46 -1.03 -14.58 3.39
C ILE F 46 0.19 -15.47 3.19
N THR F 47 1.07 -15.04 2.30
CA THR F 47 2.32 -15.74 2.01
C THR F 47 3.37 -15.34 3.02
N ILE F 48 4.21 -16.31 3.43
CA ILE F 48 5.34 -16.07 4.31
C ILE F 48 6.34 -15.30 3.44
N ARG F 49 6.74 -14.13 3.89
CA ARG F 49 7.63 -13.29 3.08
C ARG F 49 8.85 -14.06 2.61
N ASN F 50 9.16 -13.99 1.30
CA ASN F 50 10.33 -14.61 0.67
C ASN F 50 11.03 -13.57 -0.22
N GLN F 51 12.21 -13.89 -0.77
CA GLN F 51 12.98 -12.91 -1.56
C GLN F 51 13.18 -13.46 -2.95
N ILE F 52 13.60 -12.60 -3.86
CA ILE F 52 13.81 -12.88 -5.28
C ILE F 52 15.30 -13.02 -5.65
N ASN F 53 15.61 -13.96 -6.57
CA ASN F 53 16.93 -14.09 -7.18
C ASN F 53 16.78 -13.44 -8.58
N ALA F 54 17.48 -12.29 -8.79
CA ALA F 54 17.47 -11.56 -10.05
C ALA F 54 18.31 -12.23 -11.17
N LEU F 55 19.00 -13.35 -10.85
CA LEU F 55 19.89 -14.08 -11.75
C LEU F 55 19.47 -15.50 -11.96
N THR F 56 20.05 -16.17 -12.96
CA THR F 56 19.82 -17.59 -13.24
C THR F 56 20.67 -18.39 -12.25
N SER F 57 20.07 -19.40 -11.62
CA SER F 57 20.77 -20.21 -10.63
C SER F 57 21.85 -21.05 -11.24
N PHE F 58 21.74 -21.35 -12.53
CA PHE F 58 22.70 -22.15 -13.25
C PHE F 58 24.10 -21.57 -13.26
N VAL F 59 25.09 -22.48 -13.27
CA VAL F 59 26.50 -22.14 -13.40
C VAL F 59 26.65 -22.10 -14.94
N ASP F 60 26.16 -21.00 -15.55
CA ASP F 60 26.06 -20.76 -16.99
C ASP F 60 26.81 -19.53 -17.49
N ALA F 61 27.57 -18.86 -16.59
CA ALA F 61 28.36 -17.65 -16.88
C ALA F 61 27.44 -16.41 -17.12
N SER F 62 26.30 -16.37 -16.38
CA SER F 62 25.33 -15.28 -16.42
C SER F 62 25.90 -13.94 -15.90
N MET F 63 27.06 -13.95 -15.21
CA MET F 63 27.70 -12.72 -14.72
C MET F 63 28.50 -12.06 -15.86
N VAL F 64 28.69 -12.82 -16.96
CA VAL F 64 29.33 -12.39 -18.19
C VAL F 64 28.23 -11.90 -19.13
N TYR F 65 27.26 -12.80 -19.46
CA TYR F 65 26.19 -12.61 -20.45
C TYR F 65 24.93 -11.86 -20.04
N GLY F 66 24.53 -12.01 -18.78
CA GLY F 66 23.30 -11.40 -18.29
C GLY F 66 22.22 -12.43 -18.06
N SER F 67 21.22 -12.05 -17.25
CA SER F 67 20.11 -12.91 -16.85
C SER F 67 18.77 -12.40 -17.37
N GLU F 68 18.81 -11.33 -18.20
CA GLU F 68 17.67 -10.68 -18.84
C GLU F 68 17.98 -10.37 -20.32
N GLU F 69 17.01 -10.67 -21.21
CA GLU F 69 17.11 -10.47 -22.67
C GLU F 69 17.60 -9.07 -23.06
N PRO F 70 17.00 -7.94 -22.62
CA PRO F 70 17.55 -6.61 -22.98
C PRO F 70 19.05 -6.46 -22.66
N LEU F 71 19.50 -6.83 -21.43
CA LEU F 71 20.90 -6.78 -21.00
C LEU F 71 21.79 -7.77 -21.77
N ALA F 72 21.24 -8.92 -22.20
CA ALA F 72 22.00 -9.87 -23.00
C ALA F 72 22.37 -9.27 -24.37
N ARG F 73 21.43 -8.45 -24.95
CA ARG F 73 21.57 -7.75 -26.23
C ARG F 73 22.55 -6.58 -26.11
N ASN F 74 22.44 -5.77 -25.03
CA ASN F 74 23.31 -4.60 -24.81
C ASN F 74 24.78 -4.91 -24.58
N LEU F 75 25.09 -6.08 -24.03
CA LEU F 75 26.48 -6.47 -23.78
C LEU F 75 27.18 -6.95 -25.04
N ARG F 76 26.42 -7.34 -26.07
CA ARG F 76 26.92 -7.83 -27.36
C ARG F 76 27.29 -6.70 -28.33
N ASN F 77 28.27 -6.99 -29.21
CA ASN F 77 28.73 -6.11 -30.27
C ASN F 77 27.79 -6.32 -31.43
N MET F 78 26.84 -5.39 -31.58
CA MET F 78 25.80 -5.44 -32.61
C MET F 78 26.18 -4.68 -33.91
N SER F 79 27.48 -4.37 -34.08
CA SER F 79 28.00 -3.66 -35.26
C SER F 79 28.46 -4.57 -36.41
N ASN F 80 28.58 -5.89 -36.17
CA ASN F 80 29.02 -6.86 -37.16
C ASN F 80 28.41 -8.25 -36.94
N GLN F 81 29.00 -9.30 -37.58
CA GLN F 81 28.53 -10.68 -37.47
C GLN F 81 29.62 -11.65 -36.94
N LEU F 82 30.51 -11.15 -36.08
CA LEU F 82 31.55 -11.94 -35.44
C LEU F 82 31.10 -12.45 -34.07
N GLY F 83 29.85 -12.12 -33.70
CA GLY F 83 29.19 -12.50 -32.47
C GLY F 83 30.03 -12.31 -31.22
N LEU F 84 30.54 -11.09 -31.06
CA LEU F 84 31.39 -10.77 -29.92
C LEU F 84 30.60 -9.95 -28.91
N LEU F 85 31.20 -9.77 -27.73
CA LEU F 85 30.65 -8.97 -26.67
C LEU F 85 31.29 -7.60 -26.80
N ALA F 86 30.46 -6.56 -26.73
CA ALA F 86 30.89 -5.17 -26.78
C ALA F 86 32.01 -4.93 -25.77
N VAL F 87 33.02 -4.16 -26.18
CA VAL F 87 34.19 -3.84 -25.38
C VAL F 87 34.25 -2.34 -25.19
N ASN F 88 35.04 -1.88 -24.21
CA ASN F 88 35.19 -0.44 -23.98
C ASN F 88 35.79 0.23 -25.23
N GLN F 89 35.13 1.30 -25.72
CA GLN F 89 35.53 2.05 -26.91
C GLN F 89 36.36 3.30 -26.53
N ARG F 90 36.41 3.64 -25.22
CA ARG F 90 37.13 4.78 -24.68
C ARG F 90 38.52 4.42 -24.15
N PHE F 91 38.72 3.18 -23.63
CA PHE F 91 40.00 2.73 -23.07
C PHE F 91 40.41 1.29 -23.41
N GLN F 92 41.71 0.99 -23.16
CA GLN F 92 42.32 -0.33 -23.34
C GLN F 92 43.35 -0.60 -22.26
N ASP F 93 43.78 -1.87 -22.15
CA ASP F 93 44.80 -2.38 -21.23
C ASP F 93 45.83 -3.08 -22.12
N ASN F 94 46.81 -2.30 -22.63
CA ASN F 94 47.88 -2.72 -23.54
C ASN F 94 47.32 -3.38 -24.80
N GLY F 95 46.39 -2.67 -25.43
CA GLY F 95 45.72 -3.09 -26.66
C GLY F 95 44.77 -4.27 -26.48
N ARG F 96 44.31 -4.47 -25.24
CA ARG F 96 43.41 -5.56 -24.92
C ARG F 96 42.15 -4.99 -24.35
N ALA F 97 41.04 -5.67 -24.66
CA ALA F 97 39.68 -5.30 -24.29
C ALA F 97 39.49 -5.02 -22.80
N LEU F 98 38.71 -3.99 -22.52
CA LEU F 98 38.27 -3.57 -21.19
C LEU F 98 36.75 -3.65 -21.24
N LEU F 99 36.08 -3.94 -20.09
CA LEU F 99 34.61 -4.04 -20.05
C LEU F 99 33.99 -2.68 -20.45
N PRO F 100 32.85 -2.66 -21.18
CA PRO F 100 32.23 -1.35 -21.52
C PRO F 100 31.74 -0.61 -20.28
N PHE F 101 31.62 0.73 -20.36
CA PHE F 101 31.15 1.52 -19.23
C PHE F 101 29.62 1.53 -19.17
N ASP F 102 29.06 1.49 -17.95
CA ASP F 102 27.62 1.51 -17.71
C ASP F 102 27.11 2.94 -17.57
N ASN F 103 25.92 3.18 -18.12
CA ASN F 103 25.23 4.45 -18.09
C ASN F 103 24.34 4.48 -16.83
N LEU F 104 24.96 4.63 -15.65
CA LEU F 104 24.25 4.68 -14.36
C LEU F 104 23.87 6.10 -14.04
N HIS F 105 22.72 6.30 -13.34
CA HIS F 105 22.29 7.64 -12.91
C HIS F 105 23.21 8.03 -11.75
N ASP F 106 23.01 7.41 -10.58
CA ASP F 106 23.84 7.56 -9.38
C ASP F 106 24.94 6.44 -9.44
N ASP F 107 26.09 6.80 -10.02
CA ASP F 107 27.23 5.92 -10.23
C ASP F 107 28.21 6.03 -9.04
N PRO F 108 28.43 4.94 -8.26
CA PRO F 108 29.32 5.03 -7.09
C PRO F 108 30.81 5.13 -7.42
N CYS F 109 31.23 4.54 -8.57
CA CYS F 109 32.59 4.51 -9.09
C CYS F 109 33.21 5.89 -9.27
N LEU F 110 32.37 6.89 -9.65
CA LEU F 110 32.82 8.26 -9.84
C LEU F 110 33.14 8.93 -8.52
N LEU F 111 32.60 8.40 -7.40
CA LEU F 111 32.84 8.95 -6.05
C LEU F 111 34.20 8.54 -5.46
N THR F 112 34.85 7.48 -6.03
CA THR F 112 36.17 6.99 -5.58
C THR F 112 37.31 7.93 -5.96
N ASN F 113 37.13 8.66 -7.08
CA ASN F 113 38.05 9.64 -7.63
C ASN F 113 37.26 10.66 -8.48
N ARG F 114 37.23 11.93 -8.02
CA ARG F 114 36.55 13.03 -8.71
C ARG F 114 37.25 13.38 -10.01
N SER F 115 38.60 13.57 -9.95
CA SER F 115 39.43 13.93 -11.10
C SER F 115 39.40 12.91 -12.22
N ALA F 116 39.71 11.64 -11.90
CA ALA F 116 39.72 10.52 -12.87
C ALA F 116 38.44 10.42 -13.68
N ARG F 117 37.28 10.61 -13.00
CA ARG F 117 35.94 10.53 -13.59
C ARG F 117 35.74 9.22 -14.39
N ILE F 118 36.06 8.08 -13.76
CA ILE F 118 35.88 6.76 -14.37
C ILE F 118 34.60 6.10 -13.83
N PRO F 119 33.53 5.94 -14.65
CA PRO F 119 32.31 5.28 -14.15
C PRO F 119 32.42 3.76 -13.99
N CYS F 120 31.28 3.12 -13.65
CA CYS F 120 31.18 1.68 -13.45
C CYS F 120 31.25 0.95 -14.78
N PHE F 121 31.62 -0.32 -14.72
CA PHE F 121 31.64 -1.17 -15.89
C PHE F 121 30.26 -1.77 -16.11
N LEU F 122 30.08 -2.38 -17.27
CA LEU F 122 28.86 -3.04 -17.65
C LEU F 122 29.17 -4.49 -17.99
N ALA F 123 28.74 -5.42 -17.12
CA ALA F 123 28.89 -6.86 -17.30
C ALA F 123 27.50 -7.49 -17.16
N GLY F 124 27.43 -8.83 -17.24
CA GLY F 124 26.19 -9.57 -17.06
C GLY F 124 25.62 -9.38 -15.66
N ASP F 125 26.49 -9.05 -14.69
CA ASP F 125 26.11 -8.80 -13.32
C ASP F 125 26.51 -7.39 -12.92
N THR F 126 25.58 -6.66 -12.29
CA THR F 126 25.68 -5.25 -11.86
C THR F 126 26.78 -4.93 -10.82
N ARG F 127 27.35 -5.97 -10.20
CA ARG F 127 28.37 -5.86 -9.16
C ARG F 127 29.81 -5.91 -9.71
N SER F 128 29.98 -6.18 -11.02
CA SER F 128 31.28 -6.22 -11.72
C SER F 128 32.34 -5.17 -11.30
N SER F 129 31.92 -3.97 -10.88
CA SER F 129 32.85 -2.91 -10.46
C SER F 129 33.09 -2.78 -8.94
N GLU F 130 32.52 -3.68 -8.13
CA GLU F 130 32.57 -3.69 -6.66
C GLU F 130 33.99 -3.65 -6.09
N MET F 131 34.89 -4.38 -6.70
CA MET F 131 36.31 -4.43 -6.35
C MET F 131 37.10 -4.78 -7.61
N PRO F 132 38.24 -4.11 -7.88
CA PRO F 132 38.98 -4.36 -9.13
C PRO F 132 39.43 -5.80 -9.37
N GLU F 133 39.63 -6.59 -8.30
CA GLU F 133 40.02 -8.00 -8.38
C GLU F 133 38.89 -8.81 -9.03
N LEU F 134 37.62 -8.46 -8.70
CA LEU F 134 36.41 -9.04 -9.28
C LEU F 134 36.24 -8.54 -10.71
N THR F 135 36.56 -7.24 -10.95
CA THR F 135 36.48 -6.63 -12.29
C THR F 135 37.43 -7.34 -13.26
N SER F 136 38.66 -7.64 -12.81
CA SER F 136 39.70 -8.33 -13.59
C SER F 136 39.30 -9.73 -13.99
N MET F 137 38.44 -10.38 -13.16
CA MET F 137 37.89 -11.72 -13.40
C MET F 137 36.81 -11.64 -14.47
N HIS F 138 36.00 -10.58 -14.45
CA HIS F 138 34.95 -10.30 -15.43
C HIS F 138 35.59 -10.00 -16.79
N THR F 139 36.58 -9.06 -16.82
CA THR F 139 37.36 -8.64 -18.00
C THR F 139 38.01 -9.87 -18.65
N LEU F 140 38.61 -10.75 -17.82
CA LEU F 140 39.22 -11.99 -18.29
C LEU F 140 38.25 -12.84 -19.14
N LEU F 141 37.03 -13.10 -18.61
CA LEU F 141 36.00 -13.90 -19.29
C LEU F 141 35.44 -13.27 -20.55
N LEU F 142 35.13 -11.94 -20.54
CA LEU F 142 34.70 -11.13 -21.69
C LEU F 142 35.74 -11.30 -22.82
N ARG F 143 37.05 -11.16 -22.49
CA ARG F 143 38.15 -11.38 -23.44
C ARG F 143 38.17 -12.82 -23.95
N GLU F 144 38.08 -13.78 -23.02
CA GLU F 144 38.05 -15.22 -23.29
C GLU F 144 36.87 -15.60 -24.19
N HIS F 145 35.75 -14.81 -24.18
CA HIS F 145 34.60 -15.03 -25.07
C HIS F 145 34.97 -14.63 -26.51
N ASN F 146 35.43 -13.37 -26.70
CA ASN F 146 35.82 -12.80 -28.01
C ASN F 146 36.93 -13.61 -28.68
N ARG F 147 37.96 -14.01 -27.88
CA ARG F 147 39.07 -14.88 -28.30
C ARG F 147 38.53 -16.24 -28.80
N LEU F 148 37.54 -16.82 -28.10
CA LEU F 148 36.88 -18.07 -28.50
C LEU F 148 36.07 -17.89 -29.79
N ALA F 149 35.26 -16.81 -29.87
CA ALA F 149 34.42 -16.50 -31.04
C ALA F 149 35.28 -16.27 -32.28
N THR F 150 36.42 -15.58 -32.12
CA THR F 150 37.38 -15.30 -33.19
C THR F 150 37.96 -16.62 -33.73
N GLU F 151 38.40 -17.53 -32.81
CA GLU F 151 38.98 -18.84 -33.13
C GLU F 151 38.01 -19.73 -33.89
N LEU F 152 36.70 -19.69 -33.53
CA LEU F 152 35.64 -20.45 -34.19
C LEU F 152 35.28 -19.84 -35.55
N LYS F 153 35.42 -18.50 -35.70
CA LYS F 153 35.13 -17.78 -36.95
C LYS F 153 36.05 -18.22 -38.09
N SER F 154 37.33 -18.46 -37.78
CA SER F 154 38.29 -18.94 -38.77
C SER F 154 38.03 -20.41 -39.08
N LEU F 155 37.66 -21.21 -38.05
CA LEU F 155 37.33 -22.64 -38.19
C LEU F 155 36.04 -22.84 -38.98
N ASN F 156 35.03 -21.99 -38.73
CA ASN F 156 33.73 -22.06 -39.41
C ASN F 156 33.26 -20.66 -39.88
N PRO F 157 33.73 -20.20 -41.07
CA PRO F 157 33.34 -18.85 -41.53
C PRO F 157 31.90 -18.75 -42.06
N ARG F 158 31.24 -19.91 -42.28
CA ARG F 158 29.84 -20.03 -42.73
C ARG F 158 28.85 -19.73 -41.57
N TRP F 159 29.37 -19.73 -40.33
CA TRP F 159 28.60 -19.44 -39.11
C TRP F 159 28.33 -17.95 -39.03
N ASP F 160 27.12 -17.58 -38.61
CA ASP F 160 26.73 -16.19 -38.43
C ASP F 160 27.11 -15.71 -37.01
N GLY F 161 26.85 -14.43 -36.73
CA GLY F 161 27.10 -13.77 -35.44
C GLY F 161 26.48 -14.50 -34.27
N GLU F 162 25.16 -14.78 -34.38
CA GLU F 162 24.36 -15.49 -33.38
C GLU F 162 24.96 -16.86 -33.02
N ARG F 163 25.40 -17.64 -34.03
CA ARG F 163 26.00 -18.97 -33.87
C ARG F 163 27.34 -18.92 -33.14
N LEU F 164 28.27 -18.03 -33.58
CA LEU F 164 29.58 -17.85 -32.97
C LEU F 164 29.44 -17.43 -31.51
N TYR F 165 28.51 -16.50 -31.23
CA TYR F 165 28.21 -16.00 -29.88
C TYR F 165 27.72 -17.14 -28.98
N GLN F 166 26.62 -17.84 -29.40
CA GLN F 166 26.01 -18.95 -28.67
C GLN F 166 26.99 -20.11 -28.48
N GLU F 167 27.79 -20.43 -29.51
CA GLU F 167 28.78 -21.50 -29.45
C GLU F 167 29.93 -21.21 -28.49
N ALA F 168 30.38 -19.92 -28.40
CA ALA F 168 31.44 -19.45 -27.49
C ALA F 168 30.84 -19.25 -26.09
N ARG F 169 29.54 -18.83 -26.02
CA ARG F 169 28.79 -18.67 -24.76
C ARG F 169 28.71 -20.06 -24.06
N LYS F 170 28.58 -21.13 -24.88
CA LYS F 170 28.53 -22.51 -24.43
C LYS F 170 29.88 -22.92 -23.85
N ILE F 171 31.01 -22.61 -24.54
CA ILE F 171 32.37 -22.93 -24.07
C ILE F 171 32.65 -22.20 -22.76
N VAL F 172 32.47 -20.86 -22.73
CA VAL F 172 32.68 -20.04 -21.52
C VAL F 172 31.94 -20.61 -20.30
N GLY F 173 30.67 -20.97 -20.49
CA GLY F 173 29.83 -21.56 -19.46
C GLY F 173 30.40 -22.86 -18.89
N ALA F 174 30.81 -23.77 -19.81
CA ALA F 174 31.43 -25.07 -19.51
C ALA F 174 32.72 -24.91 -18.72
N MET F 175 33.51 -23.86 -19.02
CA MET F 175 34.76 -23.53 -18.35
C MET F 175 34.52 -23.11 -16.90
N VAL F 176 33.41 -22.39 -16.65
CA VAL F 176 33.02 -21.94 -15.31
C VAL F 176 32.61 -23.17 -14.49
N GLN F 177 31.94 -24.16 -15.13
CA GLN F 177 31.52 -25.41 -14.50
C GLN F 177 32.71 -26.31 -14.20
N ILE F 178 33.64 -26.47 -15.19
CA ILE F 178 34.86 -27.29 -15.09
C ILE F 178 35.77 -26.81 -13.97
N ILE F 179 36.09 -25.51 -13.93
CA ILE F 179 36.93 -24.92 -12.89
C ILE F 179 36.29 -25.03 -11.49
N THR F 180 34.97 -24.75 -11.37
CA THR F 180 34.21 -24.77 -10.10
C THR F 180 34.15 -26.12 -9.40
N TYR F 181 33.74 -27.14 -10.14
CA TYR F 181 33.55 -28.48 -9.61
C TYR F 181 34.82 -29.29 -9.50
N ARG F 182 35.73 -29.13 -10.47
CA ARG F 182 37.01 -29.83 -10.49
C ARG F 182 38.06 -29.14 -9.63
N ASP F 183 38.12 -27.78 -9.60
CA ASP F 183 39.17 -27.11 -8.84
C ASP F 183 38.73 -26.30 -7.63
N TYR F 184 37.57 -25.65 -7.72
CA TYR F 184 37.14 -24.78 -6.63
C TYR F 184 36.48 -25.51 -5.46
N LEU F 185 35.36 -26.20 -5.70
CA LEU F 185 34.62 -26.89 -4.63
C LEU F 185 35.43 -27.89 -3.76
N PRO F 186 36.32 -28.74 -4.36
CA PRO F 186 37.10 -29.69 -3.51
C PRO F 186 37.94 -29.01 -2.44
N LEU F 187 38.35 -27.75 -2.69
CA LEU F 187 39.14 -26.95 -1.77
C LEU F 187 38.28 -26.20 -0.76
N VAL F 188 36.97 -26.06 -1.05
CA VAL F 188 36.01 -25.41 -0.14
C VAL F 188 35.51 -26.44 0.88
N LEU F 189 35.04 -27.57 0.38
CA LEU F 189 34.40 -28.63 1.15
C LEU F 189 35.33 -29.61 1.82
N GLY F 190 36.42 -29.97 1.14
CA GLY F 190 37.34 -30.98 1.64
C GLY F 190 36.99 -32.30 0.98
N PRO F 191 37.85 -33.34 1.05
CA PRO F 191 37.54 -34.60 0.35
C PRO F 191 36.31 -35.37 0.83
N THR F 192 36.05 -35.41 2.15
CA THR F 192 34.91 -36.14 2.69
C THR F 192 33.56 -35.56 2.26
N ALA F 193 33.38 -34.24 2.46
CA ALA F 193 32.18 -33.48 2.06
C ALA F 193 32.00 -33.54 0.54
N MET F 194 33.10 -33.50 -0.21
CA MET F 194 33.07 -33.61 -1.67
C MET F 194 32.50 -34.97 -2.09
N ARG F 195 33.02 -36.06 -1.48
CA ARG F 195 32.59 -37.44 -1.77
C ARG F 195 31.13 -37.67 -1.37
N LYS F 196 30.67 -36.98 -0.31
CA LYS F 196 29.32 -37.06 0.24
C LYS F 196 28.30 -36.29 -0.60
N TYR F 197 28.45 -34.96 -0.67
CA TYR F 197 27.51 -34.08 -1.35
C TYR F 197 27.65 -34.01 -2.84
N LEU F 198 28.85 -34.26 -3.36
CA LEU F 198 29.06 -34.23 -4.81
C LEU F 198 29.70 -35.53 -5.31
N PRO F 199 29.00 -36.69 -5.25
CA PRO F 199 29.61 -37.92 -5.79
C PRO F 199 29.62 -37.84 -7.31
N THR F 200 30.41 -38.71 -7.96
CA THR F 200 30.53 -38.83 -9.41
C THR F 200 29.21 -38.54 -10.13
N TYR F 201 29.25 -37.61 -11.09
CA TYR F 201 28.11 -37.23 -11.91
C TYR F 201 27.72 -38.39 -12.84
N ARG F 202 26.40 -38.67 -12.93
CA ARG F 202 25.84 -39.70 -13.80
C ARG F 202 25.19 -39.03 -15.06
N SER F 203 23.97 -38.48 -14.94
CA SER F 203 23.27 -37.80 -16.04
C SER F 203 22.23 -36.82 -15.51
N TYR F 204 21.73 -35.91 -16.39
CA TYR F 204 20.70 -34.94 -16.03
C TYR F 204 19.48 -35.60 -15.45
N ASN F 205 18.94 -34.95 -14.42
CA ASN F 205 17.79 -35.38 -13.65
C ASN F 205 16.78 -34.22 -13.64
N ASP F 206 15.65 -34.38 -14.33
CA ASP F 206 14.65 -33.30 -14.40
C ASP F 206 13.85 -33.13 -13.09
N SER F 207 14.11 -34.01 -12.12
CA SER F 207 13.44 -34.00 -10.83
C SER F 207 14.25 -33.30 -9.73
N VAL F 208 15.48 -32.88 -10.05
CA VAL F 208 16.32 -32.13 -9.13
C VAL F 208 16.03 -30.61 -9.28
N ASP F 209 15.56 -29.95 -8.20
CA ASP F 209 15.26 -28.53 -8.17
C ASP F 209 16.55 -27.66 -8.24
N PRO F 210 16.77 -26.94 -9.37
CA PRO F 210 18.01 -26.14 -9.50
C PRO F 210 17.98 -24.77 -8.82
N ARG F 211 16.85 -24.35 -8.25
CA ARG F 211 16.79 -23.05 -7.58
C ARG F 211 17.79 -22.92 -6.44
N ILE F 212 18.24 -21.69 -6.22
CA ILE F 212 19.11 -21.34 -5.12
C ILE F 212 18.20 -21.24 -3.89
N ALA F 213 18.63 -21.82 -2.77
CA ALA F 213 17.87 -21.77 -1.55
C ALA F 213 18.18 -20.44 -0.89
N ASN F 214 17.19 -19.88 -0.22
CA ASN F 214 17.33 -18.64 0.53
C ASN F 214 18.52 -18.66 1.53
N VAL F 215 18.80 -19.81 2.18
CA VAL F 215 19.94 -20.02 3.09
C VAL F 215 21.29 -19.91 2.36
N PHE F 216 21.38 -20.43 1.13
CA PHE F 216 22.61 -20.36 0.35
C PHE F 216 23.15 -18.94 0.14
N THR F 217 22.28 -17.96 0.02
CA THR F 217 22.65 -16.55 -0.18
C THR F 217 23.40 -15.95 1.03
N ASN F 218 23.20 -16.52 2.20
CA ASN F 218 23.85 -16.07 3.43
C ASN F 218 25.05 -16.95 3.73
N ALA F 219 24.86 -18.26 3.70
CA ALA F 219 25.88 -19.28 3.97
C ALA F 219 27.08 -19.18 2.99
N PHE F 220 26.81 -18.93 1.67
CA PHE F 220 27.91 -18.79 0.73
C PHE F 220 28.74 -17.53 0.99
N ARG F 221 28.28 -16.64 1.91
CA ARG F 221 29.05 -15.46 2.29
C ARG F 221 30.21 -15.85 3.24
N TYR F 222 30.55 -17.16 3.33
CA TYR F 222 31.66 -17.65 4.17
C TYR F 222 32.96 -17.04 3.61
N GLY F 223 32.95 -16.72 2.30
CA GLY F 223 34.04 -16.11 1.55
C GLY F 223 34.45 -14.74 2.04
N HIS F 224 33.65 -14.12 2.92
CA HIS F 224 34.02 -12.83 3.47
C HIS F 224 35.13 -13.06 4.50
N THR F 225 35.37 -14.34 4.91
CA THR F 225 36.41 -14.74 5.86
C THR F 225 37.78 -14.98 5.17
N LEU F 226 37.82 -14.91 3.82
CA LEU F 226 39.02 -15.10 2.98
C LEU F 226 39.57 -13.79 2.43
N ILE F 227 38.83 -12.72 2.67
CA ILE F 227 39.18 -11.39 2.17
C ILE F 227 40.38 -10.83 2.94
N GLN F 228 41.40 -10.46 2.18
CA GLN F 228 42.63 -9.83 2.64
C GLN F 228 42.34 -8.31 2.68
N PRO F 229 42.90 -7.55 3.67
CA PRO F 229 42.61 -6.10 3.73
C PRO F 229 43.27 -5.22 2.65
N PHE F 230 43.87 -5.83 1.60
CA PHE F 230 44.54 -5.04 0.57
C PHE F 230 44.36 -5.60 -0.82
N MET F 231 44.52 -4.71 -1.82
CA MET F 231 44.60 -5.12 -3.20
C MET F 231 46.10 -5.17 -3.51
N PHE F 232 46.55 -6.31 -4.01
CA PHE F 232 47.95 -6.60 -4.31
C PHE F 232 48.20 -6.61 -5.81
N ARG F 233 49.11 -5.73 -6.27
CA ARG F 233 49.49 -5.62 -7.69
C ARG F 233 50.94 -6.06 -7.88
N LEU F 234 51.20 -6.94 -8.86
CA LEU F 234 52.53 -7.47 -9.10
C LEU F 234 53.00 -7.35 -10.56
N ASP F 235 54.31 -7.04 -10.76
CA ASP F 235 54.90 -6.91 -12.09
C ASP F 235 55.23 -8.29 -12.65
N ASN F 236 55.70 -8.37 -13.92
CA ASN F 236 56.05 -9.62 -14.60
C ASN F 236 57.05 -10.53 -13.85
N ARG F 237 57.76 -9.97 -12.82
CA ARG F 237 58.72 -10.69 -11.97
C ARG F 237 58.11 -11.03 -10.59
N TYR F 238 56.78 -10.81 -10.46
CA TYR F 238 56.00 -11.06 -9.25
C TYR F 238 56.44 -10.25 -8.04
N GLN F 239 56.83 -8.99 -8.32
CA GLN F 239 57.35 -8.05 -7.35
C GLN F 239 56.36 -6.93 -6.98
N PRO F 240 56.46 -6.32 -5.77
CA PRO F 240 55.53 -5.25 -5.39
C PRO F 240 55.51 -4.09 -6.38
N MET F 241 54.45 -4.00 -7.21
CA MET F 241 54.30 -2.97 -8.22
C MET F 241 54.05 -1.57 -7.62
N GLU F 242 55.16 -0.85 -7.30
CA GLU F 242 55.15 0.51 -6.75
C GLU F 242 54.89 1.54 -7.89
N PRO F 243 54.11 2.62 -7.67
CA PRO F 243 53.45 3.03 -6.43
C PRO F 243 52.13 2.29 -6.12
N ASN F 244 51.93 2.05 -4.82
CA ASN F 244 50.79 1.37 -4.19
C ASN F 244 50.70 -0.13 -4.53
N PRO F 245 51.64 -0.96 -3.99
CA PRO F 245 51.54 -2.40 -4.24
C PRO F 245 50.48 -3.08 -3.35
N ARG F 246 50.35 -2.58 -2.09
CA ARG F 246 49.41 -3.00 -1.05
C ARG F 246 48.42 -1.85 -0.82
N VAL F 247 47.40 -1.72 -1.68
CA VAL F 247 46.42 -0.65 -1.52
C VAL F 247 45.21 -1.11 -0.65
N PRO F 248 44.96 -0.46 0.51
CA PRO F 248 43.84 -0.87 1.38
C PRO F 248 42.51 -1.00 0.65
N LEU F 249 41.83 -2.09 0.96
CA LEU F 249 40.54 -2.47 0.40
C LEU F 249 39.46 -1.38 0.41
N SER F 250 39.39 -0.55 1.46
CA SER F 250 38.42 0.56 1.56
C SER F 250 38.72 1.72 0.59
N ARG F 251 39.71 1.55 -0.29
CA ARG F 251 40.07 2.53 -1.28
C ARG F 251 40.02 1.89 -2.68
N VAL F 252 39.72 0.58 -2.74
CA VAL F 252 39.58 -0.14 -4.01
C VAL F 252 38.12 -0.44 -4.36
N PHE F 253 37.19 -0.34 -3.36
CA PHE F 253 35.77 -0.63 -3.55
C PHE F 253 35.20 0.34 -4.54
N PHE F 254 34.64 -0.16 -5.65
CA PHE F 254 34.06 0.66 -6.72
C PHE F 254 35.10 1.55 -7.45
N ALA F 255 36.40 1.25 -7.28
CA ALA F 255 37.47 2.06 -7.88
C ALA F 255 37.90 1.54 -9.24
N SER F 256 36.98 1.66 -10.22
CA SER F 256 37.19 1.26 -11.62
C SER F 256 38.33 2.04 -12.26
N TRP F 257 38.63 3.24 -11.72
CA TRP F 257 39.71 4.10 -12.17
C TRP F 257 41.07 3.41 -12.06
N ARG F 258 41.25 2.59 -11.00
CA ARG F 258 42.48 1.82 -10.76
C ARG F 258 42.71 0.73 -11.83
N VAL F 259 41.66 0.39 -12.60
CA VAL F 259 41.78 -0.59 -13.69
C VAL F 259 42.16 0.16 -14.97
N VAL F 260 41.46 1.26 -15.24
CA VAL F 260 41.65 2.12 -16.40
C VAL F 260 43.02 2.86 -16.36
N LEU F 261 43.28 3.60 -15.28
CA LEU F 261 44.45 4.47 -15.10
C LEU F 261 45.63 3.94 -14.28
N GLU F 262 45.56 2.71 -13.74
CA GLU F 262 46.65 2.22 -12.89
C GLU F 262 47.26 0.87 -13.20
N GLY F 263 47.25 0.46 -14.47
CA GLY F 263 47.92 -0.78 -14.88
C GLY F 263 47.09 -1.85 -15.57
N GLY F 264 45.77 -1.72 -15.50
CA GLY F 264 44.87 -2.70 -16.09
C GLY F 264 44.67 -3.92 -15.22
N ILE F 265 44.44 -5.08 -15.87
CA ILE F 265 44.13 -6.33 -15.16
C ILE F 265 45.31 -7.21 -14.80
N ASP F 266 46.34 -7.27 -15.67
CA ASP F 266 47.57 -8.06 -15.48
C ASP F 266 48.19 -7.96 -14.08
N PRO F 267 48.40 -6.75 -13.46
CA PRO F 267 49.00 -6.72 -12.12
C PRO F 267 48.08 -7.23 -11.02
N ILE F 268 46.76 -7.13 -11.25
CA ILE F 268 45.73 -7.56 -10.30
C ILE F 268 45.70 -9.09 -10.23
N LEU F 269 45.65 -9.73 -11.42
CA LEU F 269 45.60 -11.19 -11.56
C LEU F 269 46.80 -11.85 -10.96
N ARG F 270 48.01 -11.24 -11.14
CA ARG F 270 49.30 -11.70 -10.62
C ARG F 270 49.27 -11.65 -9.10
N GLY F 271 48.74 -10.56 -8.56
CA GLY F 271 48.55 -10.38 -7.14
C GLY F 271 47.56 -11.40 -6.58
N LEU F 272 46.54 -11.79 -7.38
CA LEU F 272 45.55 -12.80 -6.96
C LEU F 272 46.17 -14.19 -6.91
N MET F 273 46.89 -14.58 -7.97
CA MET F 273 47.57 -15.86 -8.09
C MET F 273 48.70 -16.05 -7.07
N ALA F 274 49.46 -14.97 -6.75
CA ALA F 274 50.64 -15.01 -5.88
C ALA F 274 50.52 -14.49 -4.44
N THR F 275 49.35 -13.98 -4.01
CA THR F 275 49.18 -13.52 -2.63
C THR F 275 48.35 -14.59 -1.91
N PRO F 276 48.72 -14.99 -0.67
CA PRO F 276 47.90 -16.01 0.02
C PRO F 276 46.55 -15.42 0.45
N ALA F 277 45.50 -16.26 0.47
CA ALA F 277 44.20 -15.81 0.96
C ALA F 277 44.23 -15.72 2.49
N LYS F 278 43.31 -14.96 3.08
CA LYS F 278 43.22 -14.89 4.54
C LYS F 278 42.68 -16.25 5.02
N LEU F 279 43.22 -16.77 6.12
CA LEU F 279 42.71 -18.03 6.64
C LEU F 279 41.67 -17.69 7.70
N ASN F 280 40.50 -18.37 7.65
CA ASN F 280 39.47 -18.16 8.68
C ASN F 280 39.92 -18.92 9.94
N ARG F 281 39.94 -18.22 11.06
CA ARG F 281 40.31 -18.70 12.37
C ARG F 281 39.28 -18.14 13.35
N GLN F 282 38.86 -18.97 14.33
CA GLN F 282 37.83 -18.67 15.33
C GLN F 282 38.01 -17.39 16.15
N ASN F 283 39.20 -16.76 16.08
CA ASN F 283 39.49 -15.50 16.76
C ASN F 283 39.82 -14.39 15.77
N GLN F 284 40.02 -14.75 14.47
CA GLN F 284 40.35 -13.86 13.35
C GLN F 284 39.36 -14.11 12.19
N ILE F 285 38.05 -13.86 12.45
CA ILE F 285 36.96 -14.12 11.50
C ILE F 285 36.95 -13.22 10.26
N ALA F 286 36.89 -11.89 10.42
CA ALA F 286 36.83 -10.98 9.26
C ALA F 286 37.51 -9.65 9.54
N VAL F 287 38.20 -9.12 8.51
CA VAL F 287 38.97 -7.86 8.59
C VAL F 287 38.17 -6.57 8.83
N ASP F 288 38.79 -5.62 9.53
CA ASP F 288 38.19 -4.30 9.77
C ASP F 288 37.99 -3.44 8.48
N GLU F 289 38.58 -3.82 7.34
CA GLU F 289 38.41 -3.13 6.07
C GLU F 289 36.98 -3.36 5.55
N ILE F 290 36.44 -4.59 5.75
CA ILE F 290 35.06 -4.95 5.37
C ILE F 290 34.08 -4.81 6.55
N ARG F 291 34.60 -4.88 7.79
CA ARG F 291 33.85 -4.80 9.05
C ARG F 291 33.69 -3.37 9.59
N GLU F 292 34.48 -2.41 9.09
CA GLU F 292 34.41 -1.01 9.60
C GLU F 292 34.44 0.02 8.49
N ARG F 293 35.07 -0.36 7.37
CA ARG F 293 35.32 0.56 6.26
C ARG F 293 34.67 0.15 4.93
N LEU F 294 33.64 -0.72 4.96
CA LEU F 294 32.97 -1.14 3.71
C LEU F 294 32.23 0.02 3.04
N PHE F 295 32.63 0.32 1.79
CA PHE F 295 32.06 1.35 0.93
C PHE F 295 32.18 2.76 1.53
N GLU F 296 33.27 2.99 2.28
CA GLU F 296 33.65 4.21 2.97
C GLU F 296 33.73 5.45 2.04
N GLN F 297 34.20 5.27 0.80
CA GLN F 297 34.38 6.34 -0.20
C GLN F 297 33.07 6.78 -0.89
N VAL F 298 32.14 5.83 -1.09
CA VAL F 298 30.88 6.01 -1.82
C VAL F 298 29.64 6.23 -0.92
N MET F 299 29.82 6.12 0.41
CA MET F 299 28.72 6.21 1.37
C MET F 299 28.93 7.30 2.39
N ARG F 300 27.87 7.59 3.20
CA ARG F 300 27.86 8.58 4.27
C ARG F 300 28.60 8.05 5.48
N ILE F 301 28.56 6.73 5.66
CA ILE F 301 29.21 6.00 6.75
C ILE F 301 29.74 4.67 6.22
N GLY F 302 30.83 4.20 6.80
CA GLY F 302 31.41 2.91 6.46
C GLY F 302 30.53 1.81 7.03
N LEU F 303 30.18 0.84 6.20
CA LEU F 303 29.34 -0.29 6.59
C LEU F 303 30.17 -1.38 7.29
N ASP F 304 29.46 -2.38 7.85
CA ASP F 304 30.02 -3.55 8.53
C ASP F 304 29.44 -4.77 7.82
N LEU F 305 30.20 -5.32 6.86
CA LEU F 305 29.76 -6.48 6.10
C LEU F 305 29.33 -7.69 6.96
N PRO F 306 30.08 -8.13 8.00
CA PRO F 306 29.64 -9.32 8.78
C PRO F 306 28.30 -9.15 9.48
N ALA F 307 28.02 -7.94 9.96
CA ALA F 307 26.78 -7.50 10.59
C ALA F 307 25.66 -7.46 9.51
N LEU F 308 25.96 -6.93 8.29
CA LEU F 308 25.00 -6.90 7.17
C LEU F 308 24.49 -8.31 6.88
N ASN F 309 25.40 -9.31 6.87
CA ASN F 309 25.09 -10.72 6.62
C ASN F 309 24.10 -11.22 7.67
N MET F 310 24.28 -10.81 8.93
CA MET F 310 23.44 -11.21 10.05
C MET F 310 22.07 -10.55 10.01
N GLN F 311 22.04 -9.25 9.65
CA GLN F 311 20.80 -8.48 9.50
C GLN F 311 20.03 -9.00 8.30
N ARG F 312 20.73 -9.36 7.19
CA ARG F 312 20.15 -9.95 5.97
C ARG F 312 19.52 -11.30 6.26
N SER F 313 20.16 -12.14 7.10
CA SER F 313 19.60 -13.45 7.46
C SER F 313 18.31 -13.26 8.27
N ARG F 314 18.22 -12.18 9.06
CA ARG F 314 17.00 -11.86 9.81
C ARG F 314 15.89 -11.30 8.84
N ASP F 315 16.28 -10.38 7.94
CA ASP F 315 15.44 -9.80 6.88
C ASP F 315 14.79 -10.94 6.05
N HIS F 316 15.60 -11.98 5.71
CA HIS F 316 15.18 -13.17 4.97
C HIS F 316 14.48 -14.21 5.87
N GLY F 317 14.31 -13.86 7.16
CA GLY F 317 13.67 -14.73 8.16
C GLY F 317 14.31 -16.10 8.21
N LEU F 318 15.64 -16.15 8.17
CA LEU F 318 16.33 -17.43 8.18
C LEU F 318 16.35 -18.07 9.54
N PRO F 319 16.00 -19.37 9.61
CA PRO F 319 16.08 -20.09 10.89
C PRO F 319 17.51 -20.01 11.46
N GLY F 320 17.63 -20.04 12.79
CA GLY F 320 18.93 -19.99 13.47
C GLY F 320 19.81 -21.21 13.24
N TYR F 321 21.04 -21.18 13.80
CA TYR F 321 22.09 -22.23 13.74
C TYR F 321 21.63 -23.68 13.90
N ASN F 322 21.00 -24.01 15.05
CA ASN F 322 20.54 -25.37 15.37
C ASN F 322 19.56 -25.96 14.38
N ALA F 323 18.58 -25.14 13.92
CA ALA F 323 17.58 -25.54 12.94
C ALA F 323 18.32 -26.03 11.69
N TRP F 324 19.32 -25.25 11.23
CA TRP F 324 20.16 -25.62 10.10
C TRP F 324 21.04 -26.83 10.37
N ARG F 325 21.57 -27.01 11.63
CA ARG F 325 22.36 -28.19 12.00
C ARG F 325 21.48 -29.46 11.85
N ARG F 326 20.23 -29.37 12.34
CA ARG F 326 19.23 -30.43 12.26
C ARG F 326 18.92 -30.82 10.82
N PHE F 327 18.67 -29.78 9.96
CA PHE F 327 18.38 -29.94 8.54
C PHE F 327 19.48 -30.80 7.92
N CYS F 328 20.72 -30.49 8.27
CA CYS F 328 21.96 -31.13 7.84
C CYS F 328 22.25 -32.51 8.45
N GLY F 329 21.52 -32.86 9.52
CA GLY F 329 21.66 -34.12 10.25
C GLY F 329 22.87 -34.13 11.16
N LEU F 330 23.25 -32.94 11.66
CA LEU F 330 24.40 -32.73 12.55
C LEU F 330 23.86 -32.41 13.94
N PRO F 331 24.53 -32.83 15.06
CA PRO F 331 23.99 -32.52 16.40
C PRO F 331 23.75 -31.04 16.65
N GLN F 332 22.76 -30.78 17.52
CA GLN F 332 22.34 -29.44 17.90
C GLN F 332 22.70 -29.10 19.34
N PRO F 333 23.80 -28.34 19.57
CA PRO F 333 24.13 -27.91 20.94
C PRO F 333 23.04 -27.03 21.59
N GLU F 334 22.67 -27.31 22.85
CA GLU F 334 21.65 -26.54 23.57
C GLU F 334 22.27 -25.68 24.66
N THR F 335 23.54 -26.00 25.00
CA THR F 335 24.25 -25.31 26.09
C THR F 335 25.64 -24.88 25.64
N VAL F 336 26.26 -23.95 26.42
CA VAL F 336 27.62 -23.47 26.18
C VAL F 336 28.63 -24.64 26.12
N GLY F 337 28.45 -25.61 27.02
CA GLY F 337 29.27 -26.80 27.13
C GLY F 337 29.23 -27.65 25.87
N GLN F 338 28.02 -27.88 25.34
CA GLN F 338 27.81 -28.64 24.10
C GLN F 338 28.33 -27.84 22.90
N LEU F 339 28.14 -26.51 22.91
CA LEU F 339 28.59 -25.61 21.83
C LEU F 339 30.10 -25.57 21.79
N GLY F 340 30.70 -25.59 22.97
CA GLY F 340 32.15 -25.66 23.15
C GLY F 340 32.74 -26.87 22.47
N THR F 341 32.06 -28.03 22.58
CA THR F 341 32.47 -29.28 21.94
C THR F 341 32.34 -29.22 20.44
N VAL F 342 31.17 -28.71 19.93
CA VAL F 342 30.87 -28.61 18.49
C VAL F 342 31.95 -27.71 17.85
N LEU F 343 32.13 -26.51 18.40
CA LEU F 343 33.08 -25.52 17.95
C LEU F 343 34.54 -25.90 18.24
N ARG F 344 34.77 -26.85 19.21
CA ARG F 344 36.11 -27.23 19.71
C ARG F 344 36.79 -25.93 20.19
N ASN F 345 35.98 -25.05 20.83
CA ASN F 345 36.39 -23.73 21.29
C ASN F 345 35.35 -23.23 22.26
N LEU F 346 35.57 -23.49 23.54
CA LEU F 346 34.69 -23.05 24.61
C LEU F 346 34.75 -21.52 24.82
N LYS F 347 35.86 -20.86 24.39
CA LYS F 347 36.00 -19.41 24.52
C LYS F 347 35.01 -18.71 23.54
N LEU F 348 34.94 -19.25 22.30
CA LEU F 348 34.03 -18.78 21.26
C LEU F 348 32.59 -19.12 21.64
N ALA F 349 32.35 -20.35 22.13
CA ALA F 349 31.06 -20.82 22.60
C ALA F 349 30.50 -19.94 23.72
N ARG F 350 31.36 -19.51 24.67
CA ARG F 350 30.98 -18.65 25.80
C ARG F 350 30.56 -17.30 25.30
N LYS F 351 31.36 -16.71 24.39
CA LYS F 351 31.11 -15.38 23.83
C LYS F 351 29.85 -15.33 22.95
N LEU F 352 29.60 -16.42 22.19
CA LEU F 352 28.44 -16.57 21.31
C LEU F 352 27.17 -16.68 22.15
N MET F 353 27.25 -17.44 23.28
CA MET F 353 26.14 -17.68 24.20
C MET F 353 25.78 -16.43 24.97
N GLU F 354 26.76 -15.55 25.21
CA GLU F 354 26.51 -14.29 25.89
C GLU F 354 25.72 -13.40 24.95
N GLN F 355 26.11 -13.40 23.65
CA GLN F 355 25.45 -12.64 22.60
C GLN F 355 24.04 -13.14 22.31
N TYR F 356 23.93 -14.42 21.92
CA TYR F 356 22.70 -15.08 21.50
C TYR F 356 21.79 -15.67 22.56
N GLY F 357 22.35 -16.18 23.67
CA GLY F 357 21.57 -16.79 24.76
C GLY F 357 21.27 -18.26 24.60
N THR F 358 21.12 -18.70 23.35
CA THR F 358 20.82 -20.08 23.00
C THR F 358 21.50 -20.34 21.67
N PRO F 359 22.00 -21.54 21.36
CA PRO F 359 22.58 -21.75 20.02
C PRO F 359 21.50 -21.81 18.92
N ASN F 360 20.20 -21.81 19.30
CA ASN F 360 19.06 -21.79 18.39
C ASN F 360 18.99 -20.47 17.64
N ASN F 361 19.44 -19.37 18.30
CA ASN F 361 19.39 -18.01 17.81
C ASN F 361 20.61 -17.54 17.05
N ILE F 362 21.74 -18.29 17.11
CA ILE F 362 22.98 -17.91 16.39
C ILE F 362 22.65 -17.82 14.89
N ASP F 363 22.93 -16.65 14.27
CA ASP F 363 22.64 -16.35 12.86
C ASP F 363 23.42 -17.29 11.97
N ILE F 364 22.85 -17.72 10.85
CA ILE F 364 23.48 -18.73 10.01
C ILE F 364 24.91 -18.43 9.59
N TRP F 365 25.20 -17.17 9.16
CA TRP F 365 26.56 -16.83 8.75
C TRP F 365 27.50 -17.00 9.91
N MET F 366 27.16 -16.37 11.06
CA MET F 366 27.94 -16.41 12.29
C MET F 366 28.33 -17.81 12.82
N GLY F 367 27.34 -18.70 13.00
CA GLY F 367 27.55 -20.06 13.48
C GLY F 367 28.32 -20.94 12.51
N GLY F 368 28.03 -20.78 11.22
CA GLY F 368 28.70 -21.51 10.15
C GLY F 368 30.17 -21.17 10.00
N VAL F 369 30.53 -19.88 10.13
CA VAL F 369 31.94 -19.42 10.01
C VAL F 369 32.74 -19.65 11.31
N SER F 370 32.02 -19.94 12.42
CA SER F 370 32.55 -20.23 13.77
C SER F 370 33.05 -21.67 13.88
N GLU F 371 32.39 -22.60 13.20
CA GLU F 371 32.72 -24.02 13.22
C GLU F 371 34.14 -24.24 12.72
N PRO F 372 34.87 -25.23 13.27
CA PRO F 372 36.24 -25.48 12.78
C PRO F 372 36.15 -26.01 11.34
N LEU F 373 37.20 -25.75 10.56
CA LEU F 373 37.26 -26.13 9.15
C LEU F 373 37.49 -27.62 8.96
N LYS F 374 36.78 -28.22 7.99
CA LYS F 374 36.90 -29.64 7.65
C LYS F 374 38.29 -29.85 7.06
N ARG F 375 38.88 -31.05 7.28
CA ARG F 375 40.21 -31.42 6.80
C ARG F 375 40.31 -31.17 5.29
N LYS F 376 41.29 -30.34 4.89
CA LYS F 376 41.59 -29.95 3.49
C LYS F 376 40.42 -29.17 2.83
N GLY F 377 39.61 -28.52 3.66
CA GLY F 377 38.46 -27.74 3.25
C GLY F 377 38.43 -26.42 3.96
N ARG F 378 37.73 -25.45 3.40
CA ARG F 378 37.68 -24.12 4.00
C ARG F 378 36.40 -23.71 4.73
N VAL F 379 35.48 -24.68 4.94
CA VAL F 379 34.25 -24.48 5.73
C VAL F 379 34.10 -25.63 6.72
N GLY F 380 33.33 -25.39 7.77
CA GLY F 380 32.93 -26.39 8.75
C GLY F 380 31.83 -27.30 8.23
N PRO F 381 31.38 -28.30 9.04
CA PRO F 381 30.32 -29.23 8.57
C PRO F 381 29.00 -28.62 8.06
N LEU F 382 28.47 -27.62 8.78
CA LEU F 382 27.24 -26.94 8.43
C LEU F 382 27.30 -26.29 7.02
N LEU F 383 28.28 -25.39 6.77
CA LEU F 383 28.42 -24.75 5.47
C LEU F 383 28.77 -25.76 4.40
N ALA F 384 29.54 -26.80 4.76
CA ALA F 384 29.87 -27.88 3.81
C ALA F 384 28.59 -28.58 3.33
N CYS F 385 27.60 -28.72 4.23
CA CYS F 385 26.33 -29.31 3.89
C CYS F 385 25.52 -28.42 2.94
N ILE F 386 25.19 -27.18 3.36
CA ILE F 386 24.47 -26.18 2.61
C ILE F 386 25.11 -25.94 1.24
N ILE F 387 26.45 -25.68 1.19
CA ILE F 387 27.17 -25.42 -0.05
C ILE F 387 27.14 -26.64 -0.95
N GLY F 388 27.51 -27.81 -0.43
CA GLY F 388 27.49 -29.05 -1.19
C GLY F 388 26.14 -29.45 -1.72
N THR F 389 25.09 -29.31 -0.88
CA THR F 389 23.70 -29.62 -1.25
C THR F 389 23.23 -28.76 -2.44
N GLN F 390 23.53 -27.45 -2.38
CA GLN F 390 23.20 -26.48 -3.41
C GLN F 390 23.88 -26.78 -4.74
N PHE F 391 25.22 -27.06 -4.73
CA PHE F 391 25.95 -27.37 -5.96
C PHE F 391 25.60 -28.66 -6.63
N ARG F 392 25.18 -29.64 -5.83
CA ARG F 392 24.76 -30.90 -6.43
C ARG F 392 23.47 -30.74 -7.23
N LYS F 393 22.63 -29.79 -6.81
CA LYS F 393 21.34 -29.43 -7.42
C LYS F 393 21.57 -28.68 -8.72
N LEU F 394 22.54 -27.70 -8.70
CA LEU F 394 22.95 -26.90 -9.86
C LEU F 394 23.65 -27.78 -10.89
N ARG F 395 24.19 -28.90 -10.46
CA ARG F 395 24.86 -29.88 -11.30
C ARG F 395 23.84 -30.89 -11.88
N ASP F 396 23.07 -31.61 -11.01
CA ASP F 396 22.13 -32.64 -11.47
C ASP F 396 20.88 -32.14 -12.17
N GLY F 397 20.48 -30.90 -11.86
CA GLY F 397 19.30 -30.24 -12.42
C GLY F 397 19.58 -29.22 -13.49
N ASP F 398 20.75 -29.33 -14.14
CA ASP F 398 21.16 -28.46 -15.23
C ASP F 398 21.12 -29.28 -16.49
N ARG F 399 20.13 -28.99 -17.36
CA ARG F 399 19.94 -29.69 -18.63
C ARG F 399 21.10 -29.45 -19.59
N PHE F 400 21.72 -28.26 -19.48
CA PHE F 400 22.87 -27.83 -20.25
C PHE F 400 24.16 -27.92 -19.41
N TRP F 401 24.28 -28.97 -18.58
CA TRP F 401 25.51 -29.25 -17.80
C TRP F 401 26.50 -29.80 -18.84
N TRP F 402 27.76 -29.36 -18.80
CA TRP F 402 28.79 -29.73 -19.78
C TRP F 402 28.90 -31.22 -20.09
N GLU F 403 28.93 -32.07 -19.04
CA GLU F 403 29.01 -33.54 -19.19
C GLU F 403 27.70 -34.21 -19.64
N ASN F 404 26.56 -33.50 -19.70
CA ASN F 404 25.28 -34.11 -20.09
C ASN F 404 25.28 -34.52 -21.57
N GLU F 405 24.52 -35.58 -21.92
CA GLU F 405 24.44 -36.12 -23.27
C GLU F 405 23.74 -35.15 -24.22
N GLY F 406 24.39 -34.82 -25.34
CA GLY F 406 23.81 -33.93 -26.35
C GLY F 406 24.12 -32.45 -26.19
N VAL F 407 24.75 -32.07 -25.07
CA VAL F 407 25.17 -30.69 -24.82
C VAL F 407 26.43 -30.53 -25.67
N PHE F 408 27.46 -31.38 -25.39
CA PHE F 408 28.74 -31.48 -26.12
C PHE F 408 28.91 -32.92 -26.62
N SER F 409 29.88 -33.12 -27.55
CA SER F 409 30.21 -34.42 -28.13
C SER F 409 31.32 -35.08 -27.31
N MET F 410 31.46 -36.43 -27.38
CA MET F 410 32.51 -37.18 -26.66
C MET F 410 33.89 -36.51 -26.84
N GLN F 411 34.15 -35.99 -28.05
CA GLN F 411 35.38 -35.29 -28.46
C GLN F 411 35.47 -33.92 -27.78
N GLN F 412 34.45 -33.02 -27.96
CA GLN F 412 34.37 -31.67 -27.36
C GLN F 412 34.56 -31.74 -25.84
N ARG F 413 33.98 -32.77 -25.19
CA ARG F 413 34.12 -33.04 -23.76
C ARG F 413 35.55 -33.43 -23.40
N GLN F 414 36.19 -34.30 -24.24
CA GLN F 414 37.60 -34.74 -24.06
C GLN F 414 38.57 -33.56 -24.29
N ALA F 415 38.16 -32.60 -25.16
CA ALA F 415 38.88 -31.36 -25.45
C ALA F 415 38.72 -30.39 -24.26
N LEU F 416 37.44 -30.09 -23.86
CA LEU F 416 37.09 -29.19 -22.73
C LEU F 416 37.71 -29.54 -21.40
N ALA F 417 37.88 -30.85 -21.09
CA ALA F 417 38.50 -31.35 -19.87
C ALA F 417 39.94 -30.86 -19.69
N GLN F 418 40.57 -30.43 -20.81
CA GLN F 418 41.94 -29.92 -20.80
C GLN F 418 42.05 -28.44 -20.35
N ILE F 419 40.90 -27.77 -20.11
CA ILE F 419 40.89 -26.37 -19.69
C ILE F 419 41.27 -26.18 -18.22
N SER F 420 41.84 -25.00 -17.94
CA SER F 420 42.21 -24.52 -16.62
C SER F 420 42.10 -23.00 -16.64
N LEU F 421 42.01 -22.39 -15.44
CA LEU F 421 41.97 -20.95 -15.28
C LEU F 421 43.36 -20.32 -15.58
N PRO F 422 44.55 -20.89 -15.19
CA PRO F 422 45.81 -20.27 -15.60
C PRO F 422 45.95 -20.25 -17.14
N ARG F 423 45.49 -21.30 -17.85
CA ARG F 423 45.51 -21.28 -19.32
C ARG F 423 44.64 -20.13 -19.89
N ILE F 424 43.51 -19.81 -19.22
CA ILE F 424 42.60 -18.69 -19.58
C ILE F 424 43.33 -17.35 -19.34
N ILE F 425 44.23 -17.31 -18.34
CA ILE F 425 45.04 -16.14 -18.01
C ILE F 425 46.13 -15.92 -19.10
N CYS F 426 46.80 -17.01 -19.53
CA CYS F 426 47.85 -17.05 -20.56
C CYS F 426 47.36 -16.44 -21.87
N ASP F 427 46.17 -16.86 -22.32
CA ASP F 427 45.53 -16.49 -23.58
C ASP F 427 44.97 -15.08 -23.68
N ASN F 428 44.69 -14.43 -22.55
CA ASN F 428 43.99 -13.14 -22.53
C ASN F 428 44.71 -11.98 -21.85
N THR F 429 45.93 -12.22 -21.37
CA THR F 429 46.76 -11.17 -20.76
C THR F 429 48.21 -11.26 -21.28
N GLY F 430 49.04 -10.33 -20.83
CA GLY F 430 50.46 -10.31 -21.15
C GLY F 430 51.25 -11.17 -20.16
N ILE F 431 50.54 -11.81 -19.19
CA ILE F 431 51.12 -12.69 -18.17
C ILE F 431 51.65 -13.95 -18.83
N THR F 432 52.94 -14.24 -18.57
CA THR F 432 53.66 -15.38 -19.13
C THR F 432 54.04 -16.43 -18.06
N THR F 433 53.97 -16.03 -16.77
CA THR F 433 54.25 -16.90 -15.63
C THR F 433 52.98 -17.02 -14.75
N VAL F 434 52.34 -18.21 -14.76
CA VAL F 434 51.08 -18.48 -14.05
C VAL F 434 51.18 -19.59 -12.98
N SER F 435 50.11 -19.75 -12.16
CA SER F 435 50.03 -20.78 -11.12
C SER F 435 49.98 -22.20 -11.69
N LYS F 436 50.67 -23.14 -11.05
CA LYS F 436 50.61 -24.55 -11.44
C LYS F 436 49.28 -25.07 -10.89
N ASN F 437 48.57 -25.92 -11.65
CA ASN F 437 47.30 -26.50 -11.19
C ASN F 437 47.57 -27.28 -9.89
N ASN F 438 46.76 -27.11 -8.81
CA ASN F 438 45.53 -26.33 -8.67
C ASN F 438 45.84 -24.88 -8.31
N ILE F 439 45.35 -23.94 -9.15
CA ILE F 439 45.50 -22.46 -9.04
C ILE F 439 45.03 -21.90 -7.69
N PHE F 440 43.96 -22.50 -7.10
CA PHE F 440 43.41 -22.03 -5.82
C PHE F 440 44.27 -22.41 -4.63
N MET F 441 45.13 -23.42 -4.80
CA MET F 441 46.08 -23.85 -3.77
C MET F 441 47.38 -23.01 -3.88
N SER F 442 47.94 -22.92 -5.11
CA SER F 442 49.17 -22.21 -5.47
C SER F 442 49.19 -20.74 -5.03
N ASN F 443 50.02 -20.40 -4.01
CA ASN F 443 50.13 -19.02 -3.53
C ASN F 443 51.57 -18.45 -3.52
N SER F 444 52.62 -19.31 -3.49
CA SER F 444 54.01 -18.81 -3.41
C SER F 444 54.85 -18.87 -4.68
N TYR F 445 55.34 -17.68 -5.09
CA TYR F 445 56.22 -17.48 -6.24
C TYR F 445 57.70 -17.55 -5.78
N PRO F 446 58.61 -18.24 -6.51
CA PRO F 446 58.40 -18.97 -7.77
C PRO F 446 57.93 -20.42 -7.64
N ARG F 447 58.10 -21.04 -6.45
CA ARG F 447 57.76 -22.43 -6.14
C ARG F 447 56.53 -22.98 -6.89
N ASP F 448 55.37 -22.33 -6.70
CA ASP F 448 54.07 -22.75 -7.23
C ASP F 448 53.78 -22.25 -8.65
N PHE F 449 54.76 -21.59 -9.28
CA PHE F 449 54.58 -21.00 -10.61
C PHE F 449 55.27 -21.72 -11.76
N VAL F 450 54.61 -21.74 -12.93
CA VAL F 450 55.06 -22.36 -14.19
C VAL F 450 54.93 -21.40 -15.40
N ASN F 451 55.55 -21.77 -16.52
CA ASN F 451 55.54 -20.99 -17.75
C ASN F 451 54.35 -21.41 -18.64
N CYS F 452 53.76 -20.45 -19.37
CA CYS F 452 52.61 -20.60 -20.29
C CYS F 452 52.76 -21.66 -21.36
N SER F 453 54.01 -21.96 -21.74
CA SER F 453 54.35 -22.97 -22.74
C SER F 453 54.02 -24.36 -22.21
N THR F 454 54.29 -24.62 -20.90
CA THR F 454 54.06 -25.91 -20.21
C THR F 454 52.58 -26.27 -19.92
N LEU F 455 51.63 -25.35 -20.23
CA LEU F 455 50.20 -25.56 -20.04
C LEU F 455 49.48 -25.85 -21.36
N PRO F 456 48.64 -26.91 -21.43
CA PRO F 456 47.95 -27.23 -22.69
C PRO F 456 46.73 -26.34 -22.95
N ALA F 457 46.64 -25.81 -24.19
CA ALA F 457 45.57 -24.92 -24.64
C ALA F 457 44.33 -25.68 -25.13
N LEU F 458 43.14 -25.05 -25.10
CA LEU F 458 41.93 -25.72 -25.55
C LEU F 458 41.90 -25.88 -27.06
N ASN F 459 41.89 -27.15 -27.49
CA ASN F 459 41.79 -27.51 -28.90
C ASN F 459 40.31 -27.47 -29.31
N LEU F 460 39.99 -26.66 -30.34
CA LEU F 460 38.65 -26.50 -30.89
C LEU F 460 38.48 -27.26 -32.21
N ALA F 461 39.24 -28.37 -32.42
CA ALA F 461 39.13 -29.17 -33.65
C ALA F 461 37.80 -29.92 -33.72
N SER F 462 37.27 -30.32 -32.55
CA SER F 462 35.99 -31.01 -32.41
C SER F 462 34.80 -30.10 -32.69
N TRP F 463 35.03 -28.77 -32.84
CA TRP F 463 34.03 -27.73 -33.14
C TRP F 463 33.88 -27.44 -34.65
N ARG F 464 34.77 -28.01 -35.47
CA ARG F 464 34.78 -27.86 -36.93
C ARG F 464 33.52 -28.43 -37.58
N GLU F 465 32.92 -27.67 -38.50
CA GLU F 465 31.70 -28.05 -39.22
C GLU F 465 31.90 -27.96 -40.74
N CYS G 1 3.51 -14.46 20.36
CA CYS G 1 3.36 -15.77 21.01
C CYS G 1 3.50 -15.66 22.50
N PRO G 2 2.49 -16.14 23.28
CA PRO G 2 2.64 -16.13 24.74
C PRO G 2 3.65 -17.20 25.13
N GLU G 3 4.65 -16.82 25.96
CA GLU G 3 5.72 -17.69 26.44
C GLU G 3 5.19 -18.94 27.12
N GLN G 4 3.93 -18.89 27.62
CA GLN G 4 3.20 -19.98 28.26
C GLN G 4 1.70 -19.89 27.92
N ASP G 5 1.14 -21.00 27.38
CA ASP G 5 -0.27 -21.15 27.00
C ASP G 5 -0.78 -22.56 27.33
N LYS G 6 -2.05 -22.66 27.76
CA LYS G 6 -2.66 -23.94 28.11
C LYS G 6 -3.49 -24.52 26.98
N TYR G 7 -4.20 -23.66 26.24
CA TYR G 7 -5.06 -24.10 25.14
C TYR G 7 -4.63 -23.58 23.79
N ARG G 8 -5.03 -24.31 22.73
CA ARG G 8 -4.76 -23.91 21.34
C ARG G 8 -5.52 -22.62 21.01
N THR G 9 -4.97 -21.87 20.06
CA THR G 9 -5.60 -20.69 19.51
C THR G 9 -6.60 -21.23 18.46
N ILE G 10 -7.56 -20.38 18.06
CA ILE G 10 -8.57 -20.77 17.09
C ILE G 10 -8.00 -20.88 15.67
N THR G 11 -7.09 -19.95 15.32
CA THR G 11 -6.46 -19.91 14.00
C THR G 11 -5.34 -20.94 13.84
N GLY G 12 -4.85 -21.50 14.94
CA GLY G 12 -3.75 -22.46 14.91
C GLY G 12 -2.39 -21.78 15.09
N MET G 13 -2.41 -20.43 15.13
CA MET G 13 -1.30 -19.51 15.36
C MET G 13 -0.64 -19.88 16.70
N CYS G 14 0.70 -19.71 16.83
CA CYS G 14 1.47 -19.98 18.06
C CYS G 14 1.68 -21.42 18.42
N ASN G 15 1.16 -22.38 17.61
CA ASN G 15 1.37 -23.82 17.86
C ASN G 15 2.86 -24.09 17.68
N ASN G 16 3.43 -23.66 16.56
CA ASN G 16 4.86 -23.76 16.34
C ASN G 16 5.48 -22.41 16.77
N ARG G 17 6.32 -22.42 17.81
CA ARG G 17 6.87 -21.17 18.36
C ARG G 17 7.90 -20.42 17.51
N ARG G 18 8.69 -21.15 16.72
CA ARG G 18 9.72 -20.61 15.82
C ARG G 18 9.11 -20.04 14.54
N SER G 19 8.14 -20.78 13.95
CA SER G 19 7.42 -20.40 12.73
C SER G 19 5.93 -20.40 13.16
N PRO G 20 5.43 -19.28 13.73
CA PRO G 20 4.06 -19.30 14.27
C PRO G 20 2.86 -19.39 13.35
N THR G 21 3.05 -19.39 12.01
CA THR G 21 1.92 -19.56 11.07
C THR G 21 1.77 -20.97 10.50
N LEU G 22 2.75 -21.89 10.76
CA LEU G 22 2.64 -23.27 10.24
C LEU G 22 1.47 -23.98 10.91
N GLY G 23 0.53 -24.45 10.10
CA GLY G 23 -0.70 -25.06 10.58
C GLY G 23 -1.81 -24.06 10.86
N ALA G 24 -1.51 -22.75 10.81
CA ALA G 24 -2.50 -21.71 11.05
C ALA G 24 -3.35 -21.53 9.80
N SER G 25 -4.58 -21.07 9.99
CA SER G 25 -5.56 -20.86 8.93
C SER G 25 -5.21 -19.65 8.07
N ASN G 26 -5.67 -19.66 6.80
CA ASN G 26 -5.54 -18.56 5.85
C ASN G 26 -4.11 -18.28 5.39
N ARG G 27 -3.38 -19.38 5.15
CA ARG G 27 -1.99 -19.34 4.69
C ARG G 27 -1.86 -20.25 3.49
N ALA G 28 -0.80 -20.05 2.69
CA ALA G 28 -0.50 -20.85 1.52
C ALA G 28 -0.16 -22.29 1.93
N PHE G 29 -0.47 -23.25 1.06
CA PHE G 29 -0.17 -24.65 1.33
C PHE G 29 1.32 -24.82 1.10
N VAL G 30 1.96 -25.80 1.76
CA VAL G 30 3.37 -26.08 1.50
C VAL G 30 3.35 -26.94 0.23
N ARG G 31 4.39 -26.91 -0.58
CA ARG G 31 4.44 -27.77 -1.76
C ARG G 31 5.52 -28.85 -1.54
N TRP G 32 5.19 -30.10 -1.83
CA TRP G 32 6.20 -31.14 -1.70
C TRP G 32 7.02 -31.27 -2.95
N LEU G 33 6.46 -30.83 -4.07
CA LEU G 33 7.07 -30.83 -5.38
C LEU G 33 6.80 -29.48 -6.04
N PRO G 34 7.74 -28.93 -6.86
CA PRO G 34 7.48 -27.65 -7.56
C PRO G 34 6.29 -27.74 -8.53
N ALA G 35 5.50 -26.65 -8.65
CA ALA G 35 4.31 -26.61 -9.51
C ALA G 35 4.56 -26.65 -11.02
N GLU G 36 3.74 -27.48 -11.69
CA GLU G 36 3.75 -27.63 -13.14
C GLU G 36 2.56 -26.88 -13.75
N TYR G 37 2.85 -25.72 -14.33
CA TYR G 37 1.91 -24.83 -15.00
C TYR G 37 2.33 -24.59 -16.48
N GLU G 38 1.34 -24.50 -17.39
CA GLU G 38 1.48 -24.25 -18.84
C GLU G 38 2.52 -23.12 -19.19
N ASP G 39 2.50 -22.01 -18.45
CA ASP G 39 3.44 -20.90 -18.62
C ASP G 39 4.59 -20.94 -17.56
N GLY G 40 4.54 -21.92 -16.66
CA GLY G 40 5.53 -22.11 -15.61
C GLY G 40 5.22 -21.42 -14.30
N PHE G 41 4.30 -20.44 -14.29
CA PHE G 41 4.00 -19.73 -13.05
C PHE G 41 2.54 -19.64 -12.65
N SER G 42 1.58 -19.76 -13.59
CA SER G 42 0.15 -19.61 -13.22
C SER G 42 -0.90 -20.32 -14.07
N LEU G 43 -0.71 -20.39 -15.38
CA LEU G 43 -1.72 -21.01 -16.26
C LEU G 43 -1.83 -22.52 -16.10
N PRO G 44 -3.05 -23.03 -15.88
CA PRO G 44 -3.20 -24.48 -15.70
C PRO G 44 -3.07 -25.24 -17.02
N TYR G 45 -2.66 -26.52 -16.98
CA TYR G 45 -2.58 -27.30 -18.19
C TYR G 45 -3.99 -27.46 -18.81
N GLY G 46 -4.05 -27.34 -20.14
CA GLY G 46 -5.31 -27.41 -20.89
C GLY G 46 -5.99 -26.07 -21.06
N TRP G 47 -5.39 -25.00 -20.52
CA TRP G 47 -5.89 -23.63 -20.62
C TRP G 47 -5.80 -23.14 -22.07
N THR G 48 -4.65 -23.32 -22.73
CA THR G 48 -4.51 -22.89 -24.10
C THR G 48 -4.79 -24.05 -25.04
N PRO G 49 -5.79 -23.88 -25.95
CA PRO G 49 -6.11 -24.95 -26.91
C PRO G 49 -4.89 -25.35 -27.74
N GLY G 50 -4.56 -26.62 -27.71
CA GLY G 50 -3.46 -27.17 -28.49
C GLY G 50 -2.11 -27.22 -27.82
N VAL G 51 -1.97 -26.59 -26.64
CA VAL G 51 -0.69 -26.62 -25.90
C VAL G 51 -0.49 -27.99 -25.20
N LYS G 52 0.54 -28.73 -25.63
CA LYS G 52 0.86 -30.05 -25.11
C LYS G 52 1.54 -29.99 -23.75
N ARG G 53 1.32 -31.03 -22.94
CA ARG G 53 1.95 -31.22 -21.64
C ARG G 53 3.02 -32.29 -21.82
N ASN G 54 4.28 -31.93 -21.55
CA ASN G 54 5.41 -32.84 -21.66
C ASN G 54 5.38 -33.66 -22.97
N GLY G 55 5.07 -32.95 -24.08
CA GLY G 55 5.00 -33.51 -25.42
C GLY G 55 3.75 -34.30 -25.78
N PHE G 56 2.74 -34.35 -24.90
CA PHE G 56 1.52 -35.09 -25.19
C PHE G 56 0.27 -34.20 -25.02
N PRO G 57 -0.79 -34.41 -25.83
CA PRO G 57 -2.02 -33.62 -25.63
C PRO G 57 -2.56 -33.75 -24.21
N VAL G 58 -3.17 -32.67 -23.74
CA VAL G 58 -3.81 -32.59 -22.44
C VAL G 58 -5.23 -33.13 -22.63
N ALA G 59 -5.55 -34.23 -21.93
CA ALA G 59 -6.87 -34.85 -21.93
C ALA G 59 -7.88 -33.97 -21.19
N LEU G 60 -9.17 -34.05 -21.58
CA LEU G 60 -10.22 -33.29 -20.89
C LEU G 60 -10.59 -34.03 -19.63
N ALA G 61 -10.66 -33.31 -18.50
CA ALA G 61 -11.03 -33.87 -17.21
C ALA G 61 -12.29 -34.71 -17.34
N ARG G 62 -13.33 -34.17 -18.02
CA ARG G 62 -14.61 -34.79 -18.32
C ARG G 62 -14.47 -36.06 -19.18
N ALA G 63 -13.63 -36.01 -20.25
CA ALA G 63 -13.36 -37.18 -21.10
C ALA G 63 -12.74 -38.31 -20.27
N VAL G 64 -11.75 -37.99 -19.40
CA VAL G 64 -11.11 -38.96 -18.51
C VAL G 64 -12.17 -39.60 -17.61
N SER G 65 -13.03 -38.76 -17.01
CA SER G 65 -14.11 -39.18 -16.13
C SER G 65 -15.09 -40.16 -16.83
N ASN G 66 -15.34 -39.95 -18.15
CA ASN G 66 -16.24 -40.77 -18.96
C ASN G 66 -15.59 -42.11 -19.33
N GLU G 67 -14.32 -42.09 -19.78
CA GLU G 67 -13.60 -43.29 -20.21
C GLU G 67 -13.16 -44.24 -19.10
N ILE G 68 -12.62 -43.67 -18.00
CA ILE G 68 -12.04 -44.43 -16.90
C ILE G 68 -12.95 -44.57 -15.67
N VAL G 69 -13.54 -43.46 -15.22
CA VAL G 69 -14.33 -43.39 -13.99
C VAL G 69 -15.75 -43.93 -14.14
N ARG G 70 -16.44 -43.57 -15.25
CA ARG G 70 -17.80 -44.03 -15.49
C ARG G 70 -17.96 -45.56 -15.44
N PHE G 71 -18.95 -46.00 -14.63
CA PHE G 71 -19.31 -47.39 -14.42
C PHE G 71 -20.83 -47.56 -14.15
N PRO G 72 -21.44 -48.70 -14.51
CA PRO G 72 -22.88 -48.88 -14.26
C PRO G 72 -23.16 -49.06 -12.77
N THR G 73 -24.04 -48.22 -12.20
CA THR G 73 -24.40 -48.22 -10.78
C THR G 73 -24.95 -49.55 -10.24
N ASP G 74 -25.49 -50.39 -11.13
CA ASP G 74 -26.01 -51.70 -10.77
C ASP G 74 -24.81 -52.60 -10.36
N GLN G 75 -23.67 -52.47 -11.10
CA GLN G 75 -22.43 -53.22 -10.90
C GLN G 75 -21.60 -52.89 -9.63
N LEU G 76 -22.08 -51.92 -8.79
CA LEU G 76 -21.42 -51.50 -7.54
C LEU G 76 -21.20 -52.69 -6.60
N THR G 77 -19.94 -52.86 -6.13
CA THR G 77 -19.53 -53.89 -5.16
C THR G 77 -19.54 -53.24 -3.76
N PRO G 78 -20.37 -53.70 -2.80
CA PRO G 78 -20.26 -53.12 -1.44
C PRO G 78 -19.00 -53.68 -0.77
N ASP G 79 -18.36 -52.87 0.11
CA ASP G 79 -17.15 -53.28 0.82
C ASP G 79 -17.57 -54.17 1.96
N GLN G 80 -17.15 -55.44 1.91
CA GLN G 80 -17.45 -56.43 2.94
C GLN G 80 -16.84 -56.03 4.29
N GLU G 81 -15.70 -55.28 4.28
CA GLU G 81 -14.99 -54.87 5.48
C GLU G 81 -15.05 -53.40 5.86
N ARG G 82 -15.79 -52.53 5.14
CA ARG G 82 -15.88 -51.13 5.56
C ARG G 82 -17.30 -50.65 5.69
N SER G 83 -17.59 -49.87 6.75
CA SER G 83 -18.91 -49.29 6.98
C SER G 83 -19.05 -48.02 6.11
N LEU G 84 -20.26 -47.41 6.08
CA LEU G 84 -20.38 -46.16 5.33
C LEU G 84 -19.73 -45.05 6.17
N MET G 85 -19.64 -45.29 7.50
CA MET G 85 -19.08 -44.43 8.55
C MET G 85 -17.59 -44.09 8.25
N PHE G 86 -16.90 -45.04 7.60
CA PHE G 86 -15.52 -44.94 7.14
C PHE G 86 -15.40 -43.80 6.13
N MET G 87 -16.32 -43.76 5.15
CA MET G 87 -16.40 -42.72 4.12
C MET G 87 -16.63 -41.40 4.87
N GLN G 88 -17.72 -41.34 5.66
CA GLN G 88 -18.13 -40.17 6.43
C GLN G 88 -17.10 -39.61 7.41
N TRP G 89 -16.28 -40.44 8.07
CA TRP G 89 -15.23 -39.89 8.94
C TRP G 89 -14.14 -39.18 8.07
N GLY G 90 -13.82 -39.77 6.92
CA GLY G 90 -12.87 -39.23 5.96
C GLY G 90 -13.18 -37.80 5.58
N GLN G 91 -14.43 -37.55 5.19
CA GLN G 91 -14.91 -36.23 4.81
C GLN G 91 -14.88 -35.31 6.00
N LEU G 92 -15.38 -35.78 7.15
CA LEU G 92 -15.38 -35.01 8.40
C LEU G 92 -13.94 -34.61 8.78
N LEU G 93 -13.02 -35.58 8.71
CA LEU G 93 -11.60 -35.38 8.97
C LEU G 93 -11.03 -34.37 7.98
N ASP G 94 -11.34 -34.51 6.68
CA ASP G 94 -10.91 -33.58 5.64
C ASP G 94 -11.31 -32.15 6.00
N HIS G 95 -12.55 -31.98 6.52
CA HIS G 95 -13.12 -30.68 6.88
C HIS G 95 -12.50 -30.04 8.10
N ASP G 96 -11.61 -30.78 8.80
CA ASP G 96 -10.81 -30.31 9.93
C ASP G 96 -9.40 -29.89 9.41
N LEU G 97 -8.99 -30.41 8.21
CA LEU G 97 -7.65 -30.23 7.62
C LEU G 97 -7.51 -29.16 6.56
N ASP G 98 -8.37 -29.22 5.52
CA ASP G 98 -8.27 -28.31 4.40
C ASP G 98 -9.55 -27.91 3.74
N PHE G 99 -9.54 -26.66 3.26
CA PHE G 99 -10.57 -26.02 2.49
C PHE G 99 -9.87 -24.96 1.67
N THR G 100 -9.94 -25.14 0.33
CA THR G 100 -9.32 -24.29 -0.67
C THR G 100 -10.36 -23.27 -1.19
N PRO G 101 -10.33 -22.00 -0.66
CA PRO G 101 -11.34 -21.01 -1.06
C PRO G 101 -11.29 -20.58 -2.51
N GLU G 102 -12.46 -20.23 -3.07
CA GLU G 102 -12.67 -19.80 -4.46
C GLU G 102 -13.22 -18.35 -4.45
N PRO G 103 -13.17 -17.60 -5.58
CA PRO G 103 -13.66 -16.19 -5.55
C PRO G 103 -15.10 -15.97 -5.09
N VAL H 1 -17.62 -11.97 -16.38
CA VAL H 1 -18.00 -13.37 -16.54
C VAL H 1 -18.22 -14.10 -15.19
N ASN H 2 -19.49 -14.51 -14.92
CA ASN H 2 -19.85 -15.28 -13.73
C ASN H 2 -19.63 -16.76 -14.06
N CYS H 3 -18.79 -17.43 -13.26
CA CYS H 3 -18.39 -18.82 -13.45
C CYS H 3 -19.55 -19.80 -13.41
N GLU H 4 -20.59 -19.49 -12.62
CA GLU H 4 -21.78 -20.33 -12.50
C GLU H 4 -22.57 -20.38 -13.81
N THR H 5 -22.72 -19.22 -14.50
CA THR H 5 -23.49 -19.09 -15.75
C THR H 5 -22.69 -19.23 -17.06
N SER H 6 -21.53 -18.56 -17.17
CA SER H 6 -20.73 -18.51 -18.40
C SER H 6 -19.83 -19.72 -18.69
N CYS H 7 -19.52 -19.94 -19.99
CA CYS H 7 -18.65 -21.02 -20.45
C CYS H 7 -17.38 -20.43 -21.09
N VAL H 8 -17.16 -19.14 -20.84
CA VAL H 8 -16.03 -18.34 -21.33
C VAL H 8 -14.83 -18.54 -20.40
N GLN H 9 -13.65 -18.85 -21.00
CA GLN H 9 -12.42 -19.00 -20.25
C GLN H 9 -11.72 -17.66 -20.03
N GLN H 10 -12.20 -16.91 -19.01
CA GLN H 10 -11.65 -15.63 -18.61
C GLN H 10 -11.43 -15.77 -17.09
N PRO H 11 -10.26 -15.38 -16.52
CA PRO H 11 -10.05 -15.57 -15.07
C PRO H 11 -11.15 -14.92 -14.23
N PRO H 12 -11.59 -15.52 -13.09
CA PRO H 12 -11.09 -16.74 -12.42
C PRO H 12 -11.76 -18.05 -12.85
N CYS H 13 -12.31 -18.07 -14.09
CA CYS H 13 -13.02 -19.21 -14.65
C CYS H 13 -12.10 -20.12 -15.40
N PHE H 14 -12.10 -21.42 -15.03
CA PHE H 14 -11.37 -22.46 -15.76
C PHE H 14 -12.42 -23.55 -16.09
N PRO H 15 -13.48 -23.22 -16.89
CA PRO H 15 -14.55 -24.21 -17.11
C PRO H 15 -14.18 -25.48 -17.85
N LEU H 16 -14.70 -26.60 -17.37
CA LEU H 16 -14.49 -27.94 -17.92
C LEU H 16 -15.28 -28.05 -19.23
N LYS H 17 -14.55 -28.04 -20.36
CA LYS H 17 -15.08 -28.16 -21.71
C LYS H 17 -15.65 -29.59 -21.92
N ILE H 18 -16.61 -29.73 -22.86
CA ILE H 18 -17.30 -31.00 -23.08
C ILE H 18 -16.71 -31.82 -24.24
N PRO H 19 -16.43 -33.14 -24.03
CA PRO H 19 -15.88 -33.94 -25.12
C PRO H 19 -16.94 -34.39 -26.12
N PRO H 20 -16.57 -34.70 -27.39
CA PRO H 20 -17.57 -35.23 -28.34
C PRO H 20 -18.14 -36.56 -27.85
N ASN H 21 -19.45 -36.79 -28.11
CA ASN H 21 -20.19 -38.00 -27.72
C ASN H 21 -20.23 -38.24 -26.20
N ASP H 22 -20.52 -37.17 -25.44
CA ASP H 22 -20.65 -37.21 -23.98
C ASP H 22 -21.98 -37.91 -23.64
N PRO H 23 -22.03 -38.77 -22.61
CA PRO H 23 -23.29 -39.48 -22.32
C PRO H 23 -24.40 -38.65 -21.65
N ARG H 24 -24.07 -37.44 -21.16
CA ARG H 24 -25.01 -36.56 -20.48
C ARG H 24 -25.09 -35.19 -21.17
N ILE H 25 -23.94 -34.50 -21.36
CA ILE H 25 -23.95 -33.18 -21.98
C ILE H 25 -23.71 -33.30 -23.49
N LYS H 26 -24.80 -33.30 -24.27
CA LYS H 26 -24.74 -33.41 -25.73
C LYS H 26 -24.22 -32.10 -26.36
N ASN H 27 -24.73 -30.94 -25.90
CA ASN H 27 -24.31 -29.62 -26.39
C ASN H 27 -22.85 -29.33 -25.98
N GLN H 28 -21.93 -29.34 -26.97
CA GLN H 28 -20.51 -29.12 -26.72
C GLN H 28 -20.11 -27.69 -26.37
N ALA H 29 -20.97 -26.69 -26.70
CA ALA H 29 -20.75 -25.27 -26.40
C ALA H 29 -21.13 -24.96 -24.94
N ASP H 30 -21.53 -26.00 -24.18
CA ASP H 30 -21.84 -25.94 -22.75
C ASP H 30 -20.52 -26.25 -22.00
N CYS H 31 -20.59 -26.45 -20.66
CA CYS H 31 -19.46 -26.72 -19.75
C CYS H 31 -19.94 -26.99 -18.33
N ILE H 32 -19.06 -27.63 -17.53
CA ILE H 32 -19.25 -27.80 -16.09
C ILE H 32 -18.53 -26.56 -15.51
N PRO H 33 -19.22 -25.72 -14.71
CA PRO H 33 -18.55 -24.52 -14.15
C PRO H 33 -17.41 -24.87 -13.18
N PHE H 34 -16.36 -24.04 -13.22
CA PHE H 34 -15.16 -24.18 -12.38
C PHE H 34 -14.59 -22.82 -12.10
N PHE H 35 -14.26 -22.57 -10.82
CA PHE H 35 -13.62 -21.34 -10.40
C PHE H 35 -12.28 -21.77 -9.93
N ARG H 36 -11.23 -21.14 -10.48
CA ARG H 36 -9.84 -21.35 -10.05
C ARG H 36 -9.75 -20.99 -8.57
N SER H 37 -9.12 -21.87 -7.78
CA SER H 37 -8.90 -21.66 -6.35
C SER H 37 -8.16 -20.34 -6.14
N CYS H 38 -8.49 -19.63 -5.05
CA CYS H 38 -7.90 -18.34 -4.73
C CYS H 38 -6.36 -18.37 -4.73
N PRO H 39 -5.72 -17.38 -5.38
CA PRO H 39 -4.24 -17.35 -5.38
C PRO H 39 -3.71 -16.77 -4.08
N ALA H 40 -2.71 -17.42 -3.48
CA ALA H 40 -2.07 -16.92 -2.24
C ALA H 40 -1.41 -15.54 -2.51
N CYS H 41 -0.91 -15.34 -3.74
CA CYS H 41 -0.28 -14.11 -4.21
C CYS H 41 -1.01 -13.55 -5.45
N PRO H 42 -2.12 -12.80 -5.26
CA PRO H 42 -2.88 -12.30 -6.44
C PRO H 42 -2.17 -11.34 -7.39
N GLY H 43 -2.19 -11.71 -8.67
CA GLY H 43 -1.61 -10.93 -9.77
C GLY H 43 -0.10 -10.94 -9.97
N SER H 44 0.62 -11.84 -9.31
CA SER H 44 2.09 -11.88 -9.43
C SER H 44 2.59 -12.66 -10.62
N ASN H 45 3.75 -12.27 -11.13
CA ASN H 45 4.46 -12.90 -12.23
C ASN H 45 5.90 -13.23 -11.78
N ILE H 46 6.13 -13.29 -10.46
CA ILE H 46 7.41 -13.59 -9.82
C ILE H 46 7.25 -14.88 -9.03
N THR H 47 6.12 -14.99 -8.35
CA THR H 47 5.84 -16.16 -7.53
C THR H 47 5.17 -17.21 -8.39
N ILE H 48 5.47 -18.49 -8.13
CA ILE H 48 4.80 -19.60 -8.79
C ILE H 48 3.50 -19.72 -8.00
N ARG H 49 2.35 -19.61 -8.71
CA ARG H 49 1.01 -19.63 -8.15
C ARG H 49 0.79 -20.71 -7.12
N ASN H 50 0.15 -20.36 -6.01
CA ASN H 50 -0.18 -21.30 -4.96
C ASN H 50 -1.54 -20.98 -4.32
N GLN H 51 -2.14 -21.99 -3.71
CA GLN H 51 -3.46 -21.86 -3.11
C GLN H 51 -3.38 -21.71 -1.62
N ILE H 52 -4.53 -21.39 -0.99
CA ILE H 52 -4.69 -21.08 0.41
C ILE H 52 -5.42 -22.16 1.15
N ASN H 53 -5.08 -22.36 2.44
CA ASN H 53 -5.80 -23.25 3.31
C ASN H 53 -6.53 -22.34 4.29
N ALA H 54 -7.86 -22.32 4.22
CA ALA H 54 -8.70 -21.48 5.07
C ALA H 54 -8.82 -22.06 6.49
N LEU H 55 -8.25 -23.26 6.70
CA LEU H 55 -8.36 -23.96 7.97
C LEU H 55 -7.05 -24.21 8.66
N THR H 56 -7.11 -24.53 9.96
CA THR H 56 -5.97 -24.96 10.75
C THR H 56 -5.68 -26.38 10.24
N SER H 57 -4.42 -26.65 9.87
CA SER H 57 -4.03 -27.95 9.35
C SER H 57 -4.18 -29.03 10.44
N PHE H 58 -3.93 -28.66 11.70
CA PHE H 58 -4.00 -29.58 12.82
C PHE H 58 -5.30 -30.33 12.94
N VAL H 59 -5.23 -31.48 13.61
CA VAL H 59 -6.41 -32.26 13.92
C VAL H 59 -6.88 -31.72 15.29
N ASP H 60 -7.40 -30.48 15.26
CA ASP H 60 -7.84 -29.72 16.44
C ASP H 60 -9.36 -29.50 16.51
N ALA H 61 -10.15 -30.30 15.73
CA ALA H 61 -11.62 -30.24 15.64
C ALA H 61 -12.09 -28.83 15.22
N SER H 62 -11.34 -28.18 14.32
CA SER H 62 -11.71 -26.86 13.84
C SER H 62 -13.03 -26.89 13.01
N MET H 63 -13.51 -28.10 12.59
CA MET H 63 -14.78 -28.22 11.87
C MET H 63 -15.99 -28.00 12.81
N VAL H 64 -15.70 -27.95 14.15
CA VAL H 64 -16.64 -27.71 15.24
C VAL H 64 -16.50 -26.29 15.78
N TYR H 65 -15.26 -25.85 16.04
CA TYR H 65 -14.99 -24.56 16.70
C TYR H 65 -14.68 -23.44 15.74
N GLY H 66 -14.26 -23.80 14.55
CA GLY H 66 -13.90 -22.85 13.52
C GLY H 66 -12.42 -22.57 13.56
N SER H 67 -11.92 -22.01 12.48
CA SER H 67 -10.53 -21.66 12.29
C SER H 67 -10.26 -20.14 12.32
N GLU H 68 -11.28 -19.31 12.69
CA GLU H 68 -11.20 -17.84 12.77
C GLU H 68 -11.94 -17.31 14.01
N GLU H 69 -11.33 -16.36 14.77
CA GLU H 69 -11.91 -15.78 16.00
C GLU H 69 -13.35 -15.23 15.91
N PRO H 70 -13.75 -14.43 14.88
CA PRO H 70 -15.15 -13.96 14.85
C PRO H 70 -16.17 -15.11 14.80
N LEU H 71 -15.88 -16.17 14.01
CA LEU H 71 -16.70 -17.38 13.88
C LEU H 71 -16.73 -18.19 15.19
N ALA H 72 -15.57 -18.47 15.78
CA ALA H 72 -15.48 -19.24 17.03
C ALA H 72 -16.33 -18.64 18.15
N ARG H 73 -16.45 -17.30 18.17
CA ARG H 73 -17.21 -16.54 19.16
C ARG H 73 -18.70 -16.75 18.93
N ASN H 74 -19.16 -16.61 17.66
CA ASN H 74 -20.54 -16.77 17.20
C ASN H 74 -21.05 -18.19 17.45
N LEU H 75 -20.20 -19.20 17.22
CA LEU H 75 -20.51 -20.62 17.46
C LEU H 75 -20.67 -20.95 18.95
N ARG H 76 -20.34 -20.00 19.85
CA ARG H 76 -20.42 -20.18 21.30
C ARG H 76 -21.65 -19.53 21.92
N ASN H 77 -22.23 -20.23 22.91
CA ASN H 77 -23.36 -19.77 23.71
C ASN H 77 -22.83 -18.70 24.71
N MET H 78 -22.96 -17.41 24.33
CA MET H 78 -22.50 -16.27 25.14
C MET H 78 -23.55 -15.81 26.19
N SER H 79 -24.71 -16.47 26.21
CA SER H 79 -25.82 -16.20 27.13
C SER H 79 -25.47 -16.45 28.61
N ASN H 80 -24.67 -17.50 28.88
CA ASN H 80 -24.32 -17.88 30.26
C ASN H 80 -22.81 -18.12 30.46
N GLN H 81 -22.46 -18.83 31.54
CA GLN H 81 -21.08 -19.14 31.90
C GLN H 81 -20.94 -20.67 32.07
N LEU H 82 -21.43 -21.43 31.08
CA LEU H 82 -21.37 -22.89 31.09
C LEU H 82 -20.39 -23.45 30.05
N GLY H 83 -19.90 -22.60 29.15
CA GLY H 83 -18.96 -22.97 28.09
C GLY H 83 -19.52 -23.88 27.04
N LEU H 84 -20.74 -23.55 26.58
CA LEU H 84 -21.48 -24.32 25.59
C LEU H 84 -21.40 -23.70 24.21
N LEU H 85 -21.60 -24.56 23.19
CA LEU H 85 -21.68 -24.09 21.82
C LEU H 85 -23.16 -23.79 21.56
N ALA H 86 -23.42 -22.78 20.71
CA ALA H 86 -24.77 -22.37 20.33
C ALA H 86 -25.51 -23.55 19.72
N VAL H 87 -26.79 -23.71 20.09
CA VAL H 87 -27.68 -24.76 19.56
C VAL H 87 -28.84 -24.12 18.74
N ASN H 88 -29.64 -24.95 18.05
CA ASN H 88 -30.76 -24.41 17.28
C ASN H 88 -31.85 -23.90 18.19
N GLN H 89 -32.32 -22.68 17.95
CA GLN H 89 -33.34 -22.07 18.78
C GLN H 89 -34.76 -22.42 18.31
N ARG H 90 -34.91 -22.75 17.01
CA ARG H 90 -36.17 -23.15 16.39
C ARG H 90 -36.44 -24.65 16.65
N PHE H 91 -35.53 -25.55 16.17
CA PHE H 91 -35.73 -27.00 16.25
C PHE H 91 -34.94 -27.77 17.32
N GLN H 92 -35.30 -29.06 17.54
CA GLN H 92 -34.73 -30.02 18.50
C GLN H 92 -34.94 -31.43 17.95
N ASP H 93 -33.97 -32.33 18.13
CA ASP H 93 -34.07 -33.70 17.62
C ASP H 93 -34.43 -34.64 18.75
N ASN H 94 -35.76 -34.89 18.92
CA ASN H 94 -36.35 -35.71 19.97
C ASN H 94 -35.82 -35.23 21.34
N GLY H 95 -35.76 -33.91 21.47
CA GLY H 95 -35.26 -33.22 22.66
C GLY H 95 -33.80 -32.84 22.59
N ARG H 96 -33.03 -33.58 21.80
CA ARG H 96 -31.60 -33.36 21.65
C ARG H 96 -31.29 -32.16 20.77
N ALA H 97 -30.11 -31.56 20.98
CA ALA H 97 -29.63 -30.37 20.27
C ALA H 97 -29.27 -30.61 18.79
N LEU H 98 -29.48 -29.60 17.96
CA LEU H 98 -29.12 -29.56 16.54
C LEU H 98 -28.26 -28.31 16.32
N LEU H 99 -27.52 -28.27 15.21
CA LEU H 99 -26.65 -27.13 14.91
C LEU H 99 -27.46 -25.85 14.70
N PRO H 100 -26.95 -24.65 15.06
CA PRO H 100 -27.71 -23.40 14.80
C PRO H 100 -27.83 -23.15 13.30
N PHE H 101 -28.68 -22.22 12.89
CA PHE H 101 -28.80 -21.96 11.46
C PHE H 101 -27.84 -20.86 11.00
N ASP H 102 -27.59 -20.81 9.70
CA ASP H 102 -26.70 -19.83 9.11
C ASP H 102 -27.44 -18.72 8.35
N ASN H 103 -26.89 -17.50 8.47
CA ASN H 103 -27.36 -16.24 7.91
C ASN H 103 -26.67 -16.00 6.56
N LEU H 104 -26.95 -16.87 5.57
CA LEU H 104 -26.36 -16.78 4.22
C LEU H 104 -27.22 -15.95 3.30
N HIS H 105 -26.59 -15.15 2.40
CA HIS H 105 -27.29 -14.34 1.40
C HIS H 105 -27.96 -15.32 0.43
N ASP H 106 -27.16 -15.95 -0.46
CA ASP H 106 -27.70 -16.97 -1.35
C ASP H 106 -27.46 -18.28 -0.61
N ASP H 107 -28.54 -18.82 0.01
CA ASP H 107 -28.51 -20.04 0.82
C ASP H 107 -28.98 -21.22 -0.06
N PRO H 108 -28.15 -22.25 -0.27
CA PRO H 108 -28.57 -23.37 -1.13
C PRO H 108 -29.31 -24.50 -0.43
N CYS H 109 -29.51 -24.41 0.91
CA CYS H 109 -30.22 -25.46 1.66
C CYS H 109 -31.74 -25.31 1.58
N LEU H 110 -32.16 -24.13 1.13
CA LEU H 110 -33.53 -23.71 0.93
C LEU H 110 -33.97 -24.15 -0.45
N LEU H 111 -33.00 -24.25 -1.37
CA LEU H 111 -33.27 -24.60 -2.76
C LEU H 111 -33.65 -26.06 -2.95
N THR H 112 -33.26 -26.91 -1.98
CA THR H 112 -33.52 -28.35 -1.97
C THR H 112 -35.00 -28.70 -1.70
N ASN H 113 -35.69 -27.85 -0.91
CA ASN H 113 -37.11 -27.96 -0.58
C ASN H 113 -37.61 -26.56 -0.29
N ARG H 114 -38.41 -25.98 -1.21
CA ARG H 114 -38.98 -24.64 -1.08
C ARG H 114 -39.95 -24.55 0.10
N SER H 115 -40.85 -25.53 0.25
CA SER H 115 -41.88 -25.53 1.30
C SER H 115 -41.31 -25.63 2.71
N ALA H 116 -40.34 -26.55 2.95
CA ALA H 116 -39.68 -26.82 4.24
C ALA H 116 -39.06 -25.61 4.86
N ARG H 117 -38.52 -24.69 4.02
CA ARG H 117 -37.88 -23.44 4.42
C ARG H 117 -36.79 -23.63 5.48
N ILE H 118 -35.94 -24.65 5.30
CA ILE H 118 -34.86 -24.97 6.24
C ILE H 118 -33.50 -24.53 5.70
N PRO H 119 -32.89 -23.48 6.28
CA PRO H 119 -31.60 -23.01 5.77
C PRO H 119 -30.41 -23.87 6.21
N CYS H 120 -29.18 -23.49 5.78
CA CYS H 120 -27.91 -24.15 6.10
C CYS H 120 -27.61 -24.03 7.58
N PHE H 121 -26.94 -25.04 8.14
CA PHE H 121 -26.51 -25.03 9.53
C PHE H 121 -25.17 -24.28 9.63
N LEU H 122 -24.82 -23.87 10.83
CA LEU H 122 -23.62 -23.13 11.13
C LEU H 122 -22.72 -24.03 11.97
N ALA H 123 -21.53 -24.34 11.44
CA ALA H 123 -20.51 -25.15 12.10
C ALA H 123 -19.15 -24.48 11.93
N GLY H 124 -18.11 -25.09 12.48
CA GLY H 124 -16.74 -24.62 12.38
C GLY H 124 -16.28 -24.55 10.95
N ASP H 125 -16.66 -25.55 10.14
CA ASP H 125 -16.36 -25.56 8.71
C ASP H 125 -17.64 -25.13 7.95
N THR H 126 -17.51 -24.51 6.75
CA THR H 126 -18.65 -24.03 5.95
C THR H 126 -19.37 -25.12 5.15
N ARG H 127 -18.90 -26.37 5.22
CA ARG H 127 -19.49 -27.46 4.44
C ARG H 127 -20.27 -28.48 5.30
N SER H 128 -20.77 -28.07 6.48
CA SER H 128 -21.54 -28.95 7.40
C SER H 128 -22.85 -29.44 6.83
N SER H 129 -23.55 -28.57 6.09
CA SER H 129 -24.85 -28.88 5.48
C SER H 129 -24.70 -29.41 4.05
N GLU H 130 -23.54 -29.97 3.71
CA GLU H 130 -23.28 -30.48 2.35
C GLU H 130 -24.03 -31.79 2.06
N MET H 131 -24.12 -32.65 3.07
CA MET H 131 -24.84 -33.91 3.02
C MET H 131 -25.29 -34.25 4.44
N PRO H 132 -26.53 -34.81 4.62
CA PRO H 132 -27.03 -35.05 5.97
C PRO H 132 -26.15 -35.97 6.82
N GLU H 133 -25.39 -36.88 6.17
CA GLU H 133 -24.46 -37.79 6.86
C GLU H 133 -23.35 -36.99 7.57
N LEU H 134 -22.89 -35.89 6.91
CA LEU H 134 -21.90 -34.95 7.42
C LEU H 134 -22.49 -34.06 8.51
N THR H 135 -23.76 -33.65 8.37
CA THR H 135 -24.45 -32.82 9.37
C THR H 135 -24.62 -33.64 10.65
N SER H 136 -24.99 -34.93 10.49
CA SER H 136 -25.17 -35.87 11.59
C SER H 136 -23.89 -35.95 12.42
N MET H 137 -22.73 -36.01 11.74
CA MET H 137 -21.40 -36.06 12.36
C MET H 137 -21.07 -34.76 13.06
N HIS H 138 -21.38 -33.63 12.41
CA HIS H 138 -21.18 -32.30 12.98
C HIS H 138 -22.00 -32.11 14.25
N THR H 139 -23.32 -32.41 14.20
CA THR H 139 -24.27 -32.34 15.33
C THR H 139 -23.81 -33.23 16.49
N LEU H 140 -23.34 -34.44 16.18
CA LEU H 140 -22.85 -35.43 17.14
C LEU H 140 -21.75 -34.85 18.02
N LEU H 141 -20.77 -34.19 17.41
CA LEU H 141 -19.66 -33.55 18.13
C LEU H 141 -20.09 -32.34 18.95
N LEU H 142 -21.05 -31.53 18.43
CA LEU H 142 -21.66 -30.37 19.10
C LEU H 142 -22.30 -30.83 20.41
N ARG H 143 -23.13 -31.90 20.34
CA ARG H 143 -23.80 -32.49 21.49
C ARG H 143 -22.73 -32.98 22.47
N GLU H 144 -21.71 -33.69 21.93
CA GLU H 144 -20.56 -34.19 22.70
C GLU H 144 -19.79 -33.07 23.39
N HIS H 145 -19.67 -31.89 22.74
CA HIS H 145 -19.02 -30.73 23.38
C HIS H 145 -19.80 -30.31 24.65
N ASN H 146 -21.07 -29.92 24.48
CA ASN H 146 -21.97 -29.47 25.57
C ASN H 146 -22.15 -30.50 26.68
N ARG H 147 -22.27 -31.79 26.31
CA ARG H 147 -22.37 -32.88 27.29
C ARG H 147 -21.11 -32.84 28.18
N LEU H 148 -19.89 -32.69 27.55
CA LEU H 148 -18.62 -32.62 28.27
C LEU H 148 -18.54 -31.40 29.14
N ALA H 149 -18.86 -30.23 28.58
CA ALA H 149 -18.89 -28.95 29.29
C ALA H 149 -19.75 -29.04 30.57
N THR H 150 -20.96 -29.64 30.44
CA THR H 150 -21.92 -29.87 31.53
C THR H 150 -21.39 -30.86 32.59
N GLU H 151 -20.74 -31.99 32.17
CA GLU H 151 -20.17 -32.97 33.08
C GLU H 151 -18.95 -32.37 33.83
N LEU H 152 -18.31 -31.35 33.23
CA LEU H 152 -17.16 -30.64 33.80
C LEU H 152 -17.62 -29.59 34.81
N LYS H 153 -18.87 -29.06 34.65
CA LYS H 153 -19.43 -28.08 35.58
C LYS H 153 -19.80 -28.74 36.92
N SER H 154 -20.35 -29.97 36.89
CA SER H 154 -20.71 -30.72 38.09
C SER H 154 -19.49 -31.12 38.94
N LEU H 155 -18.32 -31.31 38.29
CA LEU H 155 -17.08 -31.68 38.96
C LEU H 155 -16.30 -30.47 39.43
N ASN H 156 -16.41 -29.35 38.69
CA ASN H 156 -15.71 -28.09 38.97
C ASN H 156 -16.67 -26.91 38.79
N PRO H 157 -17.48 -26.61 39.84
CA PRO H 157 -18.43 -25.50 39.72
C PRO H 157 -17.76 -24.12 39.71
N ARG H 158 -16.54 -24.02 40.28
CA ARG H 158 -15.77 -22.78 40.33
C ARG H 158 -15.29 -22.30 38.94
N TRP H 159 -15.11 -23.26 37.98
CA TRP H 159 -14.71 -23.04 36.59
C TRP H 159 -15.77 -22.18 35.88
N ASP H 160 -15.33 -21.08 35.26
CA ASP H 160 -16.18 -20.13 34.51
C ASP H 160 -16.56 -20.69 33.12
N GLY H 161 -17.16 -19.84 32.28
CA GLY H 161 -17.56 -20.19 30.92
C GLY H 161 -16.40 -20.45 29.98
N GLU H 162 -15.33 -19.61 30.05
CA GLU H 162 -14.15 -19.76 29.21
C GLU H 162 -13.40 -21.06 29.48
N ARG H 163 -13.15 -21.41 30.75
CA ARG H 163 -12.44 -22.64 31.16
C ARG H 163 -13.19 -23.91 30.73
N LEU H 164 -14.52 -23.93 30.96
CA LEU H 164 -15.42 -25.02 30.60
C LEU H 164 -15.37 -25.27 29.10
N TYR H 165 -15.56 -24.20 28.26
CA TYR H 165 -15.48 -24.27 26.79
C TYR H 165 -14.12 -24.79 26.34
N GLN H 166 -13.03 -24.22 26.89
CA GLN H 166 -11.66 -24.61 26.54
C GLN H 166 -11.32 -26.08 26.89
N GLU H 167 -11.63 -26.52 28.14
CA GLU H 167 -11.38 -27.90 28.59
C GLU H 167 -12.18 -28.93 27.80
N ALA H 168 -13.42 -28.56 27.38
CA ALA H 168 -14.30 -29.43 26.59
C ALA H 168 -13.80 -29.54 25.15
N ARG H 169 -13.35 -28.41 24.57
CA ARG H 169 -12.78 -28.31 23.22
C ARG H 169 -11.53 -29.19 23.10
N LYS H 170 -10.67 -29.15 24.14
CA LYS H 170 -9.44 -29.93 24.29
C LYS H 170 -9.73 -31.43 24.26
N ILE H 171 -10.82 -31.89 24.95
CA ILE H 171 -11.25 -33.30 25.00
C ILE H 171 -11.77 -33.75 23.63
N VAL H 172 -12.66 -32.94 23.00
CA VAL H 172 -13.20 -33.22 21.66
C VAL H 172 -12.07 -33.45 20.66
N GLY H 173 -11.11 -32.51 20.61
CA GLY H 173 -9.93 -32.60 19.76
C GLY H 173 -9.13 -33.88 19.92
N ALA H 174 -8.93 -34.34 21.17
CA ALA H 174 -8.24 -35.59 21.45
C ALA H 174 -9.01 -36.77 20.92
N MET H 175 -10.35 -36.79 21.10
CA MET H 175 -11.27 -37.81 20.60
C MET H 175 -11.11 -37.93 19.07
N VAL H 176 -11.18 -36.77 18.33
CA VAL H 176 -11.02 -36.73 16.87
C VAL H 176 -9.63 -37.29 16.49
N GLN H 177 -8.60 -36.98 17.31
CA GLN H 177 -7.24 -37.46 17.10
C GLN H 177 -7.12 -38.98 17.34
N ILE H 178 -7.68 -39.48 18.47
CA ILE H 178 -7.68 -40.89 18.83
C ILE H 178 -8.37 -41.75 17.77
N ILE H 179 -9.62 -41.41 17.39
CA ILE H 179 -10.38 -42.13 16.35
C ILE H 179 -9.65 -42.09 14.98
N THR H 180 -9.05 -40.94 14.64
CA THR H 180 -8.33 -40.81 13.37
C THR H 180 -7.12 -41.76 13.28
N TYR H 181 -6.25 -41.68 14.27
CA TYR H 181 -5.01 -42.44 14.31
C TYR H 181 -5.15 -43.87 14.78
N ARG H 182 -5.87 -44.12 15.87
CA ARG H 182 -6.09 -45.49 16.36
C ARG H 182 -7.05 -46.33 15.46
N ASP H 183 -8.17 -45.74 15.01
CA ASP H 183 -9.21 -46.48 14.27
C ASP H 183 -9.31 -46.25 12.77
N TYR H 184 -9.21 -44.99 12.33
CA TYR H 184 -9.38 -44.64 10.92
C TYR H 184 -8.17 -44.85 9.99
N LEU H 185 -7.00 -44.24 10.31
CA LEU H 185 -5.80 -44.35 9.47
C LEU H 185 -5.29 -45.77 9.22
N PRO H 186 -5.33 -46.73 10.19
CA PRO H 186 -4.88 -48.10 9.88
C PRO H 186 -5.73 -48.78 8.82
N LEU H 187 -7.01 -48.38 8.68
CA LEU H 187 -7.94 -48.98 7.72
C LEU H 187 -7.83 -48.31 6.39
N VAL H 188 -7.23 -47.10 6.37
CA VAL H 188 -7.01 -46.40 5.11
C VAL H 188 -5.73 -46.94 4.52
N LEU H 189 -4.64 -46.93 5.32
CA LEU H 189 -3.28 -47.28 4.88
C LEU H 189 -2.99 -48.75 4.81
N GLY H 190 -3.53 -49.50 5.77
CA GLY H 190 -3.22 -50.90 5.90
C GLY H 190 -2.11 -50.99 6.94
N PRO H 191 -1.81 -52.19 7.48
CA PRO H 191 -0.81 -52.26 8.55
C PRO H 191 0.64 -51.91 8.20
N THR H 192 1.13 -52.31 7.02
CA THR H 192 2.52 -52.03 6.64
C THR H 192 2.81 -50.53 6.43
N ALA H 193 1.95 -49.85 5.65
CA ALA H 193 2.07 -48.41 5.39
C ALA H 193 1.87 -47.65 6.73
N MET H 194 0.97 -48.14 7.58
CA MET H 194 0.73 -47.58 8.91
C MET H 194 2.01 -47.65 9.76
N ARG H 195 2.82 -48.74 9.66
CA ARG H 195 4.07 -48.85 10.44
C ARG H 195 5.21 -48.00 9.83
N LYS H 196 5.27 -47.93 8.49
CA LYS H 196 6.26 -47.18 7.73
C LYS H 196 6.06 -45.67 7.93
N TYR H 197 4.83 -45.19 7.71
CA TYR H 197 4.53 -43.76 7.79
C TYR H 197 4.11 -43.28 9.16
N LEU H 198 3.53 -44.17 9.98
CA LEU H 198 3.11 -43.73 11.30
C LEU H 198 3.68 -44.60 12.42
N PRO H 199 5.02 -44.58 12.63
CA PRO H 199 5.61 -45.40 13.72
C PRO H 199 5.14 -44.94 15.09
N THR H 200 5.46 -45.70 16.16
CA THR H 200 5.04 -45.33 17.51
C THR H 200 5.38 -43.86 17.72
N TYR H 201 4.44 -43.09 18.25
CA TYR H 201 4.66 -41.70 18.54
C TYR H 201 5.79 -41.58 19.59
N ARG H 202 6.74 -40.65 19.37
CA ARG H 202 7.82 -40.42 20.31
C ARG H 202 7.44 -39.22 21.16
N SER H 203 7.45 -37.98 20.59
CA SER H 203 7.12 -36.72 21.28
C SER H 203 7.05 -35.57 20.27
N TYR H 204 6.63 -34.37 20.73
CA TYR H 204 6.54 -33.18 19.88
C TYR H 204 7.91 -32.80 19.34
N ASN H 205 7.92 -32.44 18.07
CA ASN H 205 9.08 -32.09 17.30
C ASN H 205 8.75 -30.81 16.56
N ASP H 206 9.33 -29.71 17.03
CA ASP H 206 9.14 -28.37 16.49
C ASP H 206 9.74 -28.13 15.10
N SER H 207 10.35 -29.17 14.49
CA SER H 207 10.96 -29.10 13.17
C SER H 207 10.14 -29.94 12.17
N VAL H 208 8.98 -30.45 12.61
CA VAL H 208 8.07 -31.12 11.70
C VAL H 208 7.07 -30.05 11.22
N ASP H 209 7.10 -29.71 9.89
CA ASP H 209 6.21 -28.74 9.27
C ASP H 209 4.77 -29.29 9.31
N PRO H 210 3.84 -28.67 10.09
CA PRO H 210 2.49 -29.24 10.20
C PRO H 210 1.51 -28.84 9.09
N ARG H 211 1.92 -28.03 8.11
CA ARG H 211 1.03 -27.56 7.05
C ARG H 211 0.53 -28.66 6.16
N ILE H 212 -0.65 -28.41 5.54
CA ILE H 212 -1.23 -29.28 4.54
C ILE H 212 -0.46 -28.98 3.27
N ALA H 213 0.04 -30.03 2.62
CA ALA H 213 0.70 -29.91 1.32
C ALA H 213 -0.39 -29.90 0.25
N ASN H 214 -0.17 -29.11 -0.80
CA ASN H 214 -1.07 -28.94 -1.91
C ASN H 214 -1.59 -30.28 -2.48
N VAL H 215 -0.70 -31.24 -2.74
CA VAL H 215 -1.08 -32.56 -3.26
C VAL H 215 -2.14 -33.32 -2.41
N PHE H 216 -2.06 -33.20 -1.08
CA PHE H 216 -2.95 -33.87 -0.14
C PHE H 216 -4.39 -33.45 -0.34
N THR H 217 -4.62 -32.16 -0.69
CA THR H 217 -5.94 -31.58 -0.96
C THR H 217 -6.60 -32.33 -2.11
N ASN H 218 -5.81 -32.99 -2.96
CA ASN H 218 -6.27 -33.80 -4.08
C ASN H 218 -6.20 -35.29 -3.82
N ALA H 219 -5.10 -35.78 -3.22
CA ALA H 219 -4.88 -37.22 -2.94
C ALA H 219 -5.91 -37.75 -1.92
N PHE H 220 -6.32 -36.92 -0.94
CA PHE H 220 -7.29 -37.30 0.08
C PHE H 220 -8.74 -37.33 -0.48
N ARG H 221 -8.92 -36.93 -1.76
CA ARG H 221 -10.18 -37.00 -2.47
C ARG H 221 -10.39 -38.45 -2.88
N TYR H 222 -9.47 -39.37 -2.45
CA TYR H 222 -9.56 -40.82 -2.69
C TYR H 222 -10.94 -41.33 -2.19
N GLY H 223 -11.43 -40.71 -1.09
CA GLY H 223 -12.69 -41.00 -0.43
C GLY H 223 -13.93 -40.86 -1.30
N HIS H 224 -13.78 -40.19 -2.46
CA HIS H 224 -14.84 -40.06 -3.46
C HIS H 224 -15.20 -41.47 -4.07
N THR H 225 -14.24 -42.43 -4.03
CA THR H 225 -14.40 -43.82 -4.49
C THR H 225 -15.14 -44.70 -3.45
N LEU H 226 -15.42 -44.15 -2.25
CA LEU H 226 -16.12 -44.85 -1.17
C LEU H 226 -17.60 -44.48 -1.13
N ILE H 227 -17.98 -43.41 -1.86
CA ILE H 227 -19.36 -42.89 -1.86
C ILE H 227 -20.42 -43.84 -2.46
N GLN H 228 -21.53 -44.04 -1.72
CA GLN H 228 -22.69 -44.84 -2.12
C GLN H 228 -23.65 -43.93 -2.86
N PRO H 229 -24.43 -44.46 -3.84
CA PRO H 229 -25.36 -43.58 -4.58
C PRO H 229 -26.60 -43.13 -3.81
N PHE H 230 -26.76 -43.64 -2.58
CA PHE H 230 -27.89 -43.30 -1.72
C PHE H 230 -27.45 -42.91 -0.35
N MET H 231 -28.33 -42.20 0.35
CA MET H 231 -28.18 -41.94 1.76
C MET H 231 -29.10 -43.02 2.38
N PHE H 232 -28.57 -43.80 3.34
CA PHE H 232 -29.32 -44.92 3.93
C PHE H 232 -29.89 -44.60 5.31
N ARG H 233 -31.20 -44.84 5.49
CA ARG H 233 -31.90 -44.60 6.75
C ARG H 233 -32.40 -45.87 7.39
N LEU H 234 -32.22 -45.99 8.70
CA LEU H 234 -32.61 -47.18 9.43
C LEU H 234 -33.32 -46.85 10.71
N ASP H 235 -34.45 -47.53 10.97
CA ASP H 235 -35.24 -47.33 12.18
C ASP H 235 -34.53 -47.93 13.41
N ASN H 236 -35.11 -47.73 14.62
CA ASN H 236 -34.58 -48.20 15.91
C ASN H 236 -34.32 -49.73 16.01
N ARG H 237 -34.53 -50.49 14.90
CA ARG H 237 -34.31 -51.94 14.79
C ARG H 237 -33.37 -52.23 13.63
N TYR H 238 -32.79 -51.18 13.01
CA TYR H 238 -31.87 -51.19 11.88
C TYR H 238 -32.48 -51.75 10.59
N GLN H 239 -33.79 -51.53 10.43
CA GLN H 239 -34.53 -51.94 9.25
C GLN H 239 -34.82 -50.70 8.39
N PRO H 240 -34.96 -50.83 7.06
CA PRO H 240 -35.21 -49.64 6.22
C PRO H 240 -36.39 -48.79 6.65
N MET H 241 -36.21 -47.47 6.66
CA MET H 241 -37.22 -46.50 7.07
C MET H 241 -38.12 -46.11 5.91
N GLU H 242 -39.39 -46.52 5.96
CA GLU H 242 -40.36 -46.17 4.93
C GLU H 242 -41.09 -44.88 5.36
N PRO H 243 -41.35 -43.93 4.44
CA PRO H 243 -40.96 -43.91 3.02
C PRO H 243 -39.54 -43.38 2.85
N ASN H 244 -38.96 -43.55 1.64
CA ASN H 244 -37.60 -43.11 1.27
C ASN H 244 -36.48 -43.72 2.18
N PRO H 245 -36.20 -45.05 2.09
CA PRO H 245 -35.13 -45.63 2.91
C PRO H 245 -33.77 -45.35 2.28
N ARG H 246 -33.65 -45.54 0.95
CA ARG H 246 -32.48 -45.28 0.10
C ARG H 246 -32.78 -43.99 -0.66
N VAL H 247 -32.36 -42.83 -0.11
CA VAL H 247 -32.57 -41.51 -0.74
C VAL H 247 -31.37 -41.22 -1.71
N PRO H 248 -31.57 -41.15 -3.06
CA PRO H 248 -30.41 -40.92 -3.96
C PRO H 248 -29.62 -39.65 -3.63
N LEU H 249 -28.27 -39.77 -3.59
CA LEU H 249 -27.33 -38.69 -3.24
C LEU H 249 -27.60 -37.36 -3.94
N SER H 250 -28.09 -37.39 -5.21
CA SER H 250 -28.43 -36.18 -5.98
C SER H 250 -29.58 -35.37 -5.40
N ARG H 251 -30.32 -35.96 -4.44
CA ARG H 251 -31.45 -35.34 -3.75
C ARG H 251 -31.15 -35.02 -2.28
N VAL H 252 -29.92 -35.32 -1.77
CA VAL H 252 -29.54 -35.03 -0.37
C VAL H 252 -28.50 -33.93 -0.20
N PHE H 253 -27.87 -33.52 -1.30
CA PHE H 253 -26.86 -32.46 -1.29
C PHE H 253 -27.51 -31.15 -0.83
N PHE H 254 -27.11 -30.68 0.34
CA PHE H 254 -27.58 -29.46 1.00
C PHE H 254 -28.98 -29.58 1.61
N ALA H 255 -29.48 -30.82 1.72
CA ALA H 255 -30.80 -31.10 2.26
C ALA H 255 -30.85 -31.02 3.78
N SER H 256 -30.57 -29.83 4.34
CA SER H 256 -30.61 -29.63 5.78
C SER H 256 -32.02 -29.88 6.35
N TRP H 257 -33.04 -29.75 5.46
CA TRP H 257 -34.46 -29.95 5.79
C TRP H 257 -34.78 -31.39 6.17
N ARG H 258 -34.08 -32.36 5.55
CA ARG H 258 -34.23 -33.79 5.82
C ARG H 258 -33.81 -34.10 7.24
N VAL H 259 -32.84 -33.34 7.78
CA VAL H 259 -32.35 -33.56 9.14
C VAL H 259 -33.45 -33.18 10.12
N VAL H 260 -34.03 -31.98 9.93
CA VAL H 260 -35.06 -31.36 10.76
C VAL H 260 -36.40 -32.06 10.66
N LEU H 261 -36.87 -32.27 9.42
CA LEU H 261 -38.20 -32.83 9.17
C LEU H 261 -38.31 -34.35 9.01
N GLU H 262 -37.27 -35.02 8.48
CA GLU H 262 -37.33 -36.48 8.30
C GLU H 262 -36.65 -37.38 9.38
N GLY H 263 -36.70 -36.95 10.65
CA GLY H 263 -36.26 -37.78 11.78
C GLY H 263 -35.00 -37.54 12.61
N GLY H 264 -34.30 -36.44 12.37
CA GLY H 264 -33.07 -36.13 13.10
C GLY H 264 -31.85 -36.90 12.64
N ILE H 265 -30.82 -36.97 13.51
CA ILE H 265 -29.51 -37.60 13.21
C ILE H 265 -29.44 -39.12 13.36
N ASP H 266 -30.25 -39.68 14.28
CA ASP H 266 -30.33 -41.12 14.60
C ASP H 266 -30.56 -42.09 13.39
N PRO H 267 -31.58 -41.91 12.50
CA PRO H 267 -31.70 -42.82 11.34
C PRO H 267 -30.53 -42.70 10.34
N ILE H 268 -29.89 -41.53 10.29
CA ILE H 268 -28.75 -41.24 9.39
C ILE H 268 -27.50 -41.97 9.91
N LEU H 269 -27.23 -41.84 11.22
CA LEU H 269 -26.10 -42.51 11.87
C LEU H 269 -26.22 -44.04 11.80
N ARG H 270 -27.47 -44.57 11.96
CA ARG H 270 -27.80 -45.99 11.90
C ARG H 270 -27.48 -46.55 10.52
N GLY H 271 -27.77 -45.75 9.49
CA GLY H 271 -27.48 -46.05 8.10
C GLY H 271 -25.98 -46.14 7.88
N LEU H 272 -25.22 -45.10 8.32
CA LEU H 272 -23.74 -45.07 8.21
C LEU H 272 -23.09 -46.30 8.87
N MET H 273 -23.60 -46.68 10.05
CA MET H 273 -23.10 -47.82 10.82
C MET H 273 -23.34 -49.16 10.18
N ALA H 274 -24.61 -49.48 9.86
CA ALA H 274 -24.98 -50.80 9.32
C ALA H 274 -24.98 -50.97 7.81
N THR H 275 -24.57 -49.93 7.07
CA THR H 275 -24.49 -50.01 5.60
C THR H 275 -23.00 -50.10 5.17
N PRO H 276 -22.62 -50.97 4.22
CA PRO H 276 -21.23 -51.01 3.79
C PRO H 276 -20.90 -49.84 2.87
N ALA H 277 -19.62 -49.44 2.84
CA ALA H 277 -19.13 -48.41 1.94
C ALA H 277 -18.98 -49.01 0.56
N LYS H 278 -18.84 -48.14 -0.44
CA LYS H 278 -18.59 -48.59 -1.79
C LYS H 278 -17.11 -48.96 -1.78
N LEU H 279 -16.77 -50.05 -2.46
CA LEU H 279 -15.41 -50.49 -2.59
C LEU H 279 -14.88 -49.87 -3.88
N ASN H 280 -13.60 -49.47 -3.87
CA ASN H 280 -12.95 -48.97 -5.05
C ASN H 280 -12.46 -50.20 -5.80
N ARG H 281 -12.81 -50.26 -7.08
CA ARG H 281 -12.41 -51.33 -7.97
C ARG H 281 -12.07 -50.65 -9.29
N GLN H 282 -11.09 -51.21 -10.01
CA GLN H 282 -10.59 -50.62 -11.24
C GLN H 282 -11.60 -50.27 -12.30
N ASN H 283 -12.67 -51.07 -12.40
CA ASN H 283 -13.76 -50.83 -13.37
C ASN H 283 -14.95 -50.16 -12.68
N GLN H 284 -14.88 -49.97 -11.34
CA GLN H 284 -15.90 -49.38 -10.47
C GLN H 284 -15.37 -48.23 -9.61
N ILE H 285 -14.75 -47.23 -10.25
CA ILE H 285 -14.13 -46.10 -9.55
C ILE H 285 -15.08 -45.20 -8.72
N ALA H 286 -16.03 -44.50 -9.37
CA ALA H 286 -16.93 -43.59 -8.65
C ALA H 286 -18.33 -43.54 -9.29
N VAL H 287 -19.35 -43.50 -8.43
CA VAL H 287 -20.77 -43.52 -8.82
C VAL H 287 -21.24 -42.31 -9.64
N ASP H 288 -22.23 -42.53 -10.53
CA ASP H 288 -22.80 -41.48 -11.38
C ASP H 288 -23.54 -40.39 -10.62
N GLU H 289 -23.90 -40.63 -9.33
CA GLU H 289 -24.51 -39.58 -8.49
C GLU H 289 -23.52 -38.41 -8.22
N ILE H 290 -22.19 -38.66 -8.23
CA ILE H 290 -21.16 -37.62 -8.00
C ILE H 290 -20.49 -37.22 -9.31
N ARG H 291 -20.38 -38.17 -10.25
CA ARG H 291 -19.83 -38.05 -11.57
C ARG H 291 -20.80 -37.41 -12.60
N GLU H 292 -22.10 -37.32 -12.27
CA GLU H 292 -23.10 -36.77 -13.23
C GLU H 292 -24.09 -35.80 -12.62
N ARG H 293 -24.42 -36.01 -11.34
CA ARG H 293 -25.47 -35.29 -10.64
C ARG H 293 -25.04 -34.58 -9.37
N LEU H 294 -23.74 -34.20 -9.30
CA LEU H 294 -23.24 -33.50 -8.12
C LEU H 294 -23.84 -32.10 -8.08
N PHE H 295 -24.55 -31.83 -6.99
CA PHE H 295 -25.21 -30.57 -6.66
C PHE H 295 -26.31 -30.10 -7.65
N GLU H 296 -27.10 -31.05 -8.21
CA GLU H 296 -28.24 -30.88 -9.13
C GLU H 296 -29.28 -29.83 -8.67
N GLN H 297 -29.79 -30.00 -7.45
CA GLN H 297 -30.82 -29.16 -6.84
C GLN H 297 -30.37 -27.72 -6.49
N VAL H 298 -29.05 -27.42 -6.66
CA VAL H 298 -28.47 -26.09 -6.39
C VAL H 298 -27.66 -25.49 -7.57
N MET H 299 -27.26 -26.31 -8.57
CA MET H 299 -26.45 -25.91 -9.73
C MET H 299 -27.26 -25.85 -11.00
N ARG H 300 -26.84 -24.98 -11.94
CA ARG H 300 -27.46 -24.81 -13.25
C ARG H 300 -27.24 -26.03 -14.17
N ILE H 301 -26.33 -26.94 -13.76
CA ILE H 301 -25.95 -28.18 -14.42
C ILE H 301 -25.32 -29.09 -13.36
N GLY H 302 -25.53 -30.40 -13.47
CA GLY H 302 -24.96 -31.35 -12.53
C GLY H 302 -23.45 -31.39 -12.72
N LEU H 303 -22.70 -31.31 -11.61
CA LEU H 303 -21.24 -31.31 -11.65
C LEU H 303 -20.68 -32.72 -11.68
N ASP H 304 -19.44 -32.88 -12.15
CA ASP H 304 -18.78 -34.17 -12.20
C ASP H 304 -17.61 -34.16 -11.20
N LEU H 305 -17.81 -34.72 -9.98
CA LEU H 305 -16.78 -34.77 -8.93
C LEU H 305 -15.39 -35.28 -9.39
N PRO H 306 -15.23 -36.50 -9.97
CA PRO H 306 -13.92 -36.92 -10.49
C PRO H 306 -13.27 -35.91 -11.43
N ALA H 307 -14.04 -35.39 -12.38
CA ALA H 307 -13.56 -34.42 -13.37
C ALA H 307 -13.11 -33.15 -12.68
N LEU H 308 -13.83 -32.70 -11.62
CA LEU H 308 -13.46 -31.54 -10.82
C LEU H 308 -12.12 -31.79 -10.11
N ASN H 309 -11.92 -33.02 -9.56
CA ASN H 309 -10.72 -33.45 -8.87
C ASN H 309 -9.50 -33.32 -9.77
N MET H 310 -9.65 -33.73 -11.04
CA MET H 310 -8.57 -33.68 -12.01
C MET H 310 -8.30 -32.28 -12.49
N GLN H 311 -9.36 -31.50 -12.73
CA GLN H 311 -9.28 -30.14 -13.21
C GLN H 311 -8.75 -29.21 -12.09
N ARG H 312 -8.87 -29.62 -10.81
CA ARG H 312 -8.41 -28.88 -9.64
C ARG H 312 -6.90 -29.11 -9.45
N SER H 313 -6.41 -30.35 -9.71
CA SER H 313 -4.98 -30.67 -9.63
C SER H 313 -4.24 -29.81 -10.68
N ARG H 314 -4.90 -29.53 -11.84
CA ARG H 314 -4.37 -28.74 -12.95
C ARG H 314 -4.34 -27.28 -12.55
N ASP H 315 -5.44 -26.83 -11.93
CA ASP H 315 -5.61 -25.50 -11.35
C ASP H 315 -4.47 -25.26 -10.33
N HIS H 316 -4.12 -26.30 -9.54
CA HIS H 316 -3.10 -26.28 -8.51
C HIS H 316 -1.69 -26.53 -9.01
N GLY H 317 -1.57 -26.77 -10.31
CA GLY H 317 -0.28 -27.00 -10.96
C GLY H 317 0.45 -28.23 -10.48
N LEU H 318 -0.30 -29.21 -10.00
CA LEU H 318 0.25 -30.43 -9.45
C LEU H 318 0.88 -31.29 -10.50
N PRO H 319 2.14 -31.73 -10.26
CA PRO H 319 2.79 -32.66 -11.18
C PRO H 319 1.93 -33.92 -11.41
N GLY H 320 2.13 -34.58 -12.54
CA GLY H 320 1.42 -35.81 -12.84
C GLY H 320 1.95 -37.02 -12.08
N TYR H 321 1.23 -38.15 -12.23
CA TYR H 321 1.44 -39.46 -11.59
C TYR H 321 2.89 -39.88 -11.40
N ASN H 322 3.72 -39.83 -12.48
CA ASN H 322 5.12 -40.25 -12.38
C ASN H 322 5.99 -39.46 -11.47
N ALA H 323 5.82 -38.12 -11.44
CA ALA H 323 6.55 -37.24 -10.54
C ALA H 323 6.21 -37.56 -9.09
N TRP H 324 4.92 -37.87 -8.78
CA TRP H 324 4.52 -38.23 -7.42
C TRP H 324 5.02 -39.57 -6.98
N ARG H 325 5.13 -40.53 -7.93
CA ARG H 325 5.68 -41.87 -7.72
C ARG H 325 7.14 -41.74 -7.30
N ARG H 326 7.90 -40.86 -7.98
CA ARG H 326 9.30 -40.55 -7.70
C ARG H 326 9.42 -40.00 -6.30
N PHE H 327 8.67 -38.94 -5.98
CA PHE H 327 8.63 -38.31 -4.66
C PHE H 327 8.51 -39.33 -3.53
N CYS H 328 7.69 -40.37 -3.73
CA CYS H 328 7.40 -41.44 -2.77
C CYS H 328 8.45 -42.52 -2.71
N GLY H 329 9.32 -42.57 -3.71
CA GLY H 329 10.34 -43.59 -3.85
C GLY H 329 9.77 -44.82 -4.54
N LEU H 330 8.72 -44.63 -5.34
CA LEU H 330 8.06 -45.71 -6.09
C LEU H 330 8.50 -45.76 -7.57
N PRO H 331 8.67 -46.96 -8.18
CA PRO H 331 9.04 -47.03 -9.61
C PRO H 331 8.07 -46.29 -10.54
N GLN H 332 8.57 -45.73 -11.64
CA GLN H 332 7.76 -44.94 -12.58
C GLN H 332 7.60 -45.57 -13.96
N PRO H 333 6.39 -46.07 -14.31
CA PRO H 333 6.22 -46.71 -15.63
C PRO H 333 6.34 -45.78 -16.84
N GLU H 334 7.07 -46.23 -17.88
CA GLU H 334 7.22 -45.45 -19.12
C GLU H 334 6.30 -45.97 -20.22
N THR H 335 6.28 -47.31 -20.43
CA THR H 335 5.41 -47.94 -21.43
C THR H 335 4.09 -48.31 -20.79
N VAL H 336 3.09 -48.59 -21.64
CA VAL H 336 1.76 -49.07 -21.23
C VAL H 336 1.90 -50.42 -20.50
N GLY H 337 2.79 -51.29 -21.02
CA GLY H 337 3.08 -52.60 -20.46
C GLY H 337 3.66 -52.54 -19.05
N GLN H 338 4.39 -51.44 -18.75
CA GLN H 338 4.98 -51.17 -17.44
C GLN H 338 3.89 -50.68 -16.49
N LEU H 339 2.99 -49.81 -16.99
CA LEU H 339 1.85 -49.27 -16.22
C LEU H 339 0.88 -50.39 -15.90
N GLY H 340 0.78 -51.36 -16.83
CA GLY H 340 -0.02 -52.56 -16.68
C GLY H 340 0.42 -53.40 -15.52
N THR H 341 1.76 -53.52 -15.31
CA THR H 341 2.40 -54.26 -14.21
C THR H 341 2.09 -53.57 -12.87
N VAL H 342 2.22 -52.22 -12.82
CA VAL H 342 1.93 -51.38 -11.66
C VAL H 342 0.45 -51.54 -11.29
N LEU H 343 -0.44 -51.42 -12.29
CA LEU H 343 -1.88 -51.50 -12.05
C LEU H 343 -2.47 -52.92 -12.00
N ARG H 344 -1.67 -53.97 -12.36
CA ARG H 344 -2.11 -55.38 -12.46
C ARG H 344 -3.33 -55.44 -13.42
N ASN H 345 -3.32 -54.56 -14.43
CA ASN H 345 -4.43 -54.36 -15.35
C ASN H 345 -3.95 -53.66 -16.61
N LEU H 346 -3.71 -54.45 -17.66
CA LEU H 346 -3.27 -53.91 -18.94
C LEU H 346 -4.44 -53.19 -19.64
N LYS H 347 -5.70 -53.54 -19.28
CA LYS H 347 -6.89 -52.91 -19.85
C LYS H 347 -6.99 -51.46 -19.38
N LEU H 348 -6.82 -51.24 -18.05
CA LEU H 348 -6.81 -49.90 -17.43
C LEU H 348 -5.61 -49.09 -17.93
N ALA H 349 -4.42 -49.73 -17.99
CA ALA H 349 -3.19 -49.09 -18.44
C ALA H 349 -3.34 -48.57 -19.86
N ARG H 350 -3.96 -49.37 -20.78
CA ARG H 350 -4.19 -48.99 -22.16
C ARG H 350 -5.22 -47.87 -22.25
N LYS H 351 -6.20 -47.88 -21.32
CA LYS H 351 -7.25 -46.86 -21.26
C LYS H 351 -6.65 -45.50 -20.87
N LEU H 352 -5.79 -45.50 -19.84
CA LEU H 352 -5.10 -44.32 -19.29
C LEU H 352 -4.09 -43.75 -20.28
N MET H 353 -3.42 -44.61 -21.04
CA MET H 353 -2.45 -44.19 -22.03
C MET H 353 -3.16 -43.54 -23.21
N GLU H 354 -4.39 -43.99 -23.51
CA GLU H 354 -5.21 -43.47 -24.61
C GLU H 354 -5.64 -42.05 -24.30
N GLN H 355 -5.86 -41.77 -23.02
CA GLN H 355 -6.23 -40.46 -22.54
C GLN H 355 -5.00 -39.55 -22.38
N TYR H 356 -4.02 -40.02 -21.59
CA TYR H 356 -2.85 -39.25 -21.20
C TYR H 356 -1.59 -39.31 -22.09
N GLY H 357 -1.41 -40.38 -22.85
CA GLY H 357 -0.26 -40.50 -23.74
C GLY H 357 1.01 -41.01 -23.08
N THR H 358 1.24 -40.59 -21.82
CA THR H 358 2.39 -40.95 -20.97
C THR H 358 1.92 -41.04 -19.51
N PRO H 359 2.44 -42.00 -18.69
CA PRO H 359 2.05 -42.04 -17.26
C PRO H 359 2.52 -40.79 -16.47
N ASN H 360 3.45 -40.01 -17.06
CA ASN H 360 3.96 -38.75 -16.54
C ASN H 360 2.87 -37.72 -16.37
N ASN H 361 1.86 -37.76 -17.27
CA ASN H 361 0.77 -36.81 -17.33
C ASN H 361 -0.52 -37.26 -16.68
N ILE H 362 -0.58 -38.51 -16.17
CA ILE H 362 -1.81 -38.97 -15.50
C ILE H 362 -2.04 -38.07 -14.27
N ASP H 363 -3.24 -37.44 -14.18
CA ASP H 363 -3.62 -36.58 -13.05
C ASP H 363 -3.47 -37.37 -11.78
N ILE H 364 -2.90 -36.75 -10.73
CA ILE H 364 -2.62 -37.40 -9.44
C ILE H 364 -3.75 -38.28 -8.89
N TRP H 365 -4.97 -37.72 -8.74
CA TRP H 365 -6.14 -38.45 -8.25
C TRP H 365 -6.49 -39.67 -9.12
N MET H 366 -6.50 -39.50 -10.46
CA MET H 366 -6.83 -40.57 -11.40
C MET H 366 -5.91 -41.74 -11.21
N GLY H 367 -4.62 -41.47 -11.33
CA GLY H 367 -3.57 -42.47 -11.16
C GLY H 367 -3.54 -43.09 -9.79
N GLY H 368 -3.82 -42.27 -8.78
CA GLY H 368 -3.86 -42.67 -7.38
C GLY H 368 -4.96 -43.67 -7.08
N VAL H 369 -6.18 -43.36 -7.51
CA VAL H 369 -7.35 -44.24 -7.32
C VAL H 369 -7.31 -45.47 -8.25
N SER H 370 -6.46 -45.44 -9.27
CA SER H 370 -6.35 -46.54 -10.23
C SER H 370 -5.47 -47.69 -9.75
N GLU H 371 -4.63 -47.42 -8.74
CA GLU H 371 -3.72 -48.41 -8.20
C GLU H 371 -4.44 -49.44 -7.39
N PRO H 372 -3.93 -50.70 -7.38
CA PRO H 372 -4.54 -51.74 -6.55
C PRO H 372 -4.39 -51.40 -5.07
N LEU H 373 -5.39 -51.73 -4.28
CA LEU H 373 -5.42 -51.47 -2.84
C LEU H 373 -4.31 -52.25 -2.09
N LYS H 374 -3.85 -51.71 -0.95
CA LYS H 374 -2.85 -52.35 -0.09
C LYS H 374 -3.63 -53.27 0.83
N ARG H 375 -3.01 -54.36 1.28
CA ARG H 375 -3.63 -55.31 2.21
C ARG H 375 -4.19 -54.57 3.40
N LYS H 376 -5.50 -54.81 3.69
CA LYS H 376 -6.28 -54.23 4.79
C LYS H 376 -6.32 -52.70 4.77
N GLY H 377 -6.17 -52.14 3.57
CA GLY H 377 -6.18 -50.72 3.28
C GLY H 377 -7.08 -50.39 2.11
N ARG H 378 -7.42 -49.12 1.97
CA ARG H 378 -8.33 -48.67 0.91
C ARG H 378 -7.69 -47.76 -0.12
N VAL H 379 -6.33 -47.79 -0.19
CA VAL H 379 -5.51 -47.01 -1.14
C VAL H 379 -4.36 -47.87 -1.64
N GLY H 380 -3.74 -47.41 -2.72
CA GLY H 380 -2.55 -48.03 -3.29
C GLY H 380 -1.28 -47.38 -2.75
N PRO H 381 -0.09 -47.88 -3.16
CA PRO H 381 1.18 -47.32 -2.66
C PRO H 381 1.34 -45.78 -2.68
N LEU H 382 0.99 -45.14 -3.85
CA LEU H 382 1.06 -43.70 -4.06
C LEU H 382 0.25 -42.90 -3.08
N LEU H 383 -1.04 -43.27 -2.92
CA LEU H 383 -1.91 -42.59 -1.95
C LEU H 383 -1.51 -42.87 -0.51
N ALA H 384 -1.13 -44.12 -0.18
CA ALA H 384 -0.67 -44.51 1.17
C ALA H 384 0.45 -43.56 1.59
N CYS H 385 1.41 -43.36 0.69
CA CYS H 385 2.54 -42.50 0.91
C CYS H 385 2.14 -41.06 1.20
N ILE H 386 1.46 -40.40 0.24
CA ILE H 386 0.99 -39.02 0.41
C ILE H 386 0.16 -38.88 1.68
N ILE H 387 -0.86 -39.76 1.88
CA ILE H 387 -1.74 -39.69 3.06
C ILE H 387 -0.97 -39.88 4.36
N GLY H 388 -0.20 -40.95 4.46
CA GLY H 388 0.65 -41.27 5.61
C GLY H 388 1.66 -40.19 5.94
N THR H 389 2.47 -39.74 4.94
CA THR H 389 3.45 -38.65 5.14
C THR H 389 2.75 -37.43 5.78
N GLN H 390 1.58 -37.07 5.25
CA GLN H 390 0.78 -35.93 5.69
C GLN H 390 0.28 -36.06 7.12
N PHE H 391 -0.21 -37.25 7.51
CA PHE H 391 -0.69 -37.46 8.89
C PHE H 391 0.42 -37.51 9.92
N ARG H 392 1.58 -38.11 9.57
CA ARG H 392 2.70 -38.11 10.51
C ARG H 392 3.15 -36.68 10.82
N LYS H 393 3.03 -35.78 9.83
CA LYS H 393 3.38 -34.37 10.00
C LYS H 393 2.40 -33.68 10.93
N LEU H 394 1.09 -34.04 10.86
CA LEU H 394 0.06 -33.42 11.68
C LEU H 394 0.13 -33.92 13.10
N ARG H 395 0.66 -35.11 13.31
CA ARG H 395 0.82 -35.70 14.63
C ARG H 395 2.12 -35.21 15.32
N ASP H 396 3.27 -35.45 14.70
CA ASP H 396 4.57 -35.06 15.27
C ASP H 396 4.83 -33.53 15.30
N GLY H 397 4.20 -32.77 14.38
CA GLY H 397 4.35 -31.32 14.28
C GLY H 397 3.36 -30.52 15.13
N ASP H 398 2.45 -31.22 15.81
CA ASP H 398 1.42 -30.62 16.64
C ASP H 398 1.85 -30.55 18.11
N ARG H 399 1.99 -29.31 18.61
CA ARG H 399 2.40 -29.07 20.00
C ARG H 399 1.36 -29.63 20.99
N PHE H 400 0.07 -29.55 20.61
CA PHE H 400 -1.08 -29.94 21.42
C PHE H 400 -1.63 -31.33 21.15
N TRP H 401 -0.84 -32.20 20.47
CA TRP H 401 -1.18 -33.59 20.21
C TRP H 401 -1.43 -34.24 21.58
N TRP H 402 -2.56 -34.96 21.72
CA TRP H 402 -2.99 -35.56 22.99
C TRP H 402 -1.94 -36.30 23.82
N GLU H 403 -1.04 -37.10 23.20
CA GLU H 403 0.02 -37.86 23.89
C GLU H 403 1.26 -37.01 24.25
N ASN H 404 1.30 -35.73 23.83
CA ASN H 404 2.45 -34.86 24.12
C ASN H 404 2.44 -34.42 25.59
N GLU H 405 3.56 -34.69 26.32
CA GLU H 405 3.72 -34.36 27.75
C GLU H 405 3.36 -32.91 28.01
N GLY H 406 2.43 -32.68 28.95
CA GLY H 406 1.97 -31.34 29.31
C GLY H 406 0.59 -30.96 28.81
N VAL H 407 0.06 -31.69 27.81
CA VAL H 407 -1.27 -31.44 27.22
C VAL H 407 -2.29 -32.04 28.22
N PHE H 408 -2.25 -33.37 28.38
CA PHE H 408 -3.02 -34.09 29.38
C PHE H 408 -2.03 -34.78 30.35
N SER H 409 -2.51 -35.13 31.57
CA SER H 409 -1.71 -35.86 32.57
C SER H 409 -1.79 -37.33 32.22
N MET H 410 -1.00 -38.18 32.88
CA MET H 410 -1.00 -39.65 32.69
C MET H 410 -2.45 -40.16 32.90
N GLN H 411 -3.13 -39.62 33.94
CA GLN H 411 -4.49 -39.94 34.36
C GLN H 411 -5.47 -39.66 33.23
N GLN H 412 -5.53 -38.41 32.77
CA GLN H 412 -6.35 -37.94 31.66
C GLN H 412 -6.13 -38.77 30.38
N ARG H 413 -4.86 -39.12 30.07
CA ARG H 413 -4.47 -39.97 28.93
C ARG H 413 -5.00 -41.39 29.08
N GLN H 414 -4.88 -41.98 30.28
CA GLN H 414 -5.38 -43.31 30.61
C GLN H 414 -6.92 -43.36 30.42
N ALA H 415 -7.62 -42.26 30.81
CA ALA H 415 -9.07 -42.06 30.68
C ALA H 415 -9.50 -41.90 29.21
N LEU H 416 -8.80 -40.99 28.46
CA LEU H 416 -9.09 -40.69 27.05
C LEU H 416 -8.84 -41.87 26.13
N ALA H 417 -7.89 -42.75 26.45
CA ALA H 417 -7.60 -43.93 25.63
C ALA H 417 -8.83 -44.86 25.54
N GLN H 418 -9.78 -44.71 26.49
CA GLN H 418 -10.97 -45.55 26.55
C GLN H 418 -12.08 -45.14 25.61
N ILE H 419 -11.99 -43.94 25.01
CA ILE H 419 -12.98 -43.41 24.08
C ILE H 419 -13.04 -44.20 22.77
N SER H 420 -14.18 -44.10 22.06
CA SER H 420 -14.48 -44.73 20.78
C SER H 420 -15.64 -43.94 20.14
N LEU H 421 -15.74 -43.96 18.79
CA LEU H 421 -16.82 -43.25 18.11
C LEU H 421 -18.19 -43.85 18.50
N PRO H 422 -18.35 -45.22 18.61
CA PRO H 422 -19.65 -45.78 19.06
C PRO H 422 -20.14 -45.24 20.41
N ARG H 423 -19.24 -45.03 21.37
CA ARG H 423 -19.57 -44.51 22.70
C ARG H 423 -20.03 -43.06 22.66
N ILE H 424 -19.54 -42.26 21.71
CA ILE H 424 -19.94 -40.86 21.53
C ILE H 424 -21.40 -40.83 21.02
N ILE H 425 -21.75 -41.82 20.17
CA ILE H 425 -23.11 -42.03 19.64
C ILE H 425 -24.06 -42.38 20.82
N CYS H 426 -23.58 -43.19 21.79
CA CYS H 426 -24.32 -43.59 22.99
C CYS H 426 -24.68 -42.42 23.87
N ASP H 427 -23.70 -41.54 24.13
CA ASP H 427 -23.85 -40.40 25.04
C ASP H 427 -24.58 -39.20 24.44
N ASN H 428 -24.90 -39.25 23.14
CA ASN H 428 -25.51 -38.10 22.47
C ASN H 428 -26.70 -38.40 21.55
N THR H 429 -27.10 -39.67 21.45
CA THR H 429 -28.26 -40.02 20.64
C THR H 429 -29.18 -40.89 21.49
N GLY H 430 -30.25 -41.38 20.86
CA GLY H 430 -31.20 -42.30 21.46
C GLY H 430 -30.86 -43.74 21.08
N ILE H 431 -29.79 -43.93 20.28
CA ILE H 431 -29.31 -45.24 19.79
C ILE H 431 -28.70 -46.03 20.96
N THR H 432 -29.20 -47.26 21.14
CA THR H 432 -28.82 -48.16 22.23
C THR H 432 -27.96 -49.31 21.74
N THR H 433 -27.99 -49.56 20.44
CA THR H 433 -27.20 -50.62 19.82
C THR H 433 -26.31 -50.01 18.75
N VAL H 434 -24.99 -50.05 19.00
CA VAL H 434 -24.00 -49.46 18.10
C VAL H 434 -23.03 -50.51 17.59
N SER H 435 -22.20 -50.11 16.61
CA SER H 435 -21.18 -50.94 15.95
C SER H 435 -20.15 -51.41 16.95
N LYS H 436 -19.63 -52.64 16.76
CA LYS H 436 -18.54 -53.18 17.55
C LYS H 436 -17.26 -52.46 17.10
N ASN H 437 -16.26 -52.32 18.01
CA ASN H 437 -14.98 -51.75 17.58
C ASN H 437 -14.33 -52.79 16.66
N ASN H 438 -13.85 -52.40 15.46
CA ASN H 438 -13.68 -51.03 14.91
C ASN H 438 -14.91 -50.61 14.09
N ILE H 439 -15.56 -49.50 14.48
CA ILE H 439 -16.74 -48.88 13.83
C ILE H 439 -16.58 -48.68 12.29
N PHE H 440 -15.33 -48.53 11.82
CA PHE H 440 -15.06 -48.35 10.39
C PHE H 440 -15.07 -49.66 9.64
N MET H 441 -14.89 -50.78 10.35
CA MET H 441 -14.92 -52.14 9.81
C MET H 441 -16.34 -52.73 9.98
N SER H 442 -16.90 -52.64 11.19
CA SER H 442 -18.25 -53.10 11.57
C SER H 442 -19.36 -52.51 10.64
N ASN H 443 -20.05 -53.36 9.85
CA ASN H 443 -21.08 -52.92 8.91
C ASN H 443 -22.29 -53.89 8.75
N SER H 444 -22.55 -54.74 9.74
CA SER H 444 -23.64 -55.71 9.57
C SER H 444 -24.47 -55.88 10.82
N TYR H 445 -25.76 -55.55 10.72
CA TYR H 445 -26.67 -55.71 11.85
C TYR H 445 -27.36 -57.10 11.82
N PRO H 446 -27.37 -57.87 12.94
CA PRO H 446 -26.82 -57.56 14.27
C PRO H 446 -25.42 -58.15 14.56
N ARG H 447 -24.80 -58.81 13.54
CA ARG H 447 -23.48 -59.48 13.65
C ARG H 447 -22.38 -58.60 14.32
N ASP H 448 -22.14 -57.41 13.74
CA ASP H 448 -21.15 -56.42 14.15
C ASP H 448 -21.71 -55.42 15.16
N PHE H 449 -22.89 -55.74 15.71
CA PHE H 449 -23.55 -54.84 16.65
C PHE H 449 -23.60 -55.30 18.11
N VAL H 450 -23.37 -54.33 19.01
CA VAL H 450 -23.39 -54.51 20.47
C VAL H 450 -24.23 -53.44 21.14
N ASN H 451 -24.63 -53.69 22.40
CA ASN H 451 -25.41 -52.77 23.22
C ASN H 451 -24.49 -51.78 23.91
N CYS H 452 -24.97 -50.55 24.11
CA CYS H 452 -24.26 -49.44 24.75
C CYS H 452 -23.75 -49.65 26.18
N SER H 453 -24.35 -50.61 26.93
CA SER H 453 -23.95 -50.92 28.30
C SER H 453 -22.58 -51.62 28.38
N THR H 454 -22.17 -52.29 27.26
CA THR H 454 -20.89 -53.00 27.17
C THR H 454 -19.72 -52.01 27.06
N LEU H 455 -19.94 -50.90 26.34
CA LEU H 455 -18.93 -49.88 26.11
C LEU H 455 -18.65 -49.05 27.36
N PRO H 456 -17.37 -48.92 27.76
CA PRO H 456 -17.06 -48.08 28.92
C PRO H 456 -17.13 -46.58 28.56
N ALA H 457 -17.72 -45.79 29.46
CA ALA H 457 -17.85 -44.35 29.28
C ALA H 457 -16.54 -43.65 29.67
N LEU H 458 -16.40 -42.36 29.31
CA LEU H 458 -15.23 -41.56 29.62
C LEU H 458 -15.29 -41.04 31.07
N ASN H 459 -14.34 -41.48 31.92
CA ASN H 459 -14.26 -41.04 33.30
C ASN H 459 -13.56 -39.68 33.38
N LEU H 460 -14.22 -38.69 34.01
CA LEU H 460 -13.69 -37.33 34.14
C LEU H 460 -13.12 -36.96 35.52
N ALA H 461 -12.88 -37.97 36.39
CA ALA H 461 -12.32 -37.83 37.74
C ALA H 461 -10.96 -37.09 37.74
N SER H 462 -10.13 -37.37 36.72
CA SER H 462 -8.81 -36.76 36.52
C SER H 462 -8.89 -35.29 36.15
N TRP H 463 -10.09 -34.82 35.77
CA TRP H 463 -10.32 -33.43 35.41
C TRP H 463 -10.70 -32.56 36.61
N ARG H 464 -11.08 -33.16 37.76
CA ARG H 464 -11.45 -32.45 39.01
C ARG H 464 -10.26 -31.65 39.58
N GLU H 465 -10.44 -30.33 39.76
CA GLU H 465 -9.39 -29.44 40.28
C GLU H 465 -9.24 -29.52 41.82
#